data_6WLH
#
_entry.id   6WLH
#
loop_
_entity.id
_entity.type
_entity.pdbx_description
1 polymer 'Wilms tumor protein'
2 polymer 'RNA (29-MER)'
3 non-polymer 'ZINC ION'
#
loop_
_entity_poly.entity_id
_entity_poly.type
_entity_poly.pdbx_seq_one_letter_code
_entity_poly.pdbx_strand_id
1 'polypeptide(L)'
;SEKRPFMCAYPGCNKRYFKLSHLQMHSRKHTGEKPYQCDFKDCERRFSRSDQLKRHQRRHTGVKPFQCKTCQRKFSRSDH
LKTHTRTHTGEKPFSCRWPSCQKKFARSDELVRHHNMH
;
A
2 'polyribonucleotide' GGGCCACCAACGACAUUGAUAUGGUGCCC B
#
# COMPACT_ATOMS: atom_id res chain seq x y z
N SER A 1 -19.54 -18.08 13.93
CA SER A 1 -20.54 -19.06 13.47
C SER A 1 -20.01 -19.87 12.26
N GLU A 2 -18.73 -19.64 11.90
CA GLU A 2 -18.08 -20.35 10.77
C GLU A 2 -18.81 -20.07 9.42
N LYS A 3 -19.53 -18.94 9.36
CA LYS A 3 -20.23 -18.52 8.13
C LYS A 3 -19.39 -17.51 7.33
N ARG A 4 -19.38 -17.67 6.00
CA ARG A 4 -18.61 -16.76 5.11
C ARG A 4 -19.36 -16.55 3.78
N PRO A 5 -19.12 -15.40 3.09
CA PRO A 5 -19.79 -15.07 1.83
C PRO A 5 -19.39 -16.02 0.67
N PHE A 6 -18.15 -15.89 0.20
CA PHE A 6 -17.61 -16.75 -0.88
C PHE A 6 -16.13 -17.06 -0.63
N MET A 7 -15.70 -18.28 -0.98
CA MET A 7 -14.31 -18.70 -0.76
C MET A 7 -13.69 -19.30 -2.03
N CYS A 8 -12.36 -19.36 -2.08
CA CYS A 8 -11.64 -19.93 -3.21
C CYS A 8 -11.65 -21.48 -3.17
N ALA A 9 -11.73 -22.10 -4.35
CA ALA A 9 -11.86 -23.55 -4.45
C ALA A 9 -10.48 -24.26 -4.50
N TYR A 10 -9.42 -23.49 -4.79
CA TYR A 10 -8.07 -24.05 -4.92
C TYR A 10 -7.51 -24.46 -3.53
N PRO A 11 -7.01 -25.71 -3.39
CA PRO A 11 -6.51 -26.23 -2.11
C PRO A 11 -5.23 -25.51 -1.65
N GLY A 12 -5.23 -25.07 -0.39
CA GLY A 12 -4.08 -24.34 0.18
C GLY A 12 -4.28 -22.81 0.13
N CYS A 13 -4.97 -22.34 -0.93
CA CYS A 13 -5.33 -20.93 -1.05
C CYS A 13 -6.59 -20.62 -0.21
N ASN A 14 -7.77 -21.01 -0.75
CA ASN A 14 -9.05 -20.98 0.00
C ASN A 14 -9.28 -19.61 0.72
N LYS A 15 -8.78 -18.50 0.11
CA LYS A 15 -9.08 -17.14 0.61
C LYS A 15 -10.59 -16.83 0.50
N ARG A 16 -11.09 -15.91 1.34
CA ARG A 16 -12.51 -15.52 1.32
C ARG A 16 -12.68 -14.13 0.69
N TYR A 17 -13.77 -13.97 -0.07
CA TYR A 17 -14.08 -12.69 -0.74
C TYR A 17 -15.53 -12.30 -0.49
N PHE A 18 -15.76 -11.01 -0.26
CA PHE A 18 -17.09 -10.48 0.09
C PHE A 18 -17.95 -10.17 -1.18
N LYS A 19 -17.43 -10.53 -2.36
CA LYS A 19 -18.14 -10.30 -3.64
C LYS A 19 -17.73 -11.35 -4.67
N LEU A 20 -18.72 -11.90 -5.38
CA LEU A 20 -18.49 -12.93 -6.41
C LEU A 20 -17.68 -12.34 -7.59
N SER A 21 -17.81 -11.03 -7.82
CA SER A 21 -17.06 -10.34 -8.89
C SER A 21 -15.54 -10.39 -8.62
N HIS A 22 -15.16 -10.36 -7.34
CA HIS A 22 -13.74 -10.45 -6.94
C HIS A 22 -13.27 -11.90 -6.88
N LEU A 23 -14.19 -12.81 -6.53
CA LEU A 23 -13.88 -14.24 -6.45
C LEU A 23 -13.53 -14.82 -7.84
N GLN A 24 -14.29 -14.42 -8.85
CA GLN A 24 -14.03 -14.84 -10.24
C GLN A 24 -12.73 -14.21 -10.77
N MET A 25 -12.46 -12.96 -10.37
CA MET A 25 -11.24 -12.24 -10.79
C MET A 25 -10.00 -12.84 -10.11
N HIS A 26 -10.16 -13.25 -8.85
CA HIS A 26 -9.09 -13.95 -8.12
C HIS A 26 -8.77 -15.30 -8.80
N SER A 27 -9.81 -16.01 -9.23
CA SER A 27 -9.65 -17.36 -9.84
C SER A 27 -8.73 -17.30 -11.08
N ARG A 28 -8.68 -16.14 -11.77
CA ARG A 28 -7.82 -15.97 -12.96
C ARG A 28 -6.33 -16.16 -12.60
N LYS A 29 -5.96 -15.82 -11.35
CA LYS A 29 -4.56 -15.95 -10.88
C LYS A 29 -4.11 -17.44 -10.87
N HIS A 30 -5.08 -18.35 -10.71
CA HIS A 30 -4.78 -19.79 -10.68
C HIS A 30 -4.72 -20.38 -12.11
N THR A 31 -5.67 -19.98 -12.96
CA THR A 31 -5.71 -20.45 -14.37
C THR A 31 -4.50 -19.94 -15.16
N GLY A 32 -4.01 -18.74 -14.79
CA GLY A 32 -2.79 -18.19 -15.40
C GLY A 32 -3.07 -16.97 -16.29
N GLU A 33 -4.10 -16.20 -15.94
CA GLU A 33 -4.50 -15.00 -16.71
C GLU A 33 -4.50 -13.76 -15.81
N LYS A 34 -4.00 -12.63 -16.36
CA LYS A 34 -3.92 -11.37 -15.59
C LYS A 34 -5.34 -10.85 -15.27
N PRO A 35 -5.56 -10.39 -14.01
CA PRO A 35 -6.82 -9.76 -13.62
C PRO A 35 -6.86 -8.26 -13.99
N TYR A 36 -5.83 -7.51 -13.55
CA TYR A 36 -5.71 -6.08 -13.88
C TYR A 36 -4.42 -5.81 -14.67
N GLN A 37 -4.46 -4.85 -15.59
CA GLN A 37 -3.28 -4.47 -16.39
C GLN A 37 -3.41 -3.03 -16.91
N CYS A 38 -2.27 -2.35 -17.04
CA CYS A 38 -2.24 -0.95 -17.48
C CYS A 38 -2.69 -0.83 -18.96
N ASP A 39 -3.77 -0.07 -19.19
CA ASP A 39 -4.36 0.08 -20.53
C ASP A 39 -3.61 1.18 -21.36
N PHE A 40 -2.57 1.79 -20.75
CA PHE A 40 -1.82 2.87 -21.41
C PHE A 40 -1.23 2.40 -22.77
N LYS A 41 -1.03 3.37 -23.69
CA LYS A 41 -0.63 3.06 -25.09
C LYS A 41 0.66 2.21 -25.14
N ASP A 42 1.60 2.48 -24.24
CA ASP A 42 2.92 1.82 -24.26
C ASP A 42 3.24 1.16 -22.89
N CYS A 43 2.25 0.44 -22.33
CA CYS A 43 2.42 -0.25 -21.05
C CYS A 43 1.69 -1.62 -21.07
N GLU A 44 2.30 -2.63 -20.42
CA GLU A 44 1.74 -4.00 -20.40
C GLU A 44 1.80 -4.61 -18.98
N ARG A 45 2.25 -3.81 -18.00
CA ARG A 45 2.40 -4.29 -16.60
C ARG A 45 1.03 -4.71 -16.01
N ARG A 46 1.07 -5.65 -15.05
CA ARG A 46 -0.16 -6.23 -14.47
C ARG A 46 -0.16 -6.10 -12.95
N PHE A 47 -1.35 -6.12 -12.36
CA PHE A 47 -1.52 -5.95 -10.91
C PHE A 47 -2.62 -6.89 -10.39
N SER A 48 -2.76 -6.98 -9.05
CA SER A 48 -3.71 -7.92 -8.43
C SER A 48 -4.89 -7.17 -7.77
N ARG A 49 -4.90 -5.82 -7.87
CA ARG A 49 -5.96 -4.99 -7.27
C ARG A 49 -6.26 -3.76 -8.13
N SER A 50 -7.50 -3.27 -8.09
CA SER A 50 -7.89 -2.03 -8.78
C SER A 50 -7.14 -0.82 -8.19
N ASP A 51 -6.82 -0.90 -6.89
CA ASP A 51 -6.02 0.12 -6.22
C ASP A 51 -4.62 0.24 -6.87
N GLN A 52 -3.97 -0.91 -7.08
CA GLN A 52 -2.66 -0.95 -7.72
C GLN A 52 -2.75 -0.45 -9.17
N LEU A 53 -3.82 -0.84 -9.89
CA LEU A 53 -4.01 -0.43 -11.28
C LEU A 53 -3.98 1.10 -11.41
N LYS A 54 -4.82 1.80 -10.63
CA LYS A 54 -4.86 3.26 -10.63
C LYS A 54 -3.53 3.85 -10.14
N ARG A 55 -3.02 3.32 -9.02
CA ARG A 55 -1.74 3.76 -8.44
C ARG A 55 -0.63 3.73 -9.51
N HIS A 56 -0.54 2.63 -10.24
CA HIS A 56 0.45 2.48 -11.30
C HIS A 56 0.19 3.46 -12.45
N GLN A 57 -1.07 3.52 -12.92
CA GLN A 57 -1.40 4.29 -14.13
C GLN A 57 -1.13 5.80 -13.93
N ARG A 58 -1.22 6.27 -12.67
CA ARG A 58 -0.91 7.69 -12.33
C ARG A 58 0.57 8.02 -12.63
N ARG A 59 1.41 7.00 -12.74
CA ARG A 59 2.83 7.17 -13.14
C ARG A 59 2.95 7.84 -14.53
N HIS A 60 1.94 7.61 -15.38
CA HIS A 60 1.95 8.13 -16.75
C HIS A 60 1.41 9.59 -16.79
N THR A 61 0.46 9.92 -15.89
CA THR A 61 -0.19 11.24 -15.88
C THR A 61 0.59 12.23 -14.97
N GLY A 62 1.24 11.69 -13.93
CA GLY A 62 1.96 12.54 -12.96
C GLY A 62 1.01 13.30 -12.02
N VAL A 63 -0.18 12.73 -11.78
CA VAL A 63 -1.20 13.36 -10.92
C VAL A 63 -0.98 13.02 -9.42
N LYS A 64 -0.64 14.04 -8.62
CA LYS A 64 -0.39 13.86 -7.17
C LYS A 64 -1.34 14.76 -6.34
N PRO A 65 -2.53 14.23 -5.97
CA PRO A 65 -3.59 15.02 -5.33
C PRO A 65 -3.39 15.17 -3.80
N PHE A 66 -2.35 14.52 -3.25
CA PHE A 66 -2.07 14.57 -1.80
C PHE A 66 -1.05 15.67 -1.50
N GLN A 67 -1.49 16.70 -0.76
CA GLN A 67 -0.65 17.85 -0.45
C GLN A 67 -0.86 18.31 1.01
N CYS A 68 0.22 18.77 1.64
CA CYS A 68 0.15 19.32 2.99
C CYS A 68 -0.67 20.64 3.01
N LYS A 69 -1.08 21.06 4.21
CA LYS A 69 -1.77 22.34 4.41
C LYS A 69 -1.03 23.18 5.47
N THR A 70 0.28 22.94 5.63
CA THR A 70 1.13 23.66 6.59
C THR A 70 2.44 24.11 5.93
N CYS A 71 3.07 23.20 5.16
CA CYS A 71 4.27 23.53 4.37
C CYS A 71 3.99 23.33 2.85
N GLN A 72 2.86 22.68 2.53
CA GLN A 72 2.35 22.55 1.13
C GLN A 72 3.15 21.51 0.31
N ARG A 73 4.04 20.72 0.96
CA ARG A 73 4.75 19.62 0.28
C ARG A 73 3.76 18.60 -0.30
N LYS A 74 4.17 17.94 -1.40
CA LYS A 74 3.26 17.10 -2.22
C LYS A 74 3.76 15.66 -2.31
N PHE A 75 2.84 14.69 -2.28
CA PHE A 75 3.22 13.26 -2.24
C PHE A 75 2.30 12.42 -3.15
N SER A 76 2.85 11.31 -3.66
CA SER A 76 2.11 10.44 -4.59
C SER A 76 1.18 9.45 -3.83
N ARG A 77 1.34 9.35 -2.50
CA ARG A 77 0.58 8.38 -1.67
C ARG A 77 0.09 9.04 -0.37
N SER A 78 -1.16 8.76 0.01
CA SER A 78 -1.78 9.34 1.23
C SER A 78 -1.08 8.82 2.50
N ASP A 79 -0.61 7.57 2.47
CA ASP A 79 0.12 6.97 3.60
C ASP A 79 1.43 7.77 3.89
N HIS A 80 2.04 8.31 2.84
CA HIS A 80 3.31 9.05 2.97
C HIS A 80 3.06 10.48 3.43
N LEU A 81 1.94 11.08 2.99
CA LEU A 81 1.53 12.41 3.43
C LEU A 81 1.31 12.44 4.95
N LYS A 82 0.70 11.37 5.48
CA LYS A 82 0.43 11.27 6.93
C LYS A 82 1.73 11.04 7.72
N THR A 83 2.66 10.28 7.14
CA THR A 83 4.00 10.08 7.73
C THR A 83 4.79 11.41 7.76
N HIS A 84 4.45 12.33 6.86
CA HIS A 84 5.03 13.67 6.84
C HIS A 84 4.29 14.61 7.82
N THR A 85 2.95 14.54 7.81
CA THR A 85 2.12 15.45 8.64
C THR A 85 2.47 15.33 10.12
N ARG A 86 2.82 14.11 10.56
CA ARG A 86 3.14 13.86 11.99
C ARG A 86 4.45 14.57 12.42
N THR A 87 5.26 15.00 11.44
CA THR A 87 6.49 15.78 11.73
C THR A 87 6.14 17.24 12.15
N HIS A 88 4.91 17.69 11.82
CA HIS A 88 4.43 19.02 12.25
C HIS A 88 3.73 18.93 13.62
N THR A 89 3.18 17.75 13.95
CA THR A 89 2.46 17.55 15.23
C THR A 89 3.42 17.16 16.36
N GLY A 90 4.62 16.68 15.98
CA GLY A 90 5.65 16.31 16.96
C GLY A 90 5.50 14.87 17.47
N GLU A 91 4.56 14.11 16.87
CA GLU A 91 4.33 12.71 17.26
C GLU A 91 5.42 11.79 16.67
N LYS A 92 5.82 10.78 17.47
CA LYS A 92 6.86 9.81 17.04
C LYS A 92 6.43 8.35 17.38
N PRO A 93 5.73 7.68 16.44
CA PRO A 93 5.06 6.38 16.72
C PRO A 93 6.05 5.18 16.85
N PHE A 94 7.29 5.32 16.34
CA PHE A 94 8.29 4.22 16.38
C PHE A 94 8.95 4.13 17.78
N SER A 95 9.80 3.12 17.95
CA SER A 95 10.52 2.91 19.22
C SER A 95 11.81 2.12 18.98
N CYS A 96 12.83 2.39 19.80
CA CYS A 96 14.12 1.69 19.70
C CYS A 96 13.95 0.18 19.97
N ARG A 97 14.69 -0.64 19.22
CA ARG A 97 14.53 -2.12 19.27
C ARG A 97 15.27 -2.71 20.49
N TRP A 98 16.35 -2.06 20.91
CA TRP A 98 17.17 -2.55 22.04
C TRP A 98 16.37 -2.49 23.37
N PRO A 99 16.59 -3.48 24.28
CA PRO A 99 15.89 -3.54 25.57
C PRO A 99 16.45 -2.52 26.59
N SER A 100 17.68 -2.06 26.36
CA SER A 100 18.34 -1.08 27.27
C SER A 100 18.09 0.38 26.79
N CYS A 101 17.17 0.54 25.84
CA CYS A 101 16.86 1.86 25.26
C CYS A 101 15.32 2.07 25.18
N GLN A 102 14.90 3.35 25.15
CA GLN A 102 13.46 3.70 25.17
C GLN A 102 13.16 4.93 24.29
N LYS A 103 14.12 5.30 23.41
CA LYS A 103 13.93 6.42 22.48
C LYS A 103 12.82 6.10 21.46
N LYS A 104 12.29 7.16 20.82
CA LYS A 104 11.19 7.02 19.84
C LYS A 104 11.48 7.83 18.58
N PHE A 105 10.91 7.38 17.46
CA PHE A 105 11.17 7.99 16.14
C PHE A 105 9.86 8.04 15.31
N ALA A 106 9.93 8.64 14.13
CA ALA A 106 8.74 8.82 13.30
C ALA A 106 8.96 8.28 11.87
N ARG A 107 10.22 8.05 11.49
CA ARG A 107 10.55 7.45 10.19
C ARG A 107 11.46 6.23 10.39
N SER A 108 11.34 5.27 9.49
CA SER A 108 12.19 4.07 9.52
C SER A 108 13.68 4.44 9.38
N ASP A 109 13.95 5.55 8.68
CA ASP A 109 15.32 6.05 8.51
C ASP A 109 15.94 6.44 9.86
N GLU A 110 15.18 7.20 10.67
CA GLU A 110 15.62 7.59 12.01
C GLU A 110 15.89 6.35 12.89
N LEU A 111 14.96 5.38 12.86
CA LEU A 111 15.07 4.16 13.66
C LEU A 111 16.34 3.37 13.27
N VAL A 112 16.55 3.16 11.98
CA VAL A 112 17.73 2.41 11.48
C VAL A 112 19.03 3.18 11.77
N ARG A 113 18.99 4.51 11.64
CA ARG A 113 20.17 5.36 11.92
C ARG A 113 20.58 5.23 13.39
N HIS A 114 19.60 5.18 14.29
CA HIS A 114 19.86 5.01 15.72
C HIS A 114 20.32 3.56 16.04
N HIS A 115 19.74 2.59 15.32
CA HIS A 115 20.12 1.17 15.49
C HIS A 115 21.59 0.93 15.04
N ASN A 116 22.10 1.80 14.16
CA ASN A 116 23.51 1.75 13.75
C ASN A 116 24.42 2.41 14.83
N MET A 117 23.87 3.39 15.57
CA MET A 117 24.59 4.06 16.65
C MET A 117 24.87 3.08 17.81
N HIS A 118 23.91 2.18 18.09
CA HIS A 118 24.11 1.11 19.07
C HIS A 118 25.24 0.16 18.62
N SER A 1 -22.49 -20.04 8.24
CA SER A 1 -22.45 -18.61 7.86
C SER A 1 -21.80 -18.40 6.48
N GLU A 2 -21.53 -19.52 5.78
CA GLU A 2 -20.90 -19.47 4.43
C GLU A 2 -21.94 -19.10 3.33
N LYS A 3 -23.15 -18.69 3.75
CA LYS A 3 -24.22 -18.30 2.80
C LYS A 3 -23.93 -16.91 2.18
N ARG A 4 -23.12 -16.09 2.87
CA ARG A 4 -22.84 -14.69 2.43
C ARG A 4 -21.62 -14.64 1.45
N PRO A 5 -20.47 -15.28 1.79
CA PRO A 5 -19.27 -15.26 0.94
C PRO A 5 -19.46 -16.04 -0.38
N PHE A 6 -18.42 -16.03 -1.21
CA PHE A 6 -18.41 -16.78 -2.49
C PHE A 6 -17.11 -17.58 -2.62
N MET A 7 -17.21 -18.81 -3.14
CA MET A 7 -16.06 -19.73 -3.18
C MET A 7 -15.67 -20.09 -4.63
N CYS A 8 -14.38 -20.40 -4.82
CA CYS A 8 -13.85 -20.72 -6.14
C CYS A 8 -14.44 -22.04 -6.68
N ALA A 9 -14.74 -22.06 -7.97
CA ALA A 9 -15.37 -23.22 -8.61
C ALA A 9 -14.36 -24.38 -8.83
N TYR A 10 -13.06 -24.05 -8.83
CA TYR A 10 -12.00 -25.05 -9.06
C TYR A 10 -11.75 -25.90 -7.79
N PRO A 11 -11.97 -27.24 -7.87
CA PRO A 11 -11.83 -28.15 -6.70
C PRO A 11 -10.44 -28.08 -6.04
N GLY A 12 -9.39 -27.89 -6.86
CA GLY A 12 -8.01 -27.89 -6.35
C GLY A 12 -7.63 -26.57 -5.64
N CYS A 13 -8.55 -25.58 -5.70
CA CYS A 13 -8.30 -24.25 -5.12
C CYS A 13 -9.33 -23.94 -4.02
N ASN A 14 -10.61 -23.81 -4.42
CA ASN A 14 -11.73 -23.63 -3.49
C ASN A 14 -11.49 -22.41 -2.53
N LYS A 15 -10.70 -21.43 -2.98
CA LYS A 15 -10.50 -20.17 -2.23
C LYS A 15 -11.84 -19.46 -1.98
N ARG A 16 -11.88 -18.56 -1.00
CA ARG A 16 -13.12 -17.84 -0.63
C ARG A 16 -12.92 -16.33 -0.65
N TYR A 17 -13.97 -15.60 -1.02
CA TYR A 17 -13.93 -14.11 -1.10
C TYR A 17 -15.24 -13.51 -0.58
N PHE A 18 -15.21 -12.22 -0.24
CA PHE A 18 -16.37 -11.52 0.35
C PHE A 18 -17.18 -10.75 -0.74
N LYS A 19 -16.75 -10.88 -2.02
CA LYS A 19 -17.47 -10.25 -3.16
C LYS A 19 -17.48 -11.18 -4.38
N LEU A 20 -18.62 -11.22 -5.08
CA LEU A 20 -18.74 -12.01 -6.32
C LEU A 20 -17.89 -11.37 -7.46
N SER A 21 -17.70 -10.05 -7.40
CA SER A 21 -16.88 -9.33 -8.39
C SER A 21 -15.40 -9.73 -8.27
N HIS A 22 -14.96 -10.03 -7.03
CA HIS A 22 -13.59 -10.51 -6.79
C HIS A 22 -13.44 -11.99 -7.16
N LEU A 23 -14.54 -12.75 -7.04
CA LEU A 23 -14.55 -14.17 -7.42
C LEU A 23 -14.35 -14.33 -8.95
N GLN A 24 -14.95 -13.43 -9.73
CA GLN A 24 -14.76 -13.42 -11.19
C GLN A 24 -13.34 -12.94 -11.57
N MET A 25 -12.76 -12.08 -10.72
CA MET A 25 -11.38 -11.61 -10.93
C MET A 25 -10.37 -12.70 -10.56
N HIS A 26 -10.68 -13.48 -9.53
CA HIS A 26 -9.88 -14.64 -9.17
C HIS A 26 -9.91 -15.69 -10.30
N SER A 27 -11.09 -15.85 -10.93
CA SER A 27 -11.29 -16.87 -11.98
C SER A 27 -10.25 -16.72 -13.12
N ARG A 28 -9.74 -15.49 -13.35
CA ARG A 28 -8.67 -15.25 -14.36
C ARG A 28 -7.44 -16.12 -14.07
N LYS A 29 -7.12 -16.29 -12.79
CA LYS A 29 -5.97 -17.13 -12.35
C LYS A 29 -6.05 -18.53 -12.99
N HIS A 30 -7.27 -19.09 -13.08
CA HIS A 30 -7.46 -20.46 -13.55
C HIS A 30 -7.54 -20.53 -15.09
N THR A 31 -8.24 -19.55 -15.71
CA THR A 31 -8.36 -19.50 -17.19
C THR A 31 -6.99 -19.24 -17.85
N GLY A 32 -6.08 -18.58 -17.12
CA GLY A 32 -4.69 -18.40 -17.57
C GLY A 32 -4.35 -16.93 -17.86
N GLU A 33 -4.84 -16.02 -17.02
CA GLU A 33 -4.60 -14.58 -17.18
C GLU A 33 -4.33 -13.90 -15.83
N LYS A 34 -3.69 -12.72 -15.87
CA LYS A 34 -3.50 -11.89 -14.67
C LYS A 34 -4.79 -11.10 -14.36
N PRO A 35 -5.12 -10.92 -13.05
CA PRO A 35 -6.35 -10.24 -12.65
C PRO A 35 -6.30 -8.72 -12.95
N TYR A 36 -5.28 -8.04 -12.42
CA TYR A 36 -5.08 -6.61 -12.70
C TYR A 36 -3.81 -6.39 -13.53
N GLN A 37 -3.82 -5.35 -14.37
CA GLN A 37 -2.71 -5.08 -15.29
C GLN A 37 -2.74 -3.62 -15.79
N CYS A 38 -1.55 -3.06 -16.03
CA CYS A 38 -1.41 -1.66 -16.42
C CYS A 38 -1.95 -1.44 -17.86
N ASP A 39 -2.95 -0.56 -17.97
CA ASP A 39 -3.62 -0.29 -19.27
C ASP A 39 -2.86 0.79 -20.09
N PHE A 40 -1.71 1.27 -19.55
CA PHE A 40 -0.92 2.32 -20.22
C PHE A 40 -0.42 1.84 -21.61
N LYS A 41 -0.10 2.81 -22.49
CA LYS A 41 0.26 2.53 -23.89
C LYS A 41 1.47 1.57 -23.99
N ASP A 42 2.47 1.79 -23.13
CA ASP A 42 3.75 1.06 -23.23
C ASP A 42 4.15 0.41 -21.86
N CYS A 43 3.16 -0.13 -21.16
CA CYS A 43 3.38 -0.85 -19.89
C CYS A 43 2.45 -2.07 -19.77
N GLU A 44 2.94 -3.14 -19.15
CA GLU A 44 2.18 -4.40 -18.99
C GLU A 44 2.30 -4.96 -17.55
N ARG A 45 2.75 -4.12 -16.59
CA ARG A 45 2.91 -4.54 -15.19
C ARG A 45 1.60 -5.14 -14.64
N ARG A 46 1.72 -6.24 -13.88
CA ARG A 46 0.53 -6.96 -13.33
C ARG A 46 0.37 -6.66 -11.83
N PHE A 47 -0.84 -6.88 -11.33
CA PHE A 47 -1.14 -6.73 -9.89
C PHE A 47 -2.25 -7.70 -9.46
N SER A 48 -2.55 -7.72 -8.15
CA SER A 48 -3.59 -8.59 -7.59
C SER A 48 -4.67 -7.77 -6.85
N ARG A 49 -4.56 -6.42 -6.92
CA ARG A 49 -5.49 -5.52 -6.21
C ARG A 49 -5.66 -4.20 -6.99
N SER A 50 -6.83 -3.60 -6.86
CA SER A 50 -7.11 -2.27 -7.47
C SER A 50 -6.21 -1.19 -6.85
N ASP A 51 -5.85 -1.36 -5.57
CA ASP A 51 -4.96 -0.41 -4.86
C ASP A 51 -3.58 -0.33 -5.55
N GLN A 52 -3.02 -1.51 -5.89
CA GLN A 52 -1.75 -1.58 -6.60
C GLN A 52 -1.88 -0.97 -8.02
N LEU A 53 -2.99 -1.30 -8.71
CA LEU A 53 -3.23 -0.84 -10.07
C LEU A 53 -3.19 0.69 -10.17
N LYS A 54 -4.06 1.38 -9.40
CA LYS A 54 -4.18 2.85 -9.48
C LYS A 54 -2.87 3.54 -9.08
N ARG A 55 -2.21 3.02 -8.04
CA ARG A 55 -0.94 3.61 -7.55
C ARG A 55 0.16 3.52 -8.61
N HIS A 56 0.26 2.37 -9.26
CA HIS A 56 1.23 2.17 -10.34
C HIS A 56 0.90 3.06 -11.56
N GLN A 57 -0.39 3.12 -11.92
CA GLN A 57 -0.86 3.96 -13.03
C GLN A 57 -0.56 5.46 -12.75
N ARG A 58 -0.55 5.84 -11.46
CA ARG A 58 -0.27 7.23 -11.05
C ARG A 58 1.18 7.62 -11.38
N ARG A 59 2.07 6.62 -11.55
CA ARG A 59 3.46 6.87 -11.98
C ARG A 59 3.51 7.38 -13.44
N HIS A 60 2.47 7.06 -14.21
CA HIS A 60 2.38 7.47 -15.62
C HIS A 60 1.64 8.82 -15.75
N THR A 61 0.56 9.00 -14.98
CA THR A 61 -0.32 10.20 -15.12
C THR A 61 0.15 11.36 -14.23
N GLY A 62 0.67 11.02 -13.04
CA GLY A 62 1.10 12.05 -12.06
C GLY A 62 -0.03 12.45 -11.08
N VAL A 63 -1.13 11.69 -11.08
CA VAL A 63 -2.29 11.98 -10.20
C VAL A 63 -2.01 11.52 -8.76
N LYS A 64 -1.79 12.48 -7.85
CA LYS A 64 -1.42 12.19 -6.45
C LYS A 64 -2.27 13.04 -5.47
N PRO A 65 -3.39 12.48 -4.96
CA PRO A 65 -4.36 13.22 -4.15
C PRO A 65 -3.95 13.38 -2.66
N PHE A 66 -2.83 12.72 -2.27
CA PHE A 66 -2.34 12.80 -0.89
C PHE A 66 -1.33 13.96 -0.76
N GLN A 67 -1.68 14.94 0.07
CA GLN A 67 -0.91 16.18 0.18
C GLN A 67 -0.89 16.69 1.63
N CYS A 68 0.24 17.31 2.02
CA CYS A 68 0.35 17.98 3.30
C CYS A 68 -0.65 19.16 3.40
N LYS A 69 -0.99 19.54 4.63
CA LYS A 69 -1.89 20.68 4.88
C LYS A 69 -1.11 21.83 5.57
N THR A 70 0.22 21.82 5.42
CA THR A 70 1.08 22.87 6.00
C THR A 70 2.11 23.35 4.96
N CYS A 71 2.91 22.42 4.41
CA CYS A 71 3.92 22.76 3.38
C CYS A 71 3.42 22.40 1.96
N GLN A 72 2.28 21.67 1.90
CA GLN A 72 1.59 21.35 0.63
C GLN A 72 2.38 20.31 -0.23
N ARG A 73 3.40 19.66 0.37
CA ARG A 73 4.15 18.57 -0.35
C ARG A 73 3.20 17.41 -0.71
N LYS A 74 3.57 16.68 -1.77
CA LYS A 74 2.67 15.68 -2.40
C LYS A 74 3.28 14.26 -2.38
N PHE A 75 2.44 13.25 -2.13
CA PHE A 75 2.94 11.87 -1.93
C PHE A 75 2.03 10.84 -2.63
N SER A 76 2.62 9.70 -3.02
CA SER A 76 1.90 8.67 -3.80
C SER A 76 0.95 7.83 -2.91
N ARG A 77 1.21 7.82 -1.58
CA ARG A 77 0.36 7.07 -0.62
C ARG A 77 0.18 7.87 0.69
N SER A 78 -0.92 7.60 1.39
CA SER A 78 -1.27 8.33 2.64
C SER A 78 -0.41 7.87 3.83
N ASP A 79 0.02 6.60 3.82
CA ASP A 79 0.86 6.05 4.89
C ASP A 79 2.26 6.70 4.89
N HIS A 80 2.73 7.13 3.70
CA HIS A 80 3.99 7.88 3.58
C HIS A 80 3.79 9.35 4.02
N LEU A 81 2.63 9.92 3.68
CA LEU A 81 2.30 11.31 4.04
C LEU A 81 2.31 11.50 5.57
N LYS A 82 1.63 10.59 6.29
CA LYS A 82 1.49 10.72 7.77
C LYS A 82 2.87 10.74 8.47
N THR A 83 3.83 10.00 7.90
CA THR A 83 5.21 9.95 8.45
C THR A 83 5.91 11.31 8.30
N HIS A 84 5.45 12.12 7.34
CA HIS A 84 5.96 13.48 7.15
C HIS A 84 5.14 14.51 7.98
N THR A 85 3.81 14.42 7.93
CA THR A 85 2.92 15.41 8.61
C THR A 85 3.30 15.55 10.10
N ARG A 86 3.67 14.44 10.74
CA ARG A 86 4.03 14.42 12.18
C ARG A 86 5.26 15.32 12.48
N THR A 87 6.06 15.62 11.45
CA THR A 87 7.25 16.49 11.61
C THR A 87 6.85 17.97 11.81
N HIS A 88 5.62 18.32 11.37
CA HIS A 88 5.08 19.69 11.57
C HIS A 88 4.39 19.82 12.93
N THR A 89 3.72 18.74 13.36
CA THR A 89 2.96 18.73 14.64
C THR A 89 3.92 18.66 15.84
N GLY A 90 5.13 18.13 15.60
CA GLY A 90 6.15 18.03 16.67
C GLY A 90 6.04 16.73 17.48
N GLU A 91 5.14 15.83 17.05
CA GLU A 91 4.95 14.54 17.73
C GLU A 91 6.05 13.55 17.31
N LYS A 92 6.50 12.72 18.27
CA LYS A 92 7.52 11.68 18.01
C LYS A 92 7.08 10.31 18.57
N PRO A 93 6.30 9.53 17.78
CA PRO A 93 5.68 8.29 18.23
C PRO A 93 6.66 7.10 18.35
N PHE A 94 7.87 7.23 17.76
CA PHE A 94 8.85 6.12 17.75
C PHE A 94 9.83 6.25 18.95
N SER A 95 10.77 5.31 19.03
CA SER A 95 11.78 5.31 20.12
C SER A 95 12.99 4.46 19.73
N CYS A 96 14.11 4.65 20.43
CA CYS A 96 15.34 3.91 20.17
C CYS A 96 15.13 2.40 20.45
N ARG A 97 15.79 1.54 19.65
CA ARG A 97 15.63 0.08 19.76
C ARG A 97 16.34 -0.48 21.01
N TRP A 98 17.44 0.16 21.40
CA TRP A 98 18.27 -0.32 22.51
C TRP A 98 17.55 -0.14 23.87
N PRO A 99 17.74 -1.11 24.82
CA PRO A 99 17.13 -1.04 26.14
C PRO A 99 17.83 -0.02 27.07
N SER A 100 19.09 0.30 26.77
CA SER A 100 19.87 1.28 27.55
C SER A 100 19.67 2.71 27.03
N CYS A 101 18.76 2.87 26.04
CA CYS A 101 18.47 4.17 25.43
C CYS A 101 16.96 4.49 25.53
N GLN A 102 16.62 5.78 25.61
CA GLN A 102 15.23 6.22 25.85
C GLN A 102 14.85 7.41 24.93
N LYS A 103 15.65 7.64 23.87
CA LYS A 103 15.35 8.69 22.89
C LYS A 103 14.05 8.38 22.13
N LYS A 104 13.42 9.44 21.61
CA LYS A 104 12.18 9.31 20.81
C LYS A 104 12.33 10.03 19.48
N PHE A 105 11.72 9.46 18.44
CA PHE A 105 11.82 10.00 17.08
C PHE A 105 10.46 9.97 16.38
N ALA A 106 10.36 10.62 15.24
CA ALA A 106 9.12 10.64 14.45
C ALA A 106 9.33 10.03 13.06
N ARG A 107 10.55 10.20 12.52
CA ARG A 107 10.90 9.63 11.21
C ARG A 107 11.64 8.32 11.39
N SER A 108 11.22 7.32 10.63
CA SER A 108 11.88 5.99 10.65
C SER A 108 13.35 6.11 10.25
N ASP A 109 13.66 7.08 9.38
CA ASP A 109 15.04 7.34 8.95
C ASP A 109 15.90 7.80 10.13
N GLU A 110 15.39 8.77 10.91
CA GLU A 110 16.11 9.27 12.10
C GLU A 110 16.34 8.14 13.11
N LEU A 111 15.32 7.29 13.31
CA LEU A 111 15.43 6.12 14.20
C LEU A 111 16.57 5.19 13.75
N VAL A 112 16.54 4.79 12.46
CA VAL A 112 17.55 3.88 11.90
C VAL A 112 18.95 4.53 11.89
N ARG A 113 18.99 5.84 11.64
CA ARG A 113 20.26 6.58 11.60
C ARG A 113 20.90 6.65 13.00
N HIS A 114 20.06 6.76 14.04
CA HIS A 114 20.54 6.72 15.43
C HIS A 114 20.96 5.29 15.83
N HIS A 115 20.24 4.28 15.31
CA HIS A 115 20.59 2.86 15.54
C HIS A 115 22.00 2.54 14.96
N ASN A 116 22.44 3.31 13.96
CA ASN A 116 23.78 3.15 13.38
C ASN A 116 24.86 3.81 14.29
N MET A 117 24.48 4.88 15.00
CA MET A 117 25.39 5.54 15.96
C MET A 117 25.75 4.59 17.13
N HIS A 118 24.76 3.80 17.57
CA HIS A 118 25.00 2.74 18.57
C HIS A 118 25.96 1.68 18.02
N SER A 1 -27.79 -12.37 7.77
CA SER A 1 -28.15 -13.12 6.57
C SER A 1 -28.25 -12.19 5.33
N GLU A 2 -28.02 -10.89 5.54
CA GLU A 2 -28.07 -9.89 4.45
C GLU A 2 -26.86 -10.04 3.49
N LYS A 3 -25.79 -10.70 3.97
CA LYS A 3 -24.58 -10.94 3.16
C LYS A 3 -24.02 -12.35 3.42
N ARG A 4 -23.25 -12.86 2.46
CA ARG A 4 -22.60 -14.19 2.59
C ARG A 4 -21.32 -14.27 1.72
N PRO A 5 -20.36 -15.13 2.11
CA PRO A 5 -19.09 -15.26 1.40
C PRO A 5 -19.21 -16.08 0.10
N PHE A 6 -18.12 -16.14 -0.66
CA PHE A 6 -18.05 -16.95 -1.89
C PHE A 6 -16.71 -17.67 -1.97
N MET A 7 -16.72 -18.91 -2.49
CA MET A 7 -15.53 -19.79 -2.42
C MET A 7 -15.17 -20.36 -3.80
N CYS A 8 -13.91 -20.76 -3.94
CA CYS A 8 -13.41 -21.38 -5.17
C CYS A 8 -13.83 -22.88 -5.25
N ALA A 9 -13.93 -23.40 -6.47
CA ALA A 9 -14.43 -24.76 -6.70
C ALA A 9 -13.33 -25.71 -7.27
N TYR A 10 -12.13 -25.15 -7.54
CA TYR A 10 -11.01 -25.96 -8.04
C TYR A 10 -10.50 -26.93 -6.95
N PRO A 11 -10.34 -28.23 -7.27
CA PRO A 11 -9.92 -29.25 -6.30
C PRO A 11 -8.45 -29.08 -5.89
N GLY A 12 -8.23 -28.40 -4.76
CA GLY A 12 -6.86 -28.14 -4.26
C GLY A 12 -6.66 -26.67 -3.84
N CYS A 13 -7.53 -25.78 -4.34
CA CYS A 13 -7.46 -24.35 -4.02
C CYS A 13 -8.56 -23.97 -2.99
N ASN A 14 -9.80 -23.86 -3.48
CA ASN A 14 -11.00 -23.65 -2.62
C ASN A 14 -10.80 -22.46 -1.63
N LYS A 15 -10.05 -21.43 -2.05
CA LYS A 15 -9.93 -20.17 -1.27
C LYS A 15 -11.30 -19.47 -1.16
N ARG A 16 -11.40 -18.50 -0.24
CA ARG A 16 -12.69 -17.83 0.07
C ARG A 16 -12.54 -16.30 0.06
N TYR A 17 -13.62 -15.62 -0.34
CA TYR A 17 -13.65 -14.14 -0.40
C TYR A 17 -15.00 -13.62 0.10
N PHE A 18 -15.03 -12.33 0.49
CA PHE A 18 -16.25 -11.71 1.06
C PHE A 18 -17.13 -11.05 -0.04
N LYS A 19 -16.73 -11.23 -1.32
CA LYS A 19 -17.50 -10.71 -2.47
C LYS A 19 -17.39 -11.65 -3.68
N LEU A 20 -18.48 -11.79 -4.43
CA LEU A 20 -18.49 -12.57 -5.68
C LEU A 20 -17.62 -11.87 -6.76
N SER A 21 -17.50 -10.55 -6.65
CA SER A 21 -16.67 -9.76 -7.59
C SER A 21 -15.19 -10.15 -7.47
N HIS A 22 -14.76 -10.52 -6.24
CA HIS A 22 -13.37 -10.94 -6.00
C HIS A 22 -13.18 -12.43 -6.34
N LEU A 23 -14.24 -13.23 -6.18
CA LEU A 23 -14.20 -14.65 -6.52
C LEU A 23 -14.06 -14.85 -8.06
N GLN A 24 -14.73 -14.00 -8.83
CA GLN A 24 -14.58 -14.00 -10.31
C GLN A 24 -13.17 -13.55 -10.71
N MET A 25 -12.61 -12.60 -9.96
CA MET A 25 -11.23 -12.12 -10.20
C MET A 25 -10.19 -13.20 -9.85
N HIS A 26 -10.50 -13.98 -8.81
CA HIS A 26 -9.66 -15.12 -8.43
C HIS A 26 -9.67 -16.19 -9.54
N SER A 27 -10.85 -16.48 -10.10
CA SER A 27 -11.01 -17.56 -11.10
C SER A 27 -10.04 -17.39 -12.29
N ARG A 28 -9.66 -16.13 -12.60
CA ARG A 28 -8.75 -15.84 -13.71
C ARG A 28 -7.37 -16.47 -13.49
N LYS A 29 -6.95 -16.56 -12.22
CA LYS A 29 -5.64 -17.16 -11.86
C LYS A 29 -5.58 -18.66 -12.24
N HIS A 30 -6.74 -19.33 -12.24
CA HIS A 30 -6.83 -20.74 -12.66
C HIS A 30 -6.80 -20.87 -14.19
N THR A 31 -7.59 -20.01 -14.87
CA THR A 31 -7.67 -20.04 -16.35
C THR A 31 -6.29 -19.72 -16.97
N GLY A 32 -5.54 -18.84 -16.31
CA GLY A 32 -4.14 -18.54 -16.72
C GLY A 32 -3.93 -17.04 -17.03
N GLU A 33 -4.59 -16.18 -16.26
CA GLU A 33 -4.46 -14.72 -16.44
C GLU A 33 -4.30 -14.02 -15.08
N LYS A 34 -3.61 -12.88 -15.09
CA LYS A 34 -3.40 -12.08 -13.87
C LYS A 34 -4.68 -11.30 -13.50
N PRO A 35 -4.97 -11.14 -12.18
CA PRO A 35 -6.12 -10.38 -11.70
C PRO A 35 -6.18 -8.95 -12.29
N TYR A 36 -5.10 -8.17 -12.07
CA TYR A 36 -5.04 -6.78 -12.55
C TYR A 36 -3.75 -6.55 -13.37
N GLN A 37 -3.75 -5.47 -14.16
CA GLN A 37 -2.58 -5.12 -14.99
C GLN A 37 -2.62 -3.64 -15.37
N CYS A 38 -1.44 -3.05 -15.59
CA CYS A 38 -1.32 -1.64 -15.96
C CYS A 38 -1.76 -1.41 -17.43
N ASP A 39 -2.78 -0.58 -17.61
CA ASP A 39 -3.37 -0.34 -18.95
C ASP A 39 -2.58 0.74 -19.74
N PHE A 40 -1.48 1.25 -19.16
CA PHE A 40 -0.66 2.29 -19.80
C PHE A 40 -0.14 1.82 -21.19
N LYS A 41 0.13 2.80 -22.08
CA LYS A 41 0.47 2.52 -23.49
C LYS A 41 1.67 1.54 -23.60
N ASP A 42 2.66 1.70 -22.72
CA ASP A 42 3.92 0.93 -22.80
C ASP A 42 4.27 0.27 -21.44
N CYS A 43 3.28 -0.40 -20.83
CA CYS A 43 3.48 -1.11 -19.55
C CYS A 43 2.76 -2.48 -19.57
N GLU A 44 3.36 -3.47 -18.89
CA GLU A 44 2.81 -4.84 -18.84
C GLU A 44 2.82 -5.41 -17.39
N ARG A 45 3.11 -4.53 -16.41
CA ARG A 45 3.14 -4.94 -14.99
C ARG A 45 1.77 -5.47 -14.53
N ARG A 46 1.78 -6.48 -13.66
CA ARG A 46 0.54 -7.12 -13.15
C ARG A 46 0.43 -6.97 -11.64
N PHE A 47 -0.81 -7.02 -11.14
CA PHE A 47 -1.09 -6.84 -9.70
C PHE A 47 -2.24 -7.76 -9.26
N SER A 48 -2.39 -7.94 -7.94
CA SER A 48 -3.42 -8.85 -7.38
C SER A 48 -4.60 -8.06 -6.78
N ARG A 49 -4.48 -6.72 -6.73
CA ARG A 49 -5.58 -5.84 -6.25
C ARG A 49 -5.47 -4.44 -6.91
N SER A 50 -6.61 -3.75 -7.04
CA SER A 50 -6.63 -2.39 -7.63
C SER A 50 -5.89 -1.38 -6.71
N ASP A 51 -5.83 -1.70 -5.40
CA ASP A 51 -5.03 -0.91 -4.44
C ASP A 51 -3.54 -0.90 -4.84
N GLN A 52 -3.01 -2.08 -5.19
CA GLN A 52 -1.62 -2.20 -5.66
C GLN A 52 -1.45 -1.55 -7.04
N LEU A 53 -2.47 -1.70 -7.90
CA LEU A 53 -2.44 -1.16 -9.26
C LEU A 53 -2.27 0.37 -9.24
N LYS A 54 -3.09 1.06 -8.44
CA LYS A 54 -3.06 2.55 -8.40
C LYS A 54 -1.71 3.09 -7.93
N ARG A 55 -1.13 2.45 -6.90
CA ARG A 55 0.20 2.85 -6.37
C ARG A 55 1.24 2.89 -7.50
N HIS A 56 1.19 1.89 -8.39
CA HIS A 56 2.13 1.80 -9.51
C HIS A 56 1.72 2.74 -10.67
N GLN A 57 0.43 2.71 -11.03
CA GLN A 57 -0.06 3.38 -12.24
C GLN A 57 0.12 4.91 -12.17
N ARG A 58 0.00 5.48 -10.96
CA ARG A 58 0.15 6.94 -10.75
C ARG A 58 1.55 7.41 -11.16
N ARG A 59 2.53 6.50 -11.13
CA ARG A 59 3.93 6.82 -11.52
C ARG A 59 4.01 7.23 -13.01
N HIS A 60 3.05 6.77 -13.82
CA HIS A 60 3.00 7.13 -15.25
C HIS A 60 2.36 8.53 -15.45
N THR A 61 1.30 8.82 -14.68
CA THR A 61 0.53 10.08 -14.84
C THR A 61 1.23 11.25 -14.14
N GLY A 62 1.96 10.96 -13.05
CA GLY A 62 2.62 12.01 -12.27
C GLY A 62 1.63 12.86 -11.44
N VAL A 63 0.44 12.30 -11.20
CA VAL A 63 -0.63 13.01 -10.45
C VAL A 63 -0.29 13.06 -8.94
N LYS A 64 -0.05 14.28 -8.42
CA LYS A 64 0.38 14.47 -7.01
C LYS A 64 -0.45 15.58 -6.33
N PRO A 65 -1.68 15.25 -5.88
CA PRO A 65 -2.60 16.23 -5.30
C PRO A 65 -2.43 16.38 -3.75
N PHE A 66 -1.32 15.84 -3.21
CA PHE A 66 -1.10 15.81 -1.76
C PHE A 66 -0.26 17.02 -1.32
N GLN A 67 -0.76 17.75 -0.32
CA GLN A 67 -0.13 19.00 0.12
C GLN A 67 -0.34 19.21 1.64
N CYS A 68 0.72 19.67 2.31
CA CYS A 68 0.64 20.03 3.72
C CYS A 68 -0.36 21.19 3.95
N LYS A 69 -0.83 21.33 5.19
CA LYS A 69 -1.78 22.41 5.57
C LYS A 69 -1.11 23.40 6.54
N THR A 70 0.23 23.34 6.64
CA THR A 70 0.99 24.22 7.55
C THR A 70 2.13 24.93 6.81
N CYS A 71 2.90 24.16 6.01
CA CYS A 71 3.99 24.72 5.18
C CYS A 71 3.67 24.63 3.66
N GLN A 72 2.55 23.95 3.33
CA GLN A 72 2.03 23.87 1.94
C GLN A 72 2.96 23.07 0.99
N ARG A 73 4.00 22.40 1.54
CA ARG A 73 4.89 21.54 0.73
C ARG A 73 4.10 20.38 0.07
N LYS A 74 4.63 19.87 -1.04
CA LYS A 74 3.91 18.92 -1.91
C LYS A 74 4.44 17.49 -1.77
N PHE A 75 3.52 16.51 -1.70
CA PHE A 75 3.90 15.10 -1.44
C PHE A 75 3.57 14.21 -2.64
N SER A 76 3.89 12.91 -2.53
CA SER A 76 3.73 11.98 -3.67
C SER A 76 2.68 10.88 -3.35
N ARG A 77 2.23 10.81 -2.08
CA ARG A 77 1.17 9.86 -1.66
C ARG A 77 0.47 10.39 -0.38
N SER A 78 -0.64 9.75 -0.01
CA SER A 78 -1.42 10.18 1.17
C SER A 78 -0.67 9.90 2.48
N ASP A 79 -0.06 8.72 2.58
CA ASP A 79 0.70 8.33 3.77
C ASP A 79 1.93 9.24 3.96
N HIS A 80 2.46 9.79 2.85
CA HIS A 80 3.56 10.76 2.90
C HIS A 80 3.10 12.07 3.53
N LEU A 81 1.89 12.53 3.16
CA LEU A 81 1.29 13.73 3.74
C LEU A 81 1.10 13.57 5.26
N LYS A 82 0.57 12.41 5.68
CA LYS A 82 0.34 12.11 7.11
C LYS A 82 1.67 12.05 7.88
N THR A 83 2.65 11.34 7.32
CA THR A 83 3.98 11.21 7.95
C THR A 83 4.62 12.60 8.14
N HIS A 84 4.52 13.45 7.11
CA HIS A 84 5.07 14.80 7.18
C HIS A 84 4.32 15.67 8.22
N THR A 85 2.99 15.59 8.24
CA THR A 85 2.17 16.42 9.14
C THR A 85 2.62 16.25 10.61
N ARG A 86 3.02 15.01 10.98
CA ARG A 86 3.46 14.70 12.36
C ARG A 86 4.67 15.55 12.78
N THR A 87 5.48 15.99 11.80
CA THR A 87 6.68 16.80 12.08
C THR A 87 6.32 18.23 12.56
N HIS A 88 5.08 18.66 12.28
CA HIS A 88 4.58 19.98 12.73
C HIS A 88 3.84 19.87 14.07
N THR A 89 3.12 18.76 14.26
CA THR A 89 2.32 18.54 15.48
C THR A 89 3.24 18.18 16.68
N GLY A 90 4.42 17.65 16.38
CA GLY A 90 5.40 17.31 17.42
C GLY A 90 5.27 15.87 17.93
N GLU A 91 4.31 15.13 17.35
CA GLU A 91 4.09 13.72 17.73
C GLU A 91 5.17 12.82 17.09
N LYS A 92 5.61 11.79 17.84
CA LYS A 92 6.63 10.84 17.36
C LYS A 92 6.15 9.37 17.58
N PRO A 93 5.39 8.82 16.62
CA PRO A 93 4.72 7.51 16.80
C PRO A 93 5.67 6.29 16.70
N PHE A 94 6.88 6.48 16.13
CA PHE A 94 7.86 5.38 16.02
C PHE A 94 8.55 5.15 17.38
N SER A 95 9.29 4.04 17.48
CA SER A 95 10.03 3.72 18.71
C SER A 95 11.28 2.91 18.38
N CYS A 96 12.28 3.02 19.25
CA CYS A 96 13.56 2.35 19.06
C CYS A 96 13.38 0.81 19.16
N ARG A 97 13.82 0.10 18.10
CA ARG A 97 13.51 -1.35 17.95
C ARG A 97 14.38 -2.21 18.89
N TRP A 98 15.63 -1.81 19.08
CA TRP A 98 16.59 -2.60 19.88
C TRP A 98 16.21 -2.55 21.38
N PRO A 99 16.42 -3.68 22.12
CA PRO A 99 15.95 -3.82 23.51
C PRO A 99 16.74 -2.97 24.52
N SER A 100 17.99 -2.63 24.17
CA SER A 100 18.89 -1.86 25.07
C SER A 100 18.71 -0.34 24.90
N CYS A 101 17.67 0.07 24.16
CA CYS A 101 17.48 1.48 23.78
C CYS A 101 15.97 1.85 23.78
N GLN A 102 15.66 3.13 24.02
CA GLN A 102 14.26 3.57 24.27
C GLN A 102 13.98 4.98 23.66
N LYS A 103 14.51 5.23 22.46
CA LYS A 103 14.23 6.48 21.72
C LYS A 103 12.88 6.39 20.97
N LYS A 104 12.42 7.53 20.43
CA LYS A 104 11.19 7.58 19.60
C LYS A 104 11.36 8.58 18.45
N PHE A 105 10.68 8.31 17.33
CA PHE A 105 10.84 9.09 16.09
C PHE A 105 9.50 9.27 15.38
N ALA A 106 9.48 10.02 14.29
CA ALA A 106 8.23 10.29 13.55
C ALA A 106 8.36 9.93 12.07
N ARG A 107 9.59 9.86 11.55
CA ARG A 107 9.85 9.41 10.19
C ARG A 107 10.73 8.18 10.18
N SER A 108 10.49 7.29 9.24
CA SER A 108 11.29 6.07 9.08
C SER A 108 12.75 6.41 8.79
N ASP A 109 13.00 7.56 8.17
CA ASP A 109 14.36 8.02 7.87
C ASP A 109 15.14 8.29 9.17
N GLU A 110 14.47 8.91 10.15
CA GLU A 110 15.06 9.13 11.48
C GLU A 110 15.40 7.78 12.15
N LEU A 111 14.46 6.82 12.09
CA LEU A 111 14.65 5.49 12.69
C LEU A 111 15.80 4.73 12.00
N VAL A 112 15.87 4.83 10.66
CA VAL A 112 16.96 4.21 9.87
C VAL A 112 18.31 4.84 10.20
N ARG A 113 18.32 6.17 10.41
CA ARG A 113 19.55 6.88 10.82
C ARG A 113 20.05 6.37 12.17
N HIS A 114 19.13 6.06 13.07
CA HIS A 114 19.46 5.47 14.38
C HIS A 114 19.88 3.99 14.23
N HIS A 115 19.28 3.28 13.26
CA HIS A 115 19.61 1.86 12.99
C HIS A 115 21.11 1.69 12.64
N ASN A 116 21.70 2.74 12.03
CA ASN A 116 23.12 2.69 11.66
C ASN A 116 24.05 2.79 12.91
N MET A 117 23.54 3.44 13.97
CA MET A 117 24.31 3.60 15.20
C MET A 117 24.45 2.26 15.96
N HIS A 118 23.38 1.45 15.95
CA HIS A 118 23.38 0.14 16.62
C HIS A 118 24.26 -0.85 15.87
N SER A 1 -20.19 -9.93 4.41
CA SER A 1 -20.34 -11.19 3.65
C SER A 1 -19.69 -12.37 4.39
N GLU A 2 -19.11 -12.10 5.57
CA GLU A 2 -18.38 -13.12 6.35
C GLU A 2 -19.30 -14.30 6.76
N LYS A 3 -20.62 -14.04 6.79
CA LYS A 3 -21.62 -15.08 7.13
C LYS A 3 -21.64 -16.20 6.07
N ARG A 4 -21.40 -15.83 4.80
CA ARG A 4 -21.40 -16.79 3.67
C ARG A 4 -20.61 -16.21 2.46
N PRO A 5 -19.26 -16.20 2.54
CA PRO A 5 -18.42 -15.61 1.50
C PRO A 5 -18.34 -16.47 0.24
N PHE A 6 -17.98 -15.85 -0.88
CA PHE A 6 -17.77 -16.57 -2.14
C PHE A 6 -16.38 -17.19 -2.17
N MET A 7 -16.30 -18.49 -2.47
CA MET A 7 -15.04 -19.24 -2.33
C MET A 7 -14.59 -19.84 -3.67
N CYS A 8 -13.29 -20.14 -3.78
CA CYS A 8 -12.69 -20.67 -5.00
C CYS A 8 -13.07 -22.16 -5.21
N ALA A 9 -13.25 -22.56 -6.47
CA ALA A 9 -13.65 -23.92 -6.81
C ALA A 9 -12.42 -24.84 -7.03
N TYR A 10 -11.23 -24.24 -7.21
CA TYR A 10 -10.00 -24.99 -7.45
C TYR A 10 -9.57 -25.76 -6.18
N PRO A 11 -9.24 -27.08 -6.30
CA PRO A 11 -8.88 -27.91 -5.16
C PRO A 11 -7.55 -27.50 -4.53
N GLY A 12 -7.51 -27.49 -3.19
CA GLY A 12 -6.29 -27.08 -2.46
C GLY A 12 -6.24 -25.56 -2.21
N CYS A 13 -6.76 -24.79 -3.18
CA CYS A 13 -6.87 -23.34 -3.04
C CYS A 13 -8.07 -22.96 -2.14
N ASN A 14 -9.29 -23.04 -2.71
CA ASN A 14 -10.55 -22.83 -1.97
C ASN A 14 -10.47 -21.56 -1.03
N LYS A 15 -9.79 -20.51 -1.51
CA LYS A 15 -9.75 -19.21 -0.79
C LYS A 15 -11.15 -18.57 -0.75
N ARG A 16 -11.30 -17.55 0.11
CA ARG A 16 -12.62 -16.88 0.30
C ARG A 16 -12.53 -15.38 -0.02
N TYR A 17 -13.61 -14.84 -0.59
CA TYR A 17 -13.70 -13.41 -0.92
C TYR A 17 -15.07 -12.86 -0.49
N PHE A 18 -15.07 -11.61 -0.03
CA PHE A 18 -16.30 -10.97 0.50
C PHE A 18 -17.15 -10.35 -0.65
N LYS A 19 -16.75 -10.60 -1.91
CA LYS A 19 -17.49 -10.09 -3.09
C LYS A 19 -17.28 -11.01 -4.29
N LEU A 20 -18.37 -11.26 -5.03
CA LEU A 20 -18.34 -12.18 -6.18
C LEU A 20 -17.50 -11.60 -7.34
N SER A 21 -17.41 -10.27 -7.41
CA SER A 21 -16.59 -9.59 -8.44
C SER A 21 -15.09 -9.88 -8.23
N HIS A 22 -14.68 -9.99 -6.96
CA HIS A 22 -13.27 -10.31 -6.63
C HIS A 22 -13.00 -11.81 -6.77
N LEU A 23 -14.03 -12.64 -6.49
CA LEU A 23 -13.92 -14.09 -6.64
C LEU A 23 -13.71 -14.48 -8.12
N GLN A 24 -14.44 -13.81 -9.02
CA GLN A 24 -14.28 -14.04 -10.47
C GLN A 24 -12.90 -13.57 -10.95
N MET A 25 -12.44 -12.42 -10.43
CA MET A 25 -11.11 -11.88 -10.75
C MET A 25 -10.01 -12.86 -10.31
N HIS A 26 -10.20 -13.51 -9.16
CA HIS A 26 -9.27 -14.54 -8.68
C HIS A 26 -9.35 -15.80 -9.57
N SER A 27 -10.58 -16.25 -9.87
CA SER A 27 -10.80 -17.48 -10.64
C SER A 27 -10.11 -17.42 -12.02
N ARG A 28 -10.05 -16.22 -12.62
CA ARG A 28 -9.41 -16.03 -13.95
C ARG A 28 -7.92 -16.44 -13.92
N LYS A 29 -7.26 -16.23 -12.76
CA LYS A 29 -5.81 -16.52 -12.64
C LYS A 29 -5.53 -18.03 -12.70
N HIS A 30 -6.55 -18.85 -12.43
CA HIS A 30 -6.41 -20.31 -12.53
C HIS A 30 -6.57 -20.78 -14.00
N THR A 31 -7.54 -20.19 -14.72
CA THR A 31 -7.78 -20.55 -16.14
C THR A 31 -6.63 -20.05 -17.04
N GLY A 32 -6.12 -18.84 -16.73
CA GLY A 32 -4.90 -18.33 -17.41
C GLY A 32 -5.04 -16.87 -17.87
N GLU A 33 -5.92 -16.11 -17.21
CA GLU A 33 -6.17 -14.69 -17.55
C GLU A 33 -5.98 -13.79 -16.30
N LYS A 34 -5.44 -12.59 -16.53
CA LYS A 34 -5.17 -11.64 -15.42
C LYS A 34 -6.36 -10.66 -15.26
N PRO A 35 -6.75 -10.35 -14.00
CA PRO A 35 -7.91 -9.50 -13.73
C PRO A 35 -7.64 -8.01 -13.99
N TYR A 36 -6.47 -7.52 -13.58
CA TYR A 36 -6.08 -6.11 -13.78
C TYR A 36 -4.78 -6.02 -14.60
N GLN A 37 -4.62 -4.91 -15.34
CA GLN A 37 -3.41 -4.67 -16.15
C GLN A 37 -3.22 -3.17 -16.42
N CYS A 38 -1.96 -2.77 -16.62
CA CYS A 38 -1.61 -1.37 -16.88
C CYS A 38 -2.10 -0.94 -18.29
N ASP A 39 -3.03 0.02 -18.31
CA ASP A 39 -3.66 0.48 -19.58
C ASP A 39 -2.75 1.49 -20.34
N PHE A 40 -1.56 1.77 -19.77
CA PHE A 40 -0.62 2.74 -20.37
C PHE A 40 -0.21 2.30 -21.80
N LYS A 41 0.15 3.29 -22.65
CA LYS A 41 0.44 3.05 -24.08
C LYS A 41 1.58 2.03 -24.28
N ASP A 42 2.58 2.08 -23.39
CA ASP A 42 3.81 1.26 -23.56
C ASP A 42 4.08 0.37 -22.31
N CYS A 43 2.99 -0.15 -21.71
CA CYS A 43 3.10 -1.07 -20.56
C CYS A 43 2.06 -2.21 -20.67
N GLU A 44 2.46 -3.41 -20.19
CA GLU A 44 1.59 -4.60 -20.27
C GLU A 44 1.59 -5.38 -18.92
N ARG A 45 2.10 -4.75 -17.86
CA ARG A 45 2.18 -5.38 -16.52
C ARG A 45 0.77 -5.70 -15.98
N ARG A 46 0.71 -6.69 -15.06
CA ARG A 46 -0.59 -7.21 -14.54
C ARG A 46 -0.64 -7.12 -13.02
N PHE A 47 -1.86 -7.11 -12.46
CA PHE A 47 -2.06 -7.03 -11.00
C PHE A 47 -3.30 -7.83 -10.58
N SER A 48 -3.52 -7.93 -9.26
CA SER A 48 -4.66 -8.71 -8.70
C SER A 48 -5.62 -7.80 -7.90
N ARG A 49 -5.26 -6.52 -7.75
CA ARG A 49 -6.06 -5.55 -6.96
C ARG A 49 -6.05 -4.16 -7.62
N SER A 50 -7.17 -3.43 -7.51
CA SER A 50 -7.26 -2.05 -8.05
C SER A 50 -6.24 -1.11 -7.37
N ASP A 51 -5.90 -1.42 -6.11
CA ASP A 51 -4.85 -0.67 -5.38
C ASP A 51 -3.48 -0.84 -6.04
N GLN A 52 -3.11 -2.10 -6.34
CA GLN A 52 -1.85 -2.39 -7.04
C GLN A 52 -1.81 -1.70 -8.41
N LEU A 53 -2.93 -1.81 -9.17
CA LEU A 53 -3.06 -1.13 -10.46
C LEU A 53 -2.78 0.36 -10.33
N LYS A 54 -3.50 1.04 -9.42
CA LYS A 54 -3.31 2.49 -9.17
C LYS A 54 -1.86 2.80 -8.75
N ARG A 55 -1.33 2.02 -7.81
CA ARG A 55 0.05 2.21 -7.30
C ARG A 55 1.07 2.19 -8.44
N HIS A 56 0.84 1.32 -9.43
CA HIS A 56 1.73 1.19 -10.58
C HIS A 56 1.46 2.31 -11.62
N GLN A 57 0.17 2.52 -11.97
CA GLN A 57 -0.22 3.54 -12.97
C GLN A 57 0.24 4.95 -12.56
N ARG A 58 0.30 5.19 -11.25
CA ARG A 58 0.79 6.48 -10.70
C ARG A 58 2.16 6.85 -11.26
N ARG A 59 3.02 5.84 -11.43
CA ARG A 59 4.40 6.07 -11.90
C ARG A 59 4.42 6.58 -13.35
N HIS A 60 3.37 6.26 -14.12
CA HIS A 60 3.24 6.72 -15.51
C HIS A 60 2.60 8.13 -15.57
N THR A 61 1.51 8.33 -14.80
CA THR A 61 0.71 9.58 -14.89
C THR A 61 1.32 10.71 -14.03
N GLY A 62 1.90 10.35 -12.88
CA GLY A 62 2.43 11.35 -11.93
C GLY A 62 1.31 11.97 -11.07
N VAL A 63 0.21 11.22 -10.87
CA VAL A 63 -0.95 11.70 -10.09
C VAL A 63 -0.67 11.66 -8.56
N LYS A 64 -0.61 12.83 -7.93
CA LYS A 64 -0.31 12.96 -6.48
C LYS A 64 -1.28 13.96 -5.80
N PRO A 65 -2.46 13.47 -5.35
CA PRO A 65 -3.55 14.34 -4.89
C PRO A 65 -3.43 14.73 -3.39
N PHE A 66 -2.36 14.28 -2.72
CA PHE A 66 -2.18 14.55 -1.27
C PHE A 66 -1.19 15.70 -1.05
N GLN A 67 -1.56 16.64 -0.17
CA GLN A 67 -0.77 17.85 0.08
C GLN A 67 -0.87 18.27 1.56
N CYS A 68 0.24 18.80 2.09
CA CYS A 68 0.26 19.34 3.45
C CYS A 68 -0.66 20.57 3.58
N LYS A 69 -1.06 20.87 4.83
CA LYS A 69 -1.89 22.04 5.13
C LYS A 69 -1.12 23.04 6.03
N THR A 70 0.22 22.91 6.05
CA THR A 70 1.09 23.77 6.88
C THR A 70 2.29 24.30 6.06
N CYS A 71 2.96 23.40 5.32
CA CYS A 71 4.06 23.78 4.41
C CYS A 71 3.67 23.53 2.92
N GLN A 72 2.48 22.92 2.70
CA GLN A 72 1.89 22.74 1.36
C GLN A 72 2.73 21.77 0.46
N ARG A 73 3.69 21.04 1.06
CA ARG A 73 4.45 20.00 0.31
C ARG A 73 3.50 18.92 -0.25
N LYS A 74 3.95 18.26 -1.31
CA LYS A 74 3.11 17.30 -2.07
C LYS A 74 3.64 15.87 -1.93
N PHE A 75 2.74 14.90 -1.73
CA PHE A 75 3.15 13.52 -1.45
C PHE A 75 2.37 12.52 -2.32
N SER A 76 3.05 11.46 -2.76
CA SER A 76 2.46 10.45 -3.65
C SER A 76 1.26 9.74 -2.98
N ARG A 77 1.41 9.38 -1.69
CA ARG A 77 0.39 8.58 -0.98
C ARG A 77 -0.06 9.29 0.32
N SER A 78 -1.25 8.91 0.80
CA SER A 78 -1.86 9.57 1.98
C SER A 78 -1.07 9.25 3.26
N ASP A 79 -0.58 8.02 3.38
CA ASP A 79 0.20 7.61 4.56
C ASP A 79 1.53 8.39 4.65
N HIS A 80 2.06 8.83 3.48
CA HIS A 80 3.25 9.70 3.44
C HIS A 80 2.91 11.08 4.01
N LEU A 81 1.77 11.64 3.59
CA LEU A 81 1.29 12.93 4.09
C LEU A 81 1.04 12.86 5.61
N LYS A 82 0.41 11.77 6.08
CA LYS A 82 0.13 11.56 7.51
C LYS A 82 1.45 11.50 8.32
N THR A 83 2.40 10.70 7.83
CA THR A 83 3.72 10.57 8.49
C THR A 83 4.44 11.93 8.56
N HIS A 84 4.44 12.66 7.42
CA HIS A 84 5.06 13.98 7.35
C HIS A 84 4.36 14.98 8.32
N THR A 85 3.03 14.93 8.39
CA THR A 85 2.26 15.86 9.24
C THR A 85 2.70 15.77 10.71
N ARG A 86 3.06 14.56 11.16
CA ARG A 86 3.50 14.32 12.56
C ARG A 86 4.77 15.14 12.90
N THR A 87 5.57 15.47 11.87
CA THR A 87 6.80 16.26 12.06
C THR A 87 6.47 17.74 12.39
N HIS A 88 5.27 18.20 12.01
CA HIS A 88 4.80 19.56 12.34
C HIS A 88 4.11 19.60 13.72
N THR A 89 3.41 18.52 14.07
CA THR A 89 2.64 18.45 15.34
C THR A 89 3.57 18.14 16.53
N GLY A 90 4.74 17.55 16.23
CA GLY A 90 5.72 17.23 17.29
C GLY A 90 5.56 15.79 17.82
N GLU A 91 4.61 15.04 17.26
CA GLU A 91 4.39 13.64 17.65
C GLU A 91 5.48 12.72 17.07
N LYS A 92 5.90 11.72 17.85
CA LYS A 92 6.96 10.78 17.44
C LYS A 92 6.57 9.32 17.81
N PRO A 93 5.86 8.61 16.89
CA PRO A 93 5.25 7.31 17.18
C PRO A 93 6.26 6.14 17.29
N PHE A 94 7.47 6.31 16.74
CA PHE A 94 8.47 5.21 16.71
C PHE A 94 9.25 5.14 18.04
N SER A 95 10.11 4.13 18.17
CA SER A 95 10.95 3.94 19.37
C SER A 95 12.24 3.17 19.03
N CYS A 96 13.28 3.37 19.83
CA CYS A 96 14.58 2.71 19.61
C CYS A 96 14.45 1.17 19.79
N ARG A 97 15.28 0.41 19.05
CA ARG A 97 15.22 -1.06 19.05
C ARG A 97 15.88 -1.64 20.32
N TRP A 98 16.96 -1.00 20.77
CA TRP A 98 17.77 -1.52 21.89
C TRP A 98 16.99 -1.43 23.23
N PRO A 99 17.17 -2.42 24.13
CA PRO A 99 16.52 -2.44 25.44
C PRO A 99 17.13 -1.44 26.43
N SER A 100 18.40 -1.05 26.18
CA SER A 100 19.11 -0.08 27.05
C SER A 100 18.84 1.38 26.60
N CYS A 101 17.97 1.55 25.60
CA CYS A 101 17.64 2.86 25.05
C CYS A 101 16.11 3.09 25.02
N GLN A 102 15.70 4.37 25.03
CA GLN A 102 14.26 4.72 25.11
C GLN A 102 13.94 5.97 24.24
N LYS A 103 14.83 6.30 23.29
CA LYS A 103 14.62 7.41 22.36
C LYS A 103 13.40 7.13 21.45
N LYS A 104 12.79 8.21 20.95
CA LYS A 104 11.59 8.10 20.08
C LYS A 104 11.78 8.93 18.81
N PHE A 105 11.18 8.48 17.71
CA PHE A 105 11.34 9.11 16.40
C PHE A 105 10.00 9.16 15.65
N ALA A 106 9.98 9.81 14.49
CA ALA A 106 8.75 9.96 13.72
C ALA A 106 8.92 9.48 12.26
N ARG A 107 10.18 9.32 11.82
CA ARG A 107 10.49 8.70 10.54
C ARG A 107 11.40 7.50 10.71
N SER A 108 11.22 6.50 9.87
CA SER A 108 12.13 5.34 9.82
C SER A 108 13.58 5.77 9.49
N ASP A 109 13.71 6.91 8.79
CA ASP A 109 15.02 7.52 8.52
C ASP A 109 15.78 7.79 9.81
N GLU A 110 15.11 8.44 10.77
CA GLU A 110 15.72 8.76 12.06
C GLU A 110 16.04 7.48 12.85
N LEU A 111 15.09 6.53 12.83
CA LEU A 111 15.25 5.26 13.56
C LEU A 111 16.48 4.47 13.05
N VAL A 112 16.58 4.34 11.72
CA VAL A 112 17.71 3.61 11.10
C VAL A 112 19.04 4.32 11.35
N ARG A 113 19.03 5.65 11.25
CA ARG A 113 20.24 6.47 11.53
C ARG A 113 20.70 6.31 12.99
N HIS A 114 19.75 6.24 13.91
CA HIS A 114 20.05 6.03 15.34
C HIS A 114 20.56 4.60 15.57
N HIS A 115 19.99 3.62 14.86
CA HIS A 115 20.42 2.22 14.95
C HIS A 115 21.86 2.05 14.39
N ASN A 116 22.28 2.94 13.48
CA ASN A 116 23.65 2.95 12.97
C ASN A 116 24.62 3.54 14.03
N MET A 117 24.16 4.53 14.79
CA MET A 117 24.95 5.12 15.87
C MET A 117 25.23 4.08 16.99
N HIS A 118 24.22 3.25 17.29
CA HIS A 118 24.39 2.10 18.18
C HIS A 118 25.35 1.08 17.56
N SER A 1 -29.21 -11.87 3.99
CA SER A 1 -29.49 -11.64 2.57
C SER A 1 -28.97 -10.25 2.11
N GLU A 2 -28.43 -9.48 3.05
CA GLU A 2 -27.89 -8.14 2.76
C GLU A 2 -26.61 -8.23 1.88
N LYS A 3 -25.94 -9.39 1.92
CA LYS A 3 -24.74 -9.65 1.10
C LYS A 3 -24.85 -11.00 0.40
N ARG A 4 -24.03 -11.20 -0.64
CA ARG A 4 -24.04 -12.44 -1.45
C ARG A 4 -22.60 -12.90 -1.73
N PRO A 5 -22.01 -13.74 -0.84
CA PRO A 5 -20.65 -14.23 -0.98
C PRO A 5 -20.53 -15.37 -2.02
N PHE A 6 -19.32 -15.60 -2.51
CA PHE A 6 -19.04 -16.67 -3.48
C PHE A 6 -17.65 -17.28 -3.23
N MET A 7 -17.48 -18.55 -3.59
CA MET A 7 -16.22 -19.27 -3.35
C MET A 7 -15.65 -19.85 -4.66
N CYS A 8 -14.34 -20.11 -4.67
CA CYS A 8 -13.66 -20.67 -5.83
C CYS A 8 -14.01 -22.16 -6.02
N ALA A 9 -14.05 -22.61 -7.28
CA ALA A 9 -14.42 -23.99 -7.60
C ALA A 9 -13.17 -24.91 -7.70
N TYR A 10 -11.97 -24.31 -7.76
CA TYR A 10 -10.73 -25.07 -7.88
C TYR A 10 -10.40 -25.82 -6.55
N PRO A 11 -10.06 -27.12 -6.63
CA PRO A 11 -9.79 -27.95 -5.45
C PRO A 11 -8.51 -27.52 -4.72
N GLY A 12 -8.56 -27.51 -3.38
CA GLY A 12 -7.42 -27.08 -2.57
C GLY A 12 -7.41 -25.57 -2.32
N CYS A 13 -7.82 -24.79 -3.34
CA CYS A 13 -7.96 -23.34 -3.21
C CYS A 13 -9.26 -23.00 -2.44
N ASN A 14 -10.40 -23.08 -3.15
CA ASN A 14 -11.73 -22.81 -2.55
C ASN A 14 -11.73 -21.53 -1.66
N LYS A 15 -10.99 -20.49 -2.10
CA LYS A 15 -11.04 -19.16 -1.43
C LYS A 15 -12.45 -18.56 -1.53
N ARG A 16 -12.72 -17.52 -0.74
CA ARG A 16 -14.06 -16.90 -0.68
C ARG A 16 -13.97 -15.37 -0.86
N TYR A 17 -15.02 -14.79 -1.46
CA TYR A 17 -15.11 -13.34 -1.68
C TYR A 17 -16.54 -12.84 -1.42
N PHE A 18 -16.68 -11.53 -1.18
CA PHE A 18 -17.97 -10.95 -0.77
C PHE A 18 -18.72 -10.31 -1.98
N LYS A 19 -18.23 -10.56 -3.20
CA LYS A 19 -18.86 -10.06 -4.44
C LYS A 19 -18.57 -10.98 -5.64
N LEU A 20 -19.56 -11.13 -6.52
CA LEU A 20 -19.40 -11.96 -7.74
C LEU A 20 -18.34 -11.37 -8.69
N SER A 21 -18.11 -10.05 -8.59
CA SER A 21 -17.12 -9.36 -9.42
C SER A 21 -15.69 -9.86 -9.12
N HIS A 22 -15.45 -10.25 -7.86
CA HIS A 22 -14.14 -10.81 -7.46
C HIS A 22 -14.00 -12.26 -7.93
N LEU A 23 -15.11 -13.01 -7.87
CA LEU A 23 -15.12 -14.44 -8.26
C LEU A 23 -14.74 -14.61 -9.75
N GLN A 24 -15.28 -13.74 -10.61
CA GLN A 24 -15.03 -13.80 -12.07
C GLN A 24 -13.56 -13.42 -12.40
N MET A 25 -12.97 -12.55 -11.58
CA MET A 25 -11.56 -12.17 -11.73
C MET A 25 -10.63 -13.30 -11.24
N HIS A 26 -10.97 -13.91 -10.10
CA HIS A 26 -10.14 -14.94 -9.47
C HIS A 26 -10.14 -16.23 -10.31
N SER A 27 -11.34 -16.74 -10.63
CA SER A 27 -11.47 -18.05 -11.31
C SER A 27 -10.61 -18.13 -12.58
N ARG A 28 -10.51 -17.01 -13.31
CA ARG A 28 -9.77 -16.95 -14.59
C ARG A 28 -8.25 -17.11 -14.36
N LYS A 29 -7.76 -16.69 -13.18
CA LYS A 29 -6.33 -16.80 -12.83
C LYS A 29 -5.88 -18.28 -12.79
N HIS A 30 -6.80 -19.18 -12.45
CA HIS A 30 -6.52 -20.63 -12.47
C HIS A 30 -6.45 -21.16 -13.91
N THR A 31 -7.39 -20.71 -14.76
CA THR A 31 -7.42 -21.12 -16.18
C THR A 31 -6.14 -20.65 -16.91
N GLY A 32 -5.64 -19.47 -16.52
CA GLY A 32 -4.35 -18.96 -17.04
C GLY A 32 -4.50 -17.58 -17.71
N GLU A 33 -5.45 -16.77 -17.21
CA GLU A 33 -5.69 -15.43 -17.77
C GLU A 33 -5.59 -14.37 -16.65
N LYS A 34 -4.89 -13.26 -16.96
CA LYS A 34 -4.71 -12.16 -15.99
C LYS A 34 -6.02 -11.39 -15.75
N PRO A 35 -6.35 -11.07 -14.48
CA PRO A 35 -7.58 -10.35 -14.14
C PRO A 35 -7.48 -8.83 -14.39
N TYR A 36 -6.36 -8.21 -13.97
CA TYR A 36 -6.16 -6.74 -14.14
C TYR A 36 -4.86 -6.47 -14.91
N GLN A 37 -4.82 -5.34 -15.64
CA GLN A 37 -3.62 -4.93 -16.39
C GLN A 37 -3.61 -3.41 -16.61
N CYS A 38 -2.41 -2.82 -16.64
CA CYS A 38 -2.24 -1.38 -16.86
C CYS A 38 -2.73 -0.98 -18.26
N ASP A 39 -3.76 -0.13 -18.31
CA ASP A 39 -4.38 0.28 -19.59
C ASP A 39 -3.52 1.33 -20.35
N PHE A 40 -2.39 1.75 -19.74
CA PHE A 40 -1.50 2.75 -20.35
C PHE A 40 -1.00 2.29 -21.74
N LYS A 41 -0.77 3.27 -22.64
CA LYS A 41 -0.43 3.00 -24.05
C LYS A 41 0.78 2.05 -24.18
N ASP A 42 1.82 2.31 -23.39
CA ASP A 42 3.11 1.61 -23.53
C ASP A 42 3.44 0.79 -22.24
N CYS A 43 2.43 0.07 -21.73
CA CYS A 43 2.61 -0.79 -20.53
C CYS A 43 1.85 -2.12 -20.70
N GLU A 44 2.42 -3.20 -20.13
CA GLU A 44 1.85 -4.55 -20.24
C GLU A 44 1.81 -5.26 -18.86
N ARG A 45 2.15 -4.52 -17.78
CA ARG A 45 2.14 -5.08 -16.41
C ARG A 45 0.72 -5.56 -16.02
N ARG A 46 0.67 -6.62 -15.20
CA ARG A 46 -0.61 -7.21 -14.73
C ARG A 46 -0.68 -7.21 -13.20
N PHE A 47 -1.89 -7.28 -12.67
CA PHE A 47 -2.12 -7.20 -11.21
C PHE A 47 -3.28 -8.12 -10.81
N SER A 48 -3.45 -8.34 -9.49
CA SER A 48 -4.49 -9.25 -8.97
C SER A 48 -5.61 -8.48 -8.23
N ARG A 49 -5.47 -7.13 -8.14
CA ARG A 49 -6.55 -6.28 -7.59
C ARG A 49 -6.47 -4.83 -8.12
N SER A 50 -7.62 -4.13 -8.09
CA SER A 50 -7.72 -2.74 -8.60
C SER A 50 -6.84 -1.77 -7.78
N ASP A 51 -6.67 -2.04 -6.48
CA ASP A 51 -5.81 -1.21 -5.61
C ASP A 51 -4.37 -1.19 -6.15
N GLN A 52 -3.86 -2.36 -6.53
CA GLN A 52 -2.53 -2.48 -7.11
C GLN A 52 -2.47 -1.78 -8.48
N LEU A 53 -3.52 -1.96 -9.29
CA LEU A 53 -3.60 -1.38 -10.64
C LEU A 53 -3.46 0.16 -10.59
N LYS A 54 -4.36 0.83 -9.85
CA LYS A 54 -4.37 2.30 -9.79
C LYS A 54 -3.06 2.84 -9.20
N ARG A 55 -2.51 2.11 -8.20
CA ARG A 55 -1.26 2.51 -7.54
C ARG A 55 -0.08 2.44 -8.52
N HIS A 56 0.00 1.35 -9.29
CA HIS A 56 1.05 1.19 -10.30
C HIS A 56 0.97 2.32 -11.36
N GLN A 57 -0.26 2.60 -11.82
CA GLN A 57 -0.47 3.55 -12.92
C GLN A 57 -0.10 5.00 -12.50
N ARG A 58 -0.02 5.25 -11.17
CA ARG A 58 0.33 6.59 -10.65
C ARG A 58 1.70 7.06 -11.18
N ARG A 59 2.58 6.11 -11.53
CA ARG A 59 3.91 6.44 -12.07
C ARG A 59 3.84 6.91 -13.53
N HIS A 60 2.81 6.46 -14.27
CA HIS A 60 2.59 6.90 -15.65
C HIS A 60 1.93 8.28 -15.68
N THR A 61 0.86 8.46 -14.88
CA THR A 61 0.07 9.71 -14.90
C THR A 61 0.76 10.83 -14.09
N GLY A 62 1.48 10.44 -13.02
CA GLY A 62 2.07 11.41 -12.11
C GLY A 62 1.04 12.01 -11.13
N VAL A 63 -0.07 11.28 -10.91
CA VAL A 63 -1.15 11.74 -10.01
C VAL A 63 -0.75 11.52 -8.53
N LYS A 64 -0.59 12.63 -7.79
CA LYS A 64 -0.20 12.58 -6.37
C LYS A 64 -1.16 13.44 -5.51
N PRO A 65 -2.31 12.84 -5.09
CA PRO A 65 -3.35 13.56 -4.34
C PRO A 65 -3.02 13.71 -2.84
N PHE A 66 -1.89 13.14 -2.40
CA PHE A 66 -1.50 13.16 -1.00
C PHE A 66 -0.62 14.39 -0.71
N GLN A 67 -1.13 15.30 0.12
CA GLN A 67 -0.48 16.59 0.37
C GLN A 67 -0.60 16.99 1.84
N CYS A 68 0.45 17.63 2.38
CA CYS A 68 0.42 18.18 3.73
C CYS A 68 -0.66 19.28 3.84
N LYS A 69 -1.03 19.61 5.08
CA LYS A 69 -2.03 20.66 5.37
C LYS A 69 -1.39 21.79 6.19
N THR A 70 -0.04 21.83 6.23
CA THR A 70 0.70 22.82 7.02
C THR A 70 1.82 23.46 6.18
N CYS A 71 2.64 22.61 5.53
CA CYS A 71 3.69 23.09 4.60
C CYS A 71 3.29 22.84 3.11
N GLN A 72 2.19 22.08 2.91
CA GLN A 72 1.58 21.86 1.59
C GLN A 72 2.46 21.00 0.65
N ARG A 73 3.52 20.37 1.21
CA ARG A 73 4.37 19.44 0.42
C ARG A 73 3.56 18.22 -0.08
N LYS A 74 4.06 17.57 -1.13
CA LYS A 74 3.30 16.52 -1.86
C LYS A 74 4.04 15.17 -1.83
N PHE A 75 3.27 14.07 -1.79
CA PHE A 75 3.86 12.73 -1.61
C PHE A 75 3.20 11.69 -2.52
N SER A 76 3.98 10.67 -2.91
CA SER A 76 3.49 9.59 -3.79
C SER A 76 2.40 8.74 -3.11
N ARG A 77 2.48 8.60 -1.77
CA ARG A 77 1.56 7.72 -1.00
C ARG A 77 1.08 8.41 0.29
N SER A 78 -0.12 8.02 0.75
CA SER A 78 -0.72 8.58 1.98
C SER A 78 0.14 8.24 3.21
N ASP A 79 0.74 7.05 3.22
CA ASP A 79 1.58 6.60 4.33
C ASP A 79 2.75 7.58 4.60
N HIS A 80 3.26 8.20 3.52
CA HIS A 80 4.33 9.20 3.62
C HIS A 80 3.79 10.52 4.17
N LEU A 81 2.60 10.93 3.69
CA LEU A 81 1.92 12.13 4.17
C LEU A 81 1.66 12.05 5.69
N LYS A 82 1.07 10.92 6.13
CA LYS A 82 0.73 10.72 7.56
C LYS A 82 1.98 10.74 8.43
N THR A 83 3.04 10.04 7.99
CA THR A 83 4.31 10.00 8.74
C THR A 83 4.91 11.40 8.89
N HIS A 84 4.94 12.15 7.78
CA HIS A 84 5.48 13.52 7.77
C HIS A 84 4.65 14.45 8.68
N THR A 85 3.31 14.34 8.63
CA THR A 85 2.42 15.23 9.41
C THR A 85 2.83 15.26 10.90
N ARG A 86 3.30 14.11 11.42
CA ARG A 86 3.73 13.99 12.83
C ARG A 86 4.86 14.99 13.17
N THR A 87 5.69 15.33 12.18
CA THR A 87 6.82 16.24 12.38
C THR A 87 6.35 17.69 12.66
N HIS A 88 5.09 18.00 12.29
CA HIS A 88 4.49 19.33 12.56
C HIS A 88 3.74 19.34 13.91
N THR A 89 3.10 18.20 14.24
CA THR A 89 2.29 18.10 15.48
C THR A 89 3.19 17.98 16.73
N GLY A 90 4.43 17.52 16.52
CA GLY A 90 5.41 17.41 17.62
C GLY A 90 5.49 15.99 18.20
N GLU A 91 4.63 15.08 17.71
CA GLU A 91 4.63 13.69 18.15
C GLU A 91 5.76 12.89 17.45
N LYS A 92 6.27 11.85 18.14
CA LYS A 92 7.36 11.01 17.61
C LYS A 92 7.12 9.52 17.95
N PRO A 93 6.60 8.73 16.98
CA PRO A 93 6.11 7.37 17.23
C PRO A 93 7.22 6.30 17.42
N PHE A 94 8.42 6.54 16.86
CA PHE A 94 9.51 5.55 16.92
C PHE A 94 10.24 5.60 18.27
N SER A 95 11.20 4.68 18.48
CA SER A 95 12.00 4.64 19.71
C SER A 95 13.36 3.98 19.46
N CYS A 96 14.33 4.24 20.36
CA CYS A 96 15.69 3.71 20.23
C CYS A 96 15.68 2.16 20.22
N ARG A 97 16.58 1.57 19.43
CA ARG A 97 16.68 0.09 19.29
C ARG A 97 17.22 -0.54 20.58
N TRP A 98 18.19 0.12 21.21
CA TRP A 98 18.85 -0.41 22.41
C TRP A 98 17.87 -0.47 23.61
N PRO A 99 17.96 -1.53 24.45
CA PRO A 99 17.07 -1.71 25.60
C PRO A 99 17.41 -0.75 26.77
N SER A 100 18.68 -0.35 26.86
CA SER A 100 19.14 0.55 27.93
C SER A 100 18.81 2.03 27.61
N CYS A 101 18.42 2.29 26.36
CA CYS A 101 18.11 3.65 25.90
C CYS A 101 16.58 3.85 25.76
N GLN A 102 16.14 5.12 25.71
CA GLN A 102 14.69 5.45 25.73
C GLN A 102 14.39 6.73 24.90
N LYS A 103 15.20 6.99 23.87
CA LYS A 103 14.94 8.10 22.93
C LYS A 103 13.74 7.77 22.03
N LYS A 104 13.19 8.79 21.36
CA LYS A 104 12.07 8.60 20.41
C LYS A 104 12.23 9.50 19.19
N PHE A 105 11.72 9.03 18.05
CA PHE A 105 11.94 9.68 16.74
C PHE A 105 10.67 9.59 15.87
N ALA A 106 10.70 10.21 14.70
CA ALA A 106 9.53 10.25 13.82
C ALA A 106 9.87 9.79 12.38
N ARG A 107 11.16 9.87 12.01
CA ARG A 107 11.65 9.30 10.75
C ARG A 107 12.68 8.21 11.01
N SER A 108 12.68 7.19 10.17
CA SER A 108 13.63 6.06 10.29
C SER A 108 15.08 6.54 10.18
N ASP A 109 15.30 7.67 9.47
CA ASP A 109 16.62 8.26 9.32
C ASP A 109 17.15 8.78 10.66
N GLU A 110 16.27 9.45 11.42
CA GLU A 110 16.62 9.92 12.78
C GLU A 110 16.98 8.73 13.68
N LEU A 111 16.18 7.66 13.62
CA LEU A 111 16.43 6.45 14.41
C LEU A 111 17.83 5.86 14.06
N VAL A 112 18.12 5.75 12.75
CA VAL A 112 19.42 5.25 12.27
C VAL A 112 20.56 6.20 12.68
N ARG A 113 20.30 7.51 12.66
CA ARG A 113 21.29 8.53 13.06
C ARG A 113 21.75 8.31 14.52
N HIS A 114 20.79 7.98 15.39
CA HIS A 114 21.09 7.71 16.80
C HIS A 114 21.74 6.31 16.97
N HIS A 115 21.31 5.35 16.15
CA HIS A 115 21.89 3.99 16.15
C HIS A 115 23.40 4.03 15.76
N ASN A 116 23.78 5.05 14.96
CA ASN A 116 25.19 5.26 14.60
C ASN A 116 25.98 5.86 15.79
N MET A 117 25.30 6.68 16.62
CA MET A 117 25.92 7.28 17.80
C MET A 117 26.28 6.19 18.85
N HIS A 118 25.40 5.18 18.98
CA HIS A 118 25.68 4.03 19.86
C HIS A 118 26.89 3.24 19.34
N SER A 1 -11.41 -17.95 7.10
CA SER A 1 -12.81 -17.52 6.95
C SER A 1 -13.29 -16.75 8.20
N GLU A 2 -12.35 -16.41 9.10
CA GLU A 2 -12.67 -15.73 10.36
C GLU A 2 -13.24 -14.31 10.10
N LYS A 3 -12.67 -13.61 9.11
CA LYS A 3 -13.11 -12.22 8.80
C LYS A 3 -14.46 -12.23 8.05
N ARG A 4 -14.62 -13.18 7.11
CA ARG A 4 -15.91 -13.39 6.40
C ARG A 4 -15.93 -14.80 5.75
N PRO A 5 -17.14 -15.37 5.54
CA PRO A 5 -17.28 -16.77 5.14
C PRO A 5 -17.23 -17.00 3.59
N PHE A 6 -16.10 -16.64 2.97
CA PHE A 6 -15.83 -16.99 1.56
C PHE A 6 -14.40 -17.51 1.41
N MET A 7 -14.22 -18.56 0.61
CA MET A 7 -12.88 -19.15 0.39
C MET A 7 -12.59 -19.33 -1.11
N CYS A 8 -11.29 -19.46 -1.44
CA CYS A 8 -10.85 -19.64 -2.84
C CYS A 8 -11.33 -21.00 -3.40
N ALA A 9 -11.71 -20.99 -4.68
CA ALA A 9 -12.26 -22.20 -5.33
C ALA A 9 -11.18 -23.28 -5.51
N TYR A 10 -9.91 -22.87 -5.61
CA TYR A 10 -8.80 -23.81 -5.80
C TYR A 10 -8.41 -24.49 -4.45
N PRO A 11 -8.24 -25.83 -4.44
CA PRO A 11 -7.98 -26.58 -3.21
C PRO A 11 -6.57 -26.35 -2.65
N GLY A 12 -5.60 -26.08 -3.53
CA GLY A 12 -4.22 -25.83 -3.10
C GLY A 12 -4.03 -24.44 -2.46
N CYS A 13 -4.92 -23.51 -2.82
CA CYS A 13 -4.87 -22.13 -2.32
C CYS A 13 -5.87 -21.93 -1.16
N ASN A 14 -7.17 -22.02 -1.50
CA ASN A 14 -8.25 -21.99 -0.50
C ASN A 14 -8.20 -20.71 0.41
N LYS A 15 -7.54 -19.64 -0.09
CA LYS A 15 -7.41 -18.37 0.67
C LYS A 15 -8.80 -17.85 1.09
N ARG A 16 -8.88 -17.34 2.33
CA ARG A 16 -10.13 -16.79 2.86
C ARG A 16 -10.43 -15.38 2.28
N TYR A 17 -11.46 -15.30 1.45
CA TYR A 17 -11.92 -14.03 0.86
C TYR A 17 -13.11 -13.45 1.67
N PHE A 18 -13.58 -12.26 1.27
CA PHE A 18 -14.66 -11.56 2.02
C PHE A 18 -15.71 -10.97 1.06
N LYS A 19 -15.64 -11.32 -0.25
CA LYS A 19 -16.60 -10.84 -1.25
C LYS A 19 -16.61 -11.74 -2.49
N LEU A 20 -17.79 -11.93 -3.10
CA LEU A 20 -17.94 -12.81 -4.27
C LEU A 20 -17.25 -12.19 -5.52
N SER A 21 -17.20 -10.86 -5.59
CA SER A 21 -16.54 -10.15 -6.72
C SER A 21 -15.01 -10.33 -6.67
N HIS A 22 -14.47 -10.51 -5.46
CA HIS A 22 -13.02 -10.76 -5.28
C HIS A 22 -12.70 -12.25 -5.42
N LEU A 23 -13.70 -13.10 -5.12
CA LEU A 23 -13.56 -14.55 -5.27
C LEU A 23 -13.39 -14.92 -6.76
N GLN A 24 -14.22 -14.32 -7.62
CA GLN A 24 -14.14 -14.55 -9.07
C GLN A 24 -12.88 -13.91 -9.68
N MET A 25 -12.54 -12.71 -9.18
CA MET A 25 -11.35 -11.97 -9.66
C MET A 25 -10.07 -12.78 -9.39
N HIS A 26 -9.96 -13.34 -8.18
CA HIS A 26 -8.81 -14.16 -7.80
C HIS A 26 -8.81 -15.50 -8.58
N SER A 27 -9.99 -16.06 -8.82
CA SER A 27 -10.11 -17.37 -9.53
C SER A 27 -9.45 -17.31 -10.93
N ARG A 28 -9.50 -16.13 -11.56
CA ARG A 28 -8.85 -15.93 -12.88
C ARG A 28 -7.32 -16.11 -12.79
N LYS A 29 -6.75 -15.81 -11.62
CA LYS A 29 -5.29 -15.96 -11.40
C LYS A 29 -4.87 -17.44 -11.39
N HIS A 30 -5.83 -18.34 -11.10
CA HIS A 30 -5.56 -19.79 -11.10
C HIS A 30 -5.68 -20.38 -12.53
N THR A 31 -6.70 -19.95 -13.28
CA THR A 31 -6.88 -20.40 -14.69
C THR A 31 -5.73 -19.86 -15.58
N GLY A 32 -5.30 -18.63 -15.29
CA GLY A 32 -4.09 -18.07 -15.96
C GLY A 32 -4.37 -16.73 -16.67
N GLU A 33 -5.36 -15.98 -16.18
CA GLU A 33 -5.73 -14.68 -16.76
C GLU A 33 -5.64 -13.56 -15.71
N LYS A 34 -5.06 -12.42 -16.10
CA LYS A 34 -4.92 -11.26 -15.20
C LYS A 34 -6.15 -10.33 -15.31
N PRO A 35 -6.67 -9.86 -14.15
CA PRO A 35 -7.84 -8.98 -14.12
C PRO A 35 -7.48 -7.51 -14.45
N TYR A 36 -6.33 -7.03 -13.95
CA TYR A 36 -5.91 -5.64 -14.15
C TYR A 36 -4.62 -5.57 -14.98
N GLN A 37 -4.44 -4.46 -15.68
CA GLN A 37 -3.22 -4.19 -16.45
C GLN A 37 -3.10 -2.69 -16.77
N CYS A 38 -1.87 -2.18 -16.76
CA CYS A 38 -1.61 -0.78 -17.06
C CYS A 38 -1.99 -0.46 -18.54
N ASP A 39 -2.97 0.45 -18.71
CA ASP A 39 -3.51 0.76 -20.04
C ASP A 39 -2.61 1.81 -20.78
N PHE A 40 -1.48 2.19 -20.17
CA PHE A 40 -0.56 3.17 -20.77
C PHE A 40 -0.05 2.70 -22.14
N LYS A 41 0.33 3.67 -23.00
CA LYS A 41 0.72 3.39 -24.40
C LYS A 41 1.89 2.38 -24.49
N ASP A 42 2.82 2.46 -23.53
CA ASP A 42 4.06 1.65 -23.58
C ASP A 42 4.26 0.87 -22.25
N CYS A 43 3.16 0.27 -21.74
CA CYS A 43 3.21 -0.56 -20.53
C CYS A 43 2.29 -1.79 -20.66
N GLU A 44 2.71 -2.92 -20.08
CA GLU A 44 1.93 -4.19 -20.14
C GLU A 44 1.88 -4.87 -18.75
N ARG A 45 2.34 -4.17 -17.70
CA ARG A 45 2.39 -4.72 -16.33
C ARG A 45 0.97 -5.06 -15.83
N ARG A 46 0.85 -6.22 -15.16
CA ARG A 46 -0.46 -6.75 -14.69
C ARG A 46 -0.57 -6.66 -13.16
N PHE A 47 -1.81 -6.65 -12.66
CA PHE A 47 -2.08 -6.54 -11.21
C PHE A 47 -3.34 -7.35 -10.83
N SER A 48 -3.60 -7.48 -9.51
CA SER A 48 -4.76 -8.26 -9.02
C SER A 48 -5.74 -7.37 -8.21
N ARG A 49 -5.36 -6.09 -7.99
CA ARG A 49 -6.23 -5.13 -7.25
C ARG A 49 -6.20 -3.75 -7.91
N SER A 50 -7.32 -3.02 -7.80
CA SER A 50 -7.40 -1.62 -8.28
C SER A 50 -6.33 -0.74 -7.59
N ASP A 51 -6.05 -1.04 -6.31
CA ASP A 51 -5.03 -0.31 -5.54
C ASP A 51 -3.64 -0.45 -6.17
N GLN A 52 -3.25 -1.69 -6.47
CA GLN A 52 -1.94 -1.97 -7.07
C GLN A 52 -1.80 -1.27 -8.43
N LEU A 53 -2.84 -1.39 -9.28
CA LEU A 53 -2.84 -0.77 -10.61
C LEU A 53 -2.64 0.75 -10.51
N LYS A 54 -3.45 1.41 -9.68
CA LYS A 54 -3.39 2.89 -9.55
C LYS A 54 -2.04 3.34 -9.01
N ARG A 55 -1.55 2.66 -7.97
CA ARG A 55 -0.24 3.00 -7.36
C ARG A 55 0.88 2.97 -8.41
N HIS A 56 0.83 1.97 -9.30
CA HIS A 56 1.82 1.84 -10.37
C HIS A 56 1.63 2.93 -11.45
N GLN A 57 0.40 3.10 -11.93
CA GLN A 57 0.12 3.95 -13.11
C GLN A 57 0.51 5.42 -12.86
N ARG A 58 0.55 5.83 -11.58
CA ARG A 58 0.98 7.19 -11.20
C ARG A 58 2.38 7.52 -11.75
N ARG A 59 3.23 6.50 -11.93
CA ARG A 59 4.60 6.69 -12.43
C ARG A 59 4.60 7.23 -13.87
N HIS A 60 3.52 6.93 -14.62
CA HIS A 60 3.39 7.41 -16.00
C HIS A 60 2.80 8.84 -16.04
N THR A 61 1.73 9.08 -15.25
CA THR A 61 1.00 10.36 -15.32
C THR A 61 1.69 11.47 -14.52
N GLY A 62 2.29 11.09 -13.37
CA GLY A 62 2.88 12.08 -12.45
C GLY A 62 1.80 12.80 -11.61
N VAL A 63 0.65 12.14 -11.39
CA VAL A 63 -0.48 12.74 -10.66
C VAL A 63 -0.22 12.74 -9.13
N LYS A 64 -0.09 13.94 -8.54
CA LYS A 64 0.17 14.09 -7.09
C LYS A 64 -0.92 14.98 -6.43
N PRO A 65 -2.04 14.37 -5.99
CA PRO A 65 -3.20 15.10 -5.46
C PRO A 65 -3.06 15.43 -3.95
N PHE A 66 -1.98 14.97 -3.31
CA PHE A 66 -1.78 15.14 -1.86
C PHE A 66 -0.91 16.37 -1.57
N GLN A 67 -1.39 17.25 -0.68
CA GLN A 67 -0.67 18.48 -0.34
C GLN A 67 -0.90 18.88 1.13
N CYS A 68 0.16 19.37 1.78
CA CYS A 68 0.05 19.91 3.14
C CYS A 68 -0.89 21.14 3.17
N LYS A 69 -1.34 21.49 4.38
CA LYS A 69 -2.16 22.70 4.60
C LYS A 69 -1.49 23.63 5.63
N THR A 70 -0.17 23.47 5.79
CA THR A 70 0.62 24.31 6.72
C THR A 70 1.86 24.88 6.01
N CYS A 71 2.64 24.01 5.35
CA CYS A 71 3.80 24.44 4.55
C CYS A 71 3.52 24.24 3.02
N GLN A 72 2.37 23.62 2.71
CA GLN A 72 1.85 23.51 1.32
C GLN A 72 2.67 22.52 0.45
N ARG A 73 3.61 21.79 1.09
CA ARG A 73 4.42 20.77 0.37
C ARG A 73 3.52 19.73 -0.33
N LYS A 74 4.04 19.17 -1.42
CA LYS A 74 3.28 18.24 -2.29
C LYS A 74 3.89 16.83 -2.26
N PHE A 75 3.04 15.81 -2.16
CA PHE A 75 3.52 14.44 -1.91
C PHE A 75 2.86 13.43 -2.86
N SER A 76 3.61 12.39 -3.23
CA SER A 76 3.15 11.39 -4.21
C SER A 76 2.08 10.45 -3.62
N ARG A 77 2.10 10.26 -2.28
CA ARG A 77 1.14 9.35 -1.60
C ARG A 77 0.60 9.98 -0.31
N SER A 78 -0.55 9.47 0.17
CA SER A 78 -1.20 9.98 1.38
C SER A 78 -0.39 9.60 2.64
N ASP A 79 0.16 8.38 2.67
CA ASP A 79 0.94 7.91 3.82
C ASP A 79 2.24 8.73 3.98
N HIS A 80 2.75 9.26 2.86
CA HIS A 80 3.90 10.19 2.90
C HIS A 80 3.48 11.54 3.52
N LEU A 81 2.26 11.99 3.19
CA LEU A 81 1.72 13.26 3.70
C LEU A 81 1.45 13.17 5.21
N LYS A 82 0.85 12.07 5.66
CA LYS A 82 0.50 11.88 7.09
C LYS A 82 1.77 11.81 7.95
N THR A 83 2.80 11.12 7.43
CA THR A 83 4.11 11.04 8.12
C THR A 83 4.73 12.45 8.26
N HIS A 84 4.62 13.26 7.19
CA HIS A 84 5.12 14.64 7.19
C HIS A 84 4.31 15.51 8.18
N THR A 85 2.98 15.39 8.14
CA THR A 85 2.09 16.26 8.96
C THR A 85 2.43 16.14 10.45
N ARG A 86 2.84 14.94 10.89
CA ARG A 86 3.15 14.69 12.30
C ARG A 86 4.44 15.44 12.76
N THR A 87 5.24 15.92 11.79
CA THR A 87 6.43 16.73 12.09
C THR A 87 6.03 18.17 12.52
N HIS A 88 4.83 18.61 12.09
CA HIS A 88 4.29 19.93 12.50
C HIS A 88 3.60 19.83 13.89
N THR A 89 3.07 18.65 14.22
CA THR A 89 2.34 18.44 15.49
C THR A 89 3.31 18.03 16.62
N GLY A 90 4.50 17.52 16.26
CA GLY A 90 5.51 17.12 17.23
C GLY A 90 5.34 15.66 17.69
N GLU A 91 4.39 14.94 17.08
CA GLU A 91 4.13 13.53 17.42
C GLU A 91 5.18 12.60 16.78
N LYS A 92 5.49 11.49 17.48
CA LYS A 92 6.49 10.51 17.00
C LYS A 92 5.89 9.08 17.04
N PRO A 93 5.18 8.67 15.96
CA PRO A 93 4.38 7.44 15.95
C PRO A 93 5.23 6.14 15.99
N PHE A 94 6.50 6.22 15.57
CA PHE A 94 7.36 5.04 15.45
C PHE A 94 8.11 4.76 16.77
N SER A 95 8.79 3.62 16.83
CA SER A 95 9.56 3.24 18.02
C SER A 95 10.69 2.28 17.64
N CYS A 96 11.70 2.16 18.52
CA CYS A 96 12.78 1.20 18.33
C CYS A 96 12.26 -0.24 18.54
N ARG A 97 12.71 -1.17 17.68
CA ARG A 97 12.20 -2.56 17.67
C ARG A 97 12.90 -3.42 18.73
N TRP A 98 14.11 -3.01 19.14
CA TRP A 98 14.91 -3.77 20.10
C TRP A 98 14.23 -3.79 21.50
N PRO A 99 14.38 -4.91 22.25
CA PRO A 99 13.81 -5.04 23.60
C PRO A 99 14.57 -4.21 24.65
N SER A 100 15.85 -3.93 24.37
CA SER A 100 16.73 -3.16 25.29
C SER A 100 16.64 -1.64 25.02
N CYS A 101 15.73 -1.25 24.12
CA CYS A 101 15.58 0.16 23.70
C CYS A 101 14.10 0.59 23.71
N GLN A 102 13.86 1.89 23.89
CA GLN A 102 12.48 2.42 24.05
C GLN A 102 12.34 3.82 23.39
N LYS A 103 13.28 4.17 22.49
CA LYS A 103 13.23 5.44 21.77
C LYS A 103 12.05 5.49 20.80
N LYS A 104 11.68 6.71 20.37
CA LYS A 104 10.57 6.91 19.40
C LYS A 104 11.00 7.82 18.27
N PHE A 105 10.46 7.57 17.09
CA PHE A 105 10.80 8.33 15.88
C PHE A 105 9.53 8.73 15.12
N ALA A 106 9.68 9.56 14.09
CA ALA A 106 8.52 10.06 13.34
C ALA A 106 8.65 9.77 11.84
N ARG A 107 9.86 9.41 11.37
CA ARG A 107 10.08 9.05 9.98
C ARG A 107 10.81 7.71 9.88
N SER A 108 10.59 7.01 8.79
CA SER A 108 11.22 5.69 8.55
C SER A 108 12.75 5.81 8.44
N ASP A 109 13.23 6.95 7.90
CA ASP A 109 14.68 7.17 7.74
C ASP A 109 15.37 7.33 9.10
N GLU A 110 14.69 8.01 10.04
CA GLU A 110 15.19 8.13 11.43
C GLU A 110 15.22 6.75 12.10
N LEU A 111 14.13 5.98 11.96
CA LEU A 111 14.02 4.65 12.57
C LEU A 111 15.15 3.72 12.06
N VAL A 112 15.26 3.60 10.74
CA VAL A 112 16.24 2.69 10.11
C VAL A 112 17.68 3.12 10.44
N ARG A 113 17.92 4.44 10.49
CA ARG A 113 19.25 4.98 10.82
C ARG A 113 19.67 4.57 12.24
N HIS A 114 18.73 4.62 13.18
CA HIS A 114 18.99 4.19 14.57
C HIS A 114 19.14 2.64 14.64
N HIS A 115 18.33 1.93 13.85
CA HIS A 115 18.37 0.46 13.81
C HIS A 115 19.74 -0.06 13.26
N ASN A 116 20.47 0.80 12.54
CA ASN A 116 21.81 0.47 12.04
C ASN A 116 22.88 0.63 13.14
N MET A 117 22.63 1.55 14.09
CA MET A 117 23.56 1.78 15.22
C MET A 117 23.58 0.57 16.16
N HIS A 118 22.43 -0.07 16.35
CA HIS A 118 22.33 -1.32 17.10
C HIS A 118 23.14 -2.44 16.44
N SER A 1 -21.42 -6.68 -7.71
CA SER A 1 -22.86 -6.84 -7.98
C SER A 1 -23.59 -7.45 -6.77
N GLU A 2 -22.83 -8.06 -5.86
CA GLU A 2 -23.38 -8.67 -4.64
C GLU A 2 -22.28 -8.81 -3.56
N LYS A 3 -22.69 -8.75 -2.28
CA LYS A 3 -21.73 -8.71 -1.15
C LYS A 3 -21.86 -9.97 -0.25
N ARG A 4 -22.61 -10.97 -0.72
CA ARG A 4 -22.67 -12.28 -0.03
C ARG A 4 -21.33 -13.03 -0.19
N PRO A 5 -21.05 -14.00 0.71
CA PRO A 5 -19.82 -14.80 0.64
C PRO A 5 -19.85 -15.81 -0.52
N PHE A 6 -18.76 -15.87 -1.28
CA PHE A 6 -18.60 -16.84 -2.38
C PHE A 6 -17.18 -17.42 -2.39
N MET A 7 -17.06 -18.70 -2.74
CA MET A 7 -15.76 -19.40 -2.70
C MET A 7 -15.34 -19.86 -4.11
N CYS A 8 -14.03 -19.97 -4.32
CA CYS A 8 -13.47 -20.38 -5.61
C CYS A 8 -13.94 -21.81 -5.99
N ALA A 9 -14.12 -22.05 -7.29
CA ALA A 9 -14.63 -23.34 -7.78
C ALA A 9 -13.48 -24.35 -8.00
N TYR A 10 -12.23 -23.86 -8.07
CA TYR A 10 -11.06 -24.71 -8.30
C TYR A 10 -10.75 -25.58 -7.06
N PRO A 11 -10.53 -26.90 -7.23
CA PRO A 11 -10.28 -27.82 -6.12
C PRO A 11 -8.93 -27.55 -5.44
N GLY A 12 -8.94 -27.56 -4.10
CA GLY A 12 -7.72 -27.28 -3.32
C GLY A 12 -7.57 -25.79 -2.99
N CYS A 13 -8.04 -24.93 -3.90
CA CYS A 13 -8.04 -23.49 -3.69
C CYS A 13 -9.26 -23.08 -2.80
N ASN A 14 -10.44 -22.98 -3.43
CA ASN A 14 -11.71 -22.71 -2.72
C ASN A 14 -11.58 -21.53 -1.71
N LYS A 15 -10.75 -20.52 -2.05
CA LYS A 15 -10.58 -19.32 -1.20
C LYS A 15 -11.80 -18.40 -1.32
N ARG A 16 -12.27 -17.89 -0.17
CA ARG A 16 -13.53 -17.11 -0.11
C ARG A 16 -13.30 -15.63 -0.47
N TYR A 17 -14.34 -15.01 -1.03
CA TYR A 17 -14.34 -13.57 -1.34
C TYR A 17 -15.64 -12.91 -0.85
N PHE A 18 -15.58 -11.61 -0.57
CA PHE A 18 -16.72 -10.86 -0.01
C PHE A 18 -17.55 -10.18 -1.13
N LYS A 19 -17.15 -10.38 -2.40
CA LYS A 19 -17.81 -9.72 -3.55
C LYS A 19 -17.88 -10.65 -4.75
N LEU A 20 -19.04 -10.69 -5.40
CA LEU A 20 -19.26 -11.52 -6.61
C LEU A 20 -18.37 -11.04 -7.78
N SER A 21 -18.12 -9.73 -7.84
CA SER A 21 -17.27 -9.14 -8.91
C SER A 21 -15.81 -9.58 -8.77
N HIS A 22 -15.37 -9.84 -7.52
CA HIS A 22 -13.99 -10.28 -7.26
C HIS A 22 -13.86 -11.80 -7.43
N LEU A 23 -14.93 -12.53 -7.12
CA LEU A 23 -14.95 -13.99 -7.30
C LEU A 23 -14.70 -14.36 -8.77
N GLN A 24 -15.40 -13.69 -9.68
CA GLN A 24 -15.23 -13.91 -11.14
C GLN A 24 -13.83 -13.46 -11.61
N MET A 25 -13.28 -12.43 -10.95
CA MET A 25 -11.94 -11.92 -11.27
C MET A 25 -10.85 -12.91 -10.83
N HIS A 26 -11.10 -13.61 -9.71
CA HIS A 26 -10.20 -14.65 -9.22
C HIS A 26 -10.15 -15.84 -10.22
N SER A 27 -11.31 -16.20 -10.77
CA SER A 27 -11.40 -17.35 -11.72
C SER A 27 -10.39 -17.20 -12.88
N ARG A 28 -10.12 -15.94 -13.30
CA ARG A 28 -9.17 -15.67 -14.41
C ARG A 28 -7.78 -16.25 -14.11
N LYS A 29 -7.37 -16.20 -12.84
CA LYS A 29 -6.07 -16.74 -12.40
C LYS A 29 -5.91 -18.22 -12.77
N HIS A 30 -7.02 -18.98 -12.71
CA HIS A 30 -6.99 -20.42 -12.95
C HIS A 30 -7.11 -20.73 -14.45
N THR A 31 -8.00 -20.01 -15.16
CA THR A 31 -8.17 -20.20 -16.63
C THR A 31 -6.90 -19.83 -17.39
N GLY A 32 -6.14 -18.85 -16.86
CA GLY A 32 -4.85 -18.44 -17.44
C GLY A 32 -4.91 -17.05 -18.09
N GLU A 33 -5.63 -16.13 -17.44
CA GLU A 33 -5.87 -14.79 -17.97
C GLU A 33 -5.59 -13.72 -16.90
N LYS A 34 -5.11 -12.55 -17.32
CA LYS A 34 -4.83 -11.44 -16.39
C LYS A 34 -6.15 -10.88 -15.79
N PRO A 35 -6.18 -10.62 -14.46
CA PRO A 35 -7.29 -9.92 -13.83
C PRO A 35 -7.25 -8.41 -14.09
N TYR A 36 -6.16 -7.75 -13.62
CA TYR A 36 -5.90 -6.34 -13.93
C TYR A 36 -4.65 -6.19 -14.81
N GLN A 37 -4.53 -5.05 -15.48
CA GLN A 37 -3.38 -4.77 -16.35
C GLN A 37 -3.19 -3.26 -16.57
N CYS A 38 -1.94 -2.84 -16.78
CA CYS A 38 -1.63 -1.43 -17.05
C CYS A 38 -2.22 -1.01 -18.42
N ASP A 39 -3.20 -0.09 -18.37
CA ASP A 39 -3.92 0.34 -19.59
C ASP A 39 -3.12 1.41 -20.39
N PHE A 40 -1.87 1.68 -19.97
CA PHE A 40 -1.03 2.68 -20.64
C PHE A 40 -0.74 2.27 -22.11
N LYS A 41 -0.44 3.27 -22.96
CA LYS A 41 -0.27 3.06 -24.41
C LYS A 41 0.86 2.04 -24.70
N ASP A 42 1.91 2.04 -23.87
CA ASP A 42 3.11 1.22 -24.13
C ASP A 42 3.48 0.36 -22.88
N CYS A 43 2.45 -0.22 -22.23
CA CYS A 43 2.66 -1.12 -21.10
C CYS A 43 1.65 -2.29 -21.13
N GLU A 44 2.10 -3.47 -20.67
CA GLU A 44 1.27 -4.70 -20.69
C GLU A 44 1.37 -5.46 -19.34
N ARG A 45 1.99 -4.84 -18.33
CA ARG A 45 2.16 -5.46 -17.00
C ARG A 45 0.80 -5.83 -16.38
N ARG A 46 0.77 -6.94 -15.63
CA ARG A 46 -0.48 -7.44 -15.00
C ARG A 46 -0.46 -7.23 -13.48
N PHE A 47 -1.64 -7.17 -12.88
CA PHE A 47 -1.79 -6.95 -11.43
C PHE A 47 -2.97 -7.75 -10.86
N SER A 48 -2.97 -7.95 -9.54
CA SER A 48 -3.98 -8.80 -8.88
C SER A 48 -5.03 -7.95 -8.12
N ARG A 49 -4.80 -6.62 -8.06
CA ARG A 49 -5.72 -5.70 -7.36
C ARG A 49 -5.65 -4.29 -7.97
N SER A 50 -6.77 -3.57 -7.94
CA SER A 50 -6.84 -2.18 -8.45
C SER A 50 -5.92 -1.25 -7.63
N ASP A 51 -5.78 -1.56 -6.34
CA ASP A 51 -4.99 -0.74 -5.41
C ASP A 51 -3.50 -0.66 -5.87
N GLN A 52 -2.92 -1.80 -6.24
CA GLN A 52 -1.51 -1.85 -6.69
C GLN A 52 -1.38 -1.41 -8.17
N LEU A 53 -2.42 -1.65 -8.98
CA LEU A 53 -2.45 -1.20 -10.38
C LEU A 53 -2.23 0.32 -10.46
N LYS A 54 -2.94 1.07 -9.60
CA LYS A 54 -2.80 2.54 -9.54
C LYS A 54 -1.38 2.96 -9.21
N ARG A 55 -0.74 2.23 -8.27
CA ARG A 55 0.65 2.53 -7.85
C ARG A 55 1.62 2.34 -9.00
N HIS A 56 1.49 1.24 -9.73
CA HIS A 56 2.35 0.96 -10.89
C HIS A 56 2.25 2.07 -11.94
N GLN A 57 1.01 2.52 -12.21
CA GLN A 57 0.76 3.49 -13.29
C GLN A 57 1.48 4.84 -13.02
N ARG A 58 1.89 5.07 -11.75
CA ARG A 58 2.69 6.27 -11.38
C ARG A 58 4.02 6.34 -12.18
N ARG A 59 4.50 5.17 -12.63
CA ARG A 59 5.69 5.12 -13.50
C ARG A 59 5.45 5.93 -14.79
N HIS A 60 4.19 5.95 -15.24
CA HIS A 60 3.82 6.65 -16.46
C HIS A 60 3.31 8.08 -16.15
N THR A 61 2.39 8.21 -15.18
CA THR A 61 1.66 9.48 -14.95
C THR A 61 2.27 10.30 -13.79
N GLY A 62 2.58 9.62 -12.68
CA GLY A 62 3.00 10.32 -11.43
C GLY A 62 1.80 10.71 -10.53
N VAL A 63 0.69 9.95 -10.66
CA VAL A 63 -0.56 10.25 -9.91
C VAL A 63 -0.37 10.10 -8.38
N LYS A 64 -0.45 11.24 -7.65
CA LYS A 64 -0.29 11.25 -6.18
C LYS A 64 -1.38 12.13 -5.51
N PRO A 65 -2.49 11.49 -5.06
CA PRO A 65 -3.67 12.21 -4.57
C PRO A 65 -3.58 12.64 -3.08
N PHE A 66 -2.48 12.26 -2.40
CA PHE A 66 -2.31 12.57 -0.97
C PHE A 66 -1.38 13.78 -0.77
N GLN A 67 -1.86 14.77 -0.01
CA GLN A 67 -1.06 15.95 0.31
C GLN A 67 -1.36 16.47 1.71
N CYS A 68 -0.40 17.20 2.28
CA CYS A 68 -0.58 17.86 3.57
C CYS A 68 -1.66 18.98 3.47
N LYS A 69 -2.18 19.39 4.63
CA LYS A 69 -3.14 20.52 4.72
C LYS A 69 -2.54 21.67 5.55
N THR A 70 -1.20 21.70 5.65
CA THR A 70 -0.48 22.73 6.42
C THR A 70 0.65 23.33 5.57
N CYS A 71 1.52 22.46 5.01
CA CYS A 71 2.60 22.90 4.11
C CYS A 71 2.31 22.45 2.64
N GLN A 72 1.28 21.61 2.46
CA GLN A 72 0.72 21.25 1.12
C GLN A 72 1.64 20.24 0.36
N ARG A 73 2.74 19.79 0.99
CA ARG A 73 3.64 18.77 0.37
C ARG A 73 2.84 17.51 -0.02
N LYS A 74 3.29 16.86 -1.09
CA LYS A 74 2.53 15.78 -1.74
C LYS A 74 3.29 14.44 -1.62
N PHE A 75 2.57 13.36 -1.30
CA PHE A 75 3.21 12.08 -0.99
C PHE A 75 2.50 10.93 -1.69
N SER A 76 3.27 9.87 -1.99
CA SER A 76 2.74 8.70 -2.70
C SER A 76 1.70 7.94 -1.85
N ARG A 77 1.75 8.12 -0.51
CA ARG A 77 0.84 7.40 0.40
C ARG A 77 0.47 8.26 1.60
N SER A 78 -0.73 8.04 2.13
CA SER A 78 -1.17 8.70 3.37
C SER A 78 -0.37 8.19 4.58
N ASP A 79 0.20 6.98 4.47
CA ASP A 79 1.05 6.42 5.53
C ASP A 79 2.37 7.22 5.65
N HIS A 80 2.85 7.77 4.51
CA HIS A 80 4.02 8.66 4.48
C HIS A 80 3.64 10.06 4.98
N LEU A 81 2.45 10.52 4.59
CA LEU A 81 1.91 11.81 5.04
C LEU A 81 1.80 11.84 6.58
N LYS A 82 1.22 10.76 7.15
CA LYS A 82 1.06 10.64 8.62
C LYS A 82 2.40 10.82 9.35
N THR A 83 3.46 10.17 8.83
CA THR A 83 4.81 10.25 9.44
C THR A 83 5.36 11.70 9.37
N HIS A 84 4.93 12.45 8.36
CA HIS A 84 5.32 13.86 8.20
C HIS A 84 4.46 14.80 9.10
N THR A 85 3.18 14.45 9.30
CA THR A 85 2.27 15.28 10.12
C THR A 85 2.85 15.51 11.54
N ARG A 86 3.56 14.50 12.06
CA ARG A 86 4.18 14.59 13.40
C ARG A 86 5.19 15.75 13.49
N THR A 87 5.76 16.15 12.35
CA THR A 87 6.75 17.25 12.30
C THR A 87 6.07 18.62 12.57
N HIS A 88 4.75 18.70 12.33
CA HIS A 88 3.98 19.94 12.59
C HIS A 88 3.43 19.95 14.04
N THR A 89 3.05 18.76 14.54
CA THR A 89 2.46 18.64 15.89
C THR A 89 3.54 18.65 16.98
N GLY A 90 4.79 18.31 16.61
CA GLY A 90 5.90 18.27 17.56
C GLY A 90 5.96 16.95 18.36
N GLU A 91 5.11 15.99 17.99
CA GLU A 91 5.05 14.67 18.65
C GLU A 91 6.18 13.77 18.15
N LYS A 92 6.66 12.87 19.03
CA LYS A 92 7.67 11.86 18.64
C LYS A 92 7.20 10.44 19.08
N PRO A 93 6.41 9.76 18.21
CA PRO A 93 5.76 8.50 18.56
C PRO A 93 6.72 7.28 18.57
N PHE A 94 7.91 7.42 17.96
CA PHE A 94 8.85 6.30 17.82
C PHE A 94 9.81 6.21 19.03
N SER A 95 10.70 5.21 19.02
CA SER A 95 11.63 4.98 20.13
C SER A 95 12.84 4.17 19.66
N CYS A 96 13.96 4.30 20.38
CA CYS A 96 15.19 3.55 20.06
C CYS A 96 14.98 2.03 20.29
N ARG A 97 15.58 1.21 19.41
CA ARG A 97 15.44 -0.26 19.47
C ARG A 97 16.23 -0.85 20.65
N TRP A 98 17.38 -0.24 20.96
CA TRP A 98 18.30 -0.77 21.97
C TRP A 98 17.68 -0.65 23.39
N PRO A 99 17.91 -1.67 24.26
CA PRO A 99 17.38 -1.69 25.63
C PRO A 99 18.15 -0.73 26.56
N SER A 100 19.39 -0.40 26.19
CA SER A 100 20.25 0.52 26.98
C SER A 100 19.99 2.00 26.60
N CYS A 101 19.04 2.23 25.68
CA CYS A 101 18.72 3.57 25.19
C CYS A 101 17.21 3.88 25.36
N GLN A 102 16.86 5.17 25.45
CA GLN A 102 15.47 5.60 25.71
C GLN A 102 15.09 6.85 24.87
N LYS A 103 15.89 7.13 23.82
CA LYS A 103 15.61 8.25 22.91
C LYS A 103 14.32 8.01 22.12
N LYS A 104 13.73 9.11 21.62
CA LYS A 104 12.46 9.06 20.85
C LYS A 104 12.59 9.83 19.55
N PHE A 105 11.89 9.35 18.52
CA PHE A 105 11.95 9.96 17.18
C PHE A 105 10.54 10.08 16.58
N ALA A 106 10.43 10.72 15.42
CA ALA A 106 9.13 10.95 14.80
C ALA A 106 9.12 10.54 13.32
N ARG A 107 10.31 10.45 12.70
CA ARG A 107 10.43 10.02 11.31
C ARG A 107 11.41 8.84 11.21
N SER A 108 11.20 8.00 10.20
CA SER A 108 11.99 6.77 10.03
C SER A 108 13.48 7.09 9.81
N ASP A 109 13.76 8.22 9.16
CA ASP A 109 15.14 8.61 8.86
C ASP A 109 15.92 8.97 10.14
N GLU A 110 15.26 9.64 11.09
CA GLU A 110 15.86 9.94 12.39
C GLU A 110 16.14 8.65 13.17
N LEU A 111 15.16 7.73 13.17
CA LEU A 111 15.30 6.45 13.86
C LEU A 111 16.51 5.64 13.30
N VAL A 112 16.60 5.54 11.97
CA VAL A 112 17.70 4.82 11.30
C VAL A 112 19.04 5.55 11.52
N ARG A 113 19.02 6.88 11.47
CA ARG A 113 20.23 7.71 11.67
C ARG A 113 20.82 7.50 13.07
N HIS A 114 19.94 7.37 14.07
CA HIS A 114 20.36 7.08 15.44
C HIS A 114 20.86 5.61 15.57
N HIS A 115 20.18 4.70 14.88
CA HIS A 115 20.58 3.28 14.87
C HIS A 115 21.98 3.09 14.22
N ASN A 116 22.33 3.98 13.27
CA ASN A 116 23.64 3.95 12.62
C ASN A 116 24.76 4.34 13.60
N MET A 117 24.47 5.31 14.50
CA MET A 117 25.43 5.72 15.54
C MET A 117 25.68 4.58 16.55
N HIS A 118 24.60 3.84 16.88
CA HIS A 118 24.73 2.62 17.68
C HIS A 118 25.49 1.54 16.89
N SER A 1 -13.21 -9.97 8.91
CA SER A 1 -12.19 -10.33 7.92
C SER A 1 -11.80 -11.83 8.04
N GLU A 2 -12.24 -12.48 9.13
CA GLU A 2 -11.91 -13.89 9.39
C GLU A 2 -12.58 -14.83 8.36
N LYS A 3 -13.75 -14.42 7.85
CA LYS A 3 -14.50 -15.22 6.86
C LYS A 3 -15.36 -14.32 5.95
N ARG A 4 -15.73 -14.84 4.78
CA ARG A 4 -16.59 -14.11 3.82
C ARG A 4 -17.45 -15.10 3.00
N PRO A 5 -18.57 -14.61 2.39
CA PRO A 5 -19.58 -15.48 1.76
C PRO A 5 -19.06 -16.24 0.52
N PHE A 6 -17.99 -15.73 -0.13
CA PHE A 6 -17.45 -16.35 -1.36
C PHE A 6 -16.02 -16.86 -1.13
N MET A 7 -15.75 -18.10 -1.55
CA MET A 7 -14.42 -18.71 -1.36
C MET A 7 -13.91 -19.31 -2.69
N CYS A 8 -12.61 -19.60 -2.74
CA CYS A 8 -11.96 -20.12 -3.95
C CYS A 8 -12.20 -21.63 -4.09
N ALA A 9 -12.29 -22.10 -5.34
CA ALA A 9 -12.60 -23.50 -5.63
C ALA A 9 -11.30 -24.35 -5.75
N TYR A 10 -10.15 -23.68 -5.90
CA TYR A 10 -8.86 -24.37 -6.05
C TYR A 10 -8.43 -25.02 -4.70
N PRO A 11 -8.03 -26.33 -4.74
CA PRO A 11 -7.69 -27.07 -3.53
C PRO A 11 -6.40 -26.55 -2.87
N GLY A 12 -6.40 -26.48 -1.53
CA GLY A 12 -5.25 -25.97 -0.78
C GLY A 12 -5.27 -24.43 -0.64
N CYS A 13 -5.80 -23.75 -1.67
CA CYS A 13 -5.96 -22.29 -1.64
C CYS A 13 -7.24 -21.92 -0.84
N ASN A 14 -8.41 -22.10 -1.48
CA ASN A 14 -9.71 -21.85 -0.84
C ASN A 14 -9.74 -20.48 -0.08
N LYS A 15 -9.04 -19.46 -0.63
CA LYS A 15 -9.06 -18.09 -0.06
C LYS A 15 -10.49 -17.52 -0.08
N ARG A 16 -10.78 -16.59 0.84
CA ARG A 16 -12.13 -16.01 0.98
C ARG A 16 -12.16 -14.55 0.49
N TYR A 17 -13.26 -14.15 -0.16
CA TYR A 17 -13.43 -12.79 -0.69
C TYR A 17 -14.85 -12.27 -0.40
N PHE A 18 -14.95 -10.96 -0.13
CA PHE A 18 -16.24 -10.34 0.29
C PHE A 18 -17.14 -10.03 -0.93
N LYS A 19 -16.66 -10.34 -2.15
CA LYS A 19 -17.42 -10.08 -3.39
C LYS A 19 -17.05 -11.09 -4.48
N LEU A 20 -18.07 -11.56 -5.22
CA LEU A 20 -17.86 -12.55 -6.29
C LEU A 20 -17.04 -11.95 -7.46
N SER A 21 -17.13 -10.63 -7.65
CA SER A 21 -16.39 -9.92 -8.72
C SER A 21 -14.87 -10.01 -8.49
N HIS A 22 -14.46 -10.02 -7.21
CA HIS A 22 -13.04 -10.13 -6.85
C HIS A 22 -12.61 -11.60 -6.77
N LEU A 23 -13.56 -12.48 -6.46
CA LEU A 23 -13.30 -13.93 -6.40
C LEU A 23 -12.99 -14.49 -7.81
N GLN A 24 -13.75 -14.02 -8.81
CA GLN A 24 -13.50 -14.41 -10.22
C GLN A 24 -12.14 -13.86 -10.70
N MET A 25 -11.78 -12.66 -10.24
CA MET A 25 -10.49 -12.05 -10.58
C MET A 25 -9.33 -12.84 -9.93
N HIS A 26 -9.52 -13.26 -8.68
CA HIS A 26 -8.55 -14.12 -7.99
C HIS A 26 -8.35 -15.46 -8.75
N SER A 27 -9.46 -16.02 -9.26
CA SER A 27 -9.42 -17.31 -9.96
C SER A 27 -8.48 -17.27 -11.19
N ARG A 28 -8.36 -16.09 -11.84
CA ARG A 28 -7.49 -15.93 -13.03
C ARG A 28 -6.05 -16.35 -12.75
N LYS A 29 -5.57 -16.05 -11.53
CA LYS A 29 -4.18 -16.34 -11.13
C LYS A 29 -3.87 -17.86 -11.18
N HIS A 30 -4.89 -18.69 -10.95
CA HIS A 30 -4.75 -20.16 -11.05
C HIS A 30 -4.72 -20.60 -12.53
N THR A 31 -5.58 -19.98 -13.35
CA THR A 31 -5.65 -20.29 -14.80
C THR A 31 -4.34 -19.88 -15.50
N GLY A 32 -3.74 -18.76 -15.06
CA GLY A 32 -2.46 -18.29 -15.61
C GLY A 32 -2.57 -16.89 -16.25
N GLU A 33 -3.50 -16.06 -15.74
CA GLU A 33 -3.73 -14.71 -16.27
C GLU A 33 -3.91 -13.70 -15.12
N LYS A 34 -3.61 -12.42 -15.40
CA LYS A 34 -3.74 -11.34 -14.41
C LYS A 34 -5.14 -10.69 -14.49
N PRO A 35 -5.74 -10.34 -13.32
CA PRO A 35 -7.05 -9.69 -13.27
C PRO A 35 -7.00 -8.21 -13.67
N TYR A 36 -5.94 -7.51 -13.23
CA TYR A 36 -5.74 -6.09 -13.60
C TYR A 36 -4.39 -5.91 -14.30
N GLN A 37 -4.29 -4.87 -15.14
CA GLN A 37 -3.06 -4.58 -15.88
C GLN A 37 -3.04 -3.11 -16.35
N CYS A 38 -1.83 -2.58 -16.56
CA CYS A 38 -1.64 -1.19 -16.92
C CYS A 38 -2.07 -0.94 -18.39
N ASP A 39 -3.02 -0.02 -18.58
CA ASP A 39 -3.58 0.28 -19.91
C ASP A 39 -2.70 1.32 -20.68
N PHE A 40 -1.62 1.78 -20.04
CA PHE A 40 -0.72 2.79 -20.64
C PHE A 40 -0.12 2.30 -21.98
N LYS A 41 0.24 3.24 -22.86
CA LYS A 41 0.70 2.92 -24.23
C LYS A 41 1.92 1.97 -24.22
N ASP A 42 2.86 2.20 -23.29
CA ASP A 42 4.14 1.47 -23.27
C ASP A 42 4.40 0.82 -21.88
N CYS A 43 3.34 0.23 -21.30
CA CYS A 43 3.46 -0.49 -20.02
C CYS A 43 2.62 -1.79 -20.03
N GLU A 44 3.10 -2.82 -19.33
CA GLU A 44 2.45 -4.15 -19.32
C GLU A 44 2.34 -4.72 -17.88
N ARG A 45 2.65 -3.89 -16.88
CA ARG A 45 2.61 -4.30 -15.46
C ARG A 45 1.22 -4.83 -15.06
N ARG A 46 1.19 -5.78 -14.12
CA ARG A 46 -0.08 -6.39 -13.64
C ARG A 46 -0.35 -5.99 -12.19
N PHE A 47 -1.61 -6.14 -11.76
CA PHE A 47 -2.01 -5.90 -10.36
C PHE A 47 -3.11 -6.88 -9.95
N SER A 48 -3.40 -6.94 -8.64
CA SER A 48 -4.42 -7.85 -8.10
C SER A 48 -5.60 -7.06 -7.48
N ARG A 49 -5.52 -5.72 -7.51
CA ARG A 49 -6.56 -4.85 -6.91
C ARG A 49 -6.68 -3.51 -7.70
N SER A 50 -7.89 -2.97 -7.78
CA SER A 50 -8.13 -1.67 -8.46
C SER A 50 -7.40 -0.52 -7.74
N ASP A 51 -7.23 -0.67 -6.42
CA ASP A 51 -6.48 0.31 -5.63
C ASP A 51 -4.99 0.38 -6.09
N GLN A 52 -4.41 -0.78 -6.45
CA GLN A 52 -3.05 -0.81 -7.02
C GLN A 52 -3.01 -0.16 -8.40
N LEU A 53 -4.02 -0.48 -9.24
CA LEU A 53 -4.13 0.10 -10.58
C LEU A 53 -4.05 1.63 -10.51
N LYS A 54 -4.88 2.24 -9.65
CA LYS A 54 -4.86 3.71 -9.44
C LYS A 54 -3.46 4.21 -9.07
N ARG A 55 -2.86 3.61 -8.01
CA ARG A 55 -1.52 4.03 -7.52
C ARG A 55 -0.49 4.05 -8.65
N HIS A 56 -0.58 3.05 -9.53
CA HIS A 56 0.39 2.89 -10.61
C HIS A 56 0.07 3.79 -11.81
N GLN A 57 -1.21 3.86 -12.20
CA GLN A 57 -1.63 4.61 -13.39
C GLN A 57 -1.47 6.12 -13.17
N ARG A 58 -1.73 6.59 -11.94
CA ARG A 58 -1.62 8.02 -11.61
C ARG A 58 -0.14 8.48 -11.60
N ARG A 59 0.79 7.51 -11.52
CA ARG A 59 2.24 7.79 -11.62
C ARG A 59 2.66 8.04 -13.09
N HIS A 60 1.85 7.54 -14.05
CA HIS A 60 2.07 7.83 -15.48
C HIS A 60 1.51 9.22 -15.84
N THR A 61 0.31 9.53 -15.35
CA THR A 61 -0.36 10.82 -15.66
C THR A 61 0.22 11.97 -14.84
N GLY A 62 0.78 11.66 -13.66
CA GLY A 62 1.33 12.69 -12.76
C GLY A 62 0.26 13.29 -11.84
N VAL A 63 -0.85 12.56 -11.65
CA VAL A 63 -1.96 13.02 -10.80
C VAL A 63 -1.71 12.65 -9.33
N LYS A 64 -1.52 13.67 -8.48
CA LYS A 64 -1.27 13.47 -7.04
C LYS A 64 -2.13 14.45 -6.20
N PRO A 65 -3.35 14.03 -5.81
CA PRO A 65 -4.32 14.90 -5.14
C PRO A 65 -4.06 15.06 -3.62
N PHE A 66 -3.01 14.40 -3.11
CA PHE A 66 -2.68 14.45 -1.68
C PHE A 66 -1.65 15.55 -1.41
N GLN A 67 -2.09 16.64 -0.75
CA GLN A 67 -1.25 17.82 -0.55
C GLN A 67 -1.39 18.35 0.89
N CYS A 68 -0.29 18.85 1.44
CA CYS A 68 -0.28 19.45 2.77
C CYS A 68 -1.14 20.74 2.81
N LYS A 69 -1.53 21.14 4.02
CA LYS A 69 -2.27 22.40 4.24
C LYS A 69 -1.46 23.34 5.16
N THR A 70 -0.13 23.15 5.20
CA THR A 70 0.77 23.98 6.00
C THR A 70 1.98 24.44 5.16
N CYS A 71 2.63 23.48 4.46
CA CYS A 71 3.76 23.79 3.56
C CYS A 71 3.40 23.47 2.07
N GLN A 72 2.21 22.86 1.86
CA GLN A 72 1.65 22.61 0.51
C GLN A 72 2.46 21.55 -0.29
N ARG A 73 3.37 20.82 0.38
CA ARG A 73 4.10 19.69 -0.27
C ARG A 73 3.11 18.61 -0.74
N LYS A 74 3.53 17.84 -1.75
CA LYS A 74 2.64 16.91 -2.47
C LYS A 74 3.15 15.46 -2.39
N PHE A 75 2.25 14.49 -2.29
CA PHE A 75 2.63 13.08 -2.07
C PHE A 75 1.78 12.13 -2.94
N SER A 76 2.39 10.99 -3.31
CA SER A 76 1.73 10.03 -4.21
C SER A 76 0.54 9.31 -3.54
N ARG A 77 0.52 9.30 -2.19
CA ARG A 77 -0.52 8.57 -1.42
C ARG A 77 -0.94 9.37 -0.16
N SER A 78 -2.13 9.07 0.35
CA SER A 78 -2.69 9.78 1.52
C SER A 78 -1.98 9.39 2.83
N ASP A 79 -1.54 8.14 2.93
CA ASP A 79 -0.81 7.66 4.10
C ASP A 79 0.60 8.32 4.19
N HIS A 80 1.15 8.68 3.01
CA HIS A 80 2.41 9.45 2.95
C HIS A 80 2.16 10.90 3.38
N LEU A 81 1.04 11.48 2.91
CA LEU A 81 0.63 12.83 3.31
C LEU A 81 0.47 12.92 4.84
N LYS A 82 -0.14 11.88 5.45
CA LYS A 82 -0.26 11.80 6.92
C LYS A 82 1.13 11.67 7.58
N THR A 83 1.95 10.76 7.05
CA THR A 83 3.33 10.54 7.56
C THR A 83 4.16 11.84 7.51
N HIS A 84 3.85 12.70 6.55
CA HIS A 84 4.50 14.00 6.42
C HIS A 84 3.87 15.02 7.39
N THR A 85 2.53 15.06 7.44
CA THR A 85 1.80 16.03 8.30
C THR A 85 2.21 15.91 9.75
N ARG A 86 2.44 14.67 10.21
CA ARG A 86 2.77 14.41 11.63
C ARG A 86 4.18 14.97 12.01
N THR A 87 4.99 15.30 11.00
CA THR A 87 6.30 15.93 11.23
C THR A 87 6.14 17.43 11.61
N HIS A 88 5.01 18.04 11.21
CA HIS A 88 4.67 19.42 11.63
C HIS A 88 4.10 19.43 13.07
N THR A 89 3.53 18.30 13.50
CA THR A 89 2.90 18.20 14.84
C THR A 89 3.92 17.73 15.90
N GLY A 90 5.11 17.31 15.45
CA GLY A 90 6.20 16.94 16.37
C GLY A 90 6.08 15.47 16.87
N GLU A 91 5.13 14.72 16.30
CA GLU A 91 4.92 13.31 16.69
C GLU A 91 6.03 12.40 16.12
N LYS A 92 6.45 11.39 16.90
CA LYS A 92 7.48 10.42 16.48
C LYS A 92 7.04 8.97 16.84
N PRO A 93 6.34 8.28 15.89
CA PRO A 93 5.68 7.00 16.17
C PRO A 93 6.63 5.77 16.32
N PHE A 94 7.86 5.87 15.81
CA PHE A 94 8.81 4.74 15.86
C PHE A 94 9.53 4.70 17.23
N SER A 95 10.34 3.65 17.44
CA SER A 95 11.14 3.52 18.66
C SER A 95 12.29 2.52 18.45
N CYS A 96 13.33 2.62 19.29
CA CYS A 96 14.48 1.72 19.21
C CYS A 96 14.05 0.25 19.48
N ARG A 97 14.62 -0.68 18.70
CA ARG A 97 14.24 -2.11 18.79
C ARG A 97 14.78 -2.76 20.08
N TRP A 98 15.86 -2.19 20.63
CA TRP A 98 16.52 -2.74 21.81
C TRP A 98 15.65 -2.56 23.08
N PRO A 99 15.65 -3.56 23.99
CA PRO A 99 14.89 -3.49 25.25
C PRO A 99 15.54 -2.54 26.28
N SER A 100 16.85 -2.32 26.14
CA SER A 100 17.61 -1.44 27.05
C SER A 100 17.59 0.03 26.56
N CYS A 101 16.80 0.30 25.50
CA CYS A 101 16.72 1.64 24.89
C CYS A 101 15.25 2.09 24.76
N GLN A 102 15.04 3.42 24.80
CA GLN A 102 13.67 3.99 24.83
C GLN A 102 13.56 5.24 23.92
N LYS A 103 14.52 5.39 22.98
CA LYS A 103 14.49 6.50 22.01
C LYS A 103 13.28 6.37 21.07
N LYS A 104 12.86 7.50 20.48
CA LYS A 104 11.72 7.53 19.54
C LYS A 104 12.08 8.26 18.25
N PHE A 105 11.57 7.76 17.13
CA PHE A 105 11.88 8.32 15.81
C PHE A 105 10.59 8.45 14.97
N ALA A 106 10.69 9.04 13.79
CA ALA A 106 9.53 9.28 12.94
C ALA A 106 9.70 8.64 11.55
N ARG A 107 10.92 8.20 11.22
CA ARG A 107 11.19 7.49 9.97
C ARG A 107 11.98 6.22 10.23
N SER A 108 11.79 5.23 9.37
CA SER A 108 12.56 3.97 9.42
C SER A 108 14.07 4.23 9.26
N ASP A 109 14.41 5.30 8.51
CA ASP A 109 15.81 5.67 8.29
C ASP A 109 16.48 6.10 9.62
N GLU A 110 15.80 6.96 10.38
CA GLU A 110 16.30 7.39 11.69
C GLU A 110 16.52 6.18 12.61
N LEU A 111 15.54 5.26 12.62
CA LEU A 111 15.64 4.04 13.43
C LEU A 111 16.86 3.20 13.01
N VAL A 112 17.05 3.03 11.70
CA VAL A 112 18.18 2.24 11.16
C VAL A 112 19.53 2.91 11.47
N ARG A 113 19.57 4.26 11.42
CA ARG A 113 20.81 5.03 11.71
C ARG A 113 21.24 4.84 13.17
N HIS A 114 20.27 4.77 14.08
CA HIS A 114 20.56 4.56 15.51
C HIS A 114 20.83 3.06 15.80
N HIS A 115 20.07 2.18 15.15
CA HIS A 115 20.12 0.73 15.44
C HIS A 115 21.54 0.15 15.22
N ASN A 116 22.31 0.74 14.28
CA ASN A 116 23.67 0.24 13.98
C ASN A 116 24.71 0.78 15.01
N MET A 117 24.34 1.83 15.77
CA MET A 117 25.20 2.37 16.84
C MET A 117 25.30 1.38 18.01
N HIS A 118 24.19 0.68 18.29
CA HIS A 118 24.17 -0.37 19.33
C HIS A 118 25.15 -1.51 18.96
N SER A 1 -25.22 -3.94 0.42
CA SER A 1 -26.38 -4.84 0.45
C SER A 1 -26.07 -6.18 -0.25
N GLU A 2 -25.21 -6.14 -1.28
CA GLU A 2 -24.83 -7.33 -2.04
C GLU A 2 -23.55 -7.99 -1.45
N LYS A 3 -23.07 -7.47 -0.30
CA LYS A 3 -21.92 -8.04 0.41
C LYS A 3 -22.23 -9.48 0.86
N ARG A 4 -21.48 -10.45 0.32
CA ARG A 4 -21.67 -11.88 0.64
C ARG A 4 -20.31 -12.61 0.65
N PRO A 5 -20.18 -13.68 1.46
CA PRO A 5 -18.96 -14.47 1.53
C PRO A 5 -18.80 -15.41 0.33
N PHE A 6 -17.63 -15.34 -0.32
CA PHE A 6 -17.28 -16.26 -1.41
C PHE A 6 -15.85 -16.76 -1.24
N MET A 7 -15.62 -18.04 -1.53
CA MET A 7 -14.29 -18.66 -1.32
C MET A 7 -13.82 -19.41 -2.57
N CYS A 8 -12.53 -19.72 -2.62
CA CYS A 8 -11.93 -20.43 -3.74
C CYS A 8 -12.16 -21.96 -3.62
N ALA A 9 -12.17 -22.65 -4.76
CA ALA A 9 -12.42 -24.10 -4.80
C ALA A 9 -11.09 -24.90 -4.94
N TYR A 10 -9.98 -24.21 -5.26
CA TYR A 10 -8.68 -24.86 -5.42
C TYR A 10 -8.15 -25.38 -4.06
N PRO A 11 -7.66 -26.65 -4.02
CA PRO A 11 -7.19 -27.27 -2.78
C PRO A 11 -5.92 -26.60 -2.22
N GLY A 12 -5.95 -26.28 -0.92
CA GLY A 12 -4.80 -25.61 -0.27
C GLY A 12 -4.94 -24.08 -0.27
N CYS A 13 -5.64 -23.55 -1.28
CA CYS A 13 -5.92 -22.11 -1.36
C CYS A 13 -7.18 -21.76 -0.53
N ASN A 14 -8.37 -21.96 -1.12
CA ASN A 14 -9.66 -21.73 -0.44
C ASN A 14 -9.70 -20.35 0.28
N LYS A 15 -9.01 -19.34 -0.31
CA LYS A 15 -9.05 -17.96 0.24
C LYS A 15 -10.46 -17.37 0.12
N ARG A 16 -10.74 -16.31 0.91
CA ARG A 16 -12.12 -15.75 1.02
C ARG A 16 -12.17 -14.30 0.56
N TYR A 17 -13.29 -13.93 -0.07
CA TYR A 17 -13.53 -12.54 -0.52
C TYR A 17 -14.99 -12.12 -0.23
N PHE A 18 -15.21 -10.80 -0.13
CA PHE A 18 -16.52 -10.25 0.30
C PHE A 18 -17.39 -9.83 -0.92
N LYS A 19 -16.95 -10.20 -2.14
CA LYS A 19 -17.68 -9.88 -3.37
C LYS A 19 -17.35 -10.89 -4.49
N LEU A 20 -18.35 -11.23 -5.30
CA LEU A 20 -18.19 -12.23 -6.37
C LEU A 20 -17.22 -11.72 -7.46
N SER A 21 -17.21 -10.41 -7.70
CA SER A 21 -16.34 -9.80 -8.72
C SER A 21 -14.85 -9.96 -8.34
N HIS A 22 -14.55 -9.91 -7.04
CA HIS A 22 -13.17 -10.09 -6.56
C HIS A 22 -12.78 -11.58 -6.58
N LEU A 23 -13.76 -12.46 -6.41
CA LEU A 23 -13.54 -13.91 -6.54
C LEU A 23 -13.16 -14.27 -7.99
N GLN A 24 -13.77 -13.59 -8.96
CA GLN A 24 -13.44 -13.77 -10.39
C GLN A 24 -12.02 -13.25 -10.69
N MET A 25 -11.65 -12.10 -10.09
CA MET A 25 -10.29 -11.55 -10.23
C MET A 25 -9.25 -12.49 -9.61
N HIS A 26 -9.57 -13.05 -8.43
CA HIS A 26 -8.70 -14.03 -7.78
C HIS A 26 -8.50 -15.27 -8.68
N SER A 27 -9.60 -15.75 -9.28
CA SER A 27 -9.57 -16.98 -10.10
C SER A 27 -8.53 -16.88 -11.24
N ARG A 28 -8.31 -15.66 -11.76
CA ARG A 28 -7.33 -15.44 -12.87
C ARG A 28 -5.94 -15.97 -12.49
N LYS A 29 -5.56 -15.79 -11.22
CA LYS A 29 -4.21 -16.18 -10.74
C LYS A 29 -3.98 -17.69 -10.87
N HIS A 30 -5.07 -18.48 -10.78
CA HIS A 30 -4.99 -19.94 -10.95
C HIS A 30 -4.95 -20.31 -12.45
N THR A 31 -5.77 -19.63 -13.25
CA THR A 31 -5.81 -19.87 -14.71
C THR A 31 -4.45 -19.54 -15.36
N GLY A 32 -3.77 -18.50 -14.84
CA GLY A 32 -2.41 -18.14 -15.31
C GLY A 32 -2.33 -16.69 -15.81
N GLU A 33 -3.14 -15.80 -15.23
CA GLU A 33 -3.14 -14.37 -15.62
C GLU A 33 -3.31 -13.47 -14.37
N LYS A 34 -2.99 -12.18 -14.53
CA LYS A 34 -3.14 -11.20 -13.45
C LYS A 34 -4.50 -10.47 -13.55
N PRO A 35 -5.14 -10.18 -12.40
CA PRO A 35 -6.44 -9.50 -12.38
C PRO A 35 -6.35 -8.03 -12.83
N TYR A 36 -5.31 -7.32 -12.34
CA TYR A 36 -5.09 -5.92 -12.69
C TYR A 36 -3.69 -5.70 -13.28
N GLN A 37 -3.51 -4.61 -14.01
CA GLN A 37 -2.24 -4.29 -14.65
C GLN A 37 -2.20 -2.80 -15.08
N CYS A 38 -1.01 -2.19 -15.00
CA CYS A 38 -0.81 -0.80 -15.40
C CYS A 38 -1.17 -0.60 -16.90
N ASP A 39 -2.14 0.28 -17.16
CA ASP A 39 -2.66 0.48 -18.53
C ASP A 39 -1.79 1.49 -19.34
N PHE A 40 -0.66 1.93 -18.75
CA PHE A 40 0.24 2.87 -19.42
C PHE A 40 0.83 2.26 -20.73
N LYS A 41 1.24 3.14 -21.66
CA LYS A 41 1.70 2.72 -23.00
C LYS A 41 2.93 1.78 -22.90
N ASP A 42 3.81 2.02 -21.93
CA ASP A 42 5.11 1.31 -21.84
C ASP A 42 5.33 0.72 -20.42
N CYS A 43 4.25 0.18 -19.81
CA CYS A 43 4.33 -0.49 -18.51
C CYS A 43 3.51 -1.80 -18.52
N GLU A 44 4.01 -2.82 -17.81
CA GLU A 44 3.37 -4.15 -17.76
C GLU A 44 3.20 -4.64 -16.30
N ARG A 45 3.48 -3.75 -15.33
CA ARG A 45 3.35 -4.09 -13.90
C ARG A 45 1.94 -4.60 -13.58
N ARG A 46 1.87 -5.78 -12.95
CA ARG A 46 0.59 -6.36 -12.48
C ARG A 46 0.20 -5.79 -11.12
N PHE A 47 -1.07 -5.96 -10.75
CA PHE A 47 -1.56 -5.56 -9.42
C PHE A 47 -2.67 -6.51 -8.96
N SER A 48 -2.91 -6.56 -7.64
CA SER A 48 -3.93 -7.44 -7.04
C SER A 48 -5.19 -6.63 -6.62
N ARG A 49 -5.13 -5.29 -6.80
CA ARG A 49 -6.26 -4.41 -6.50
C ARG A 49 -6.23 -3.17 -7.38
N SER A 50 -7.39 -2.55 -7.58
CA SER A 50 -7.46 -1.23 -8.24
C SER A 50 -6.79 -0.14 -7.36
N ASP A 51 -6.73 -0.38 -6.04
CA ASP A 51 -6.16 0.59 -5.08
C ASP A 51 -4.64 0.80 -5.35
N GLN A 52 -3.85 -0.28 -5.22
CA GLN A 52 -2.41 -0.21 -5.46
C GLN A 52 -2.12 0.10 -6.95
N LEU A 53 -3.00 -0.38 -7.84
CA LEU A 53 -2.90 -0.08 -9.28
C LEU A 53 -2.88 1.44 -9.50
N LYS A 54 -3.82 2.17 -8.88
CA LYS A 54 -3.94 3.63 -9.08
C LYS A 54 -2.76 4.37 -8.46
N ARG A 55 -2.36 3.98 -7.25
CA ARG A 55 -1.18 4.60 -6.57
C ARG A 55 0.06 4.51 -7.48
N HIS A 56 0.23 3.35 -8.13
CA HIS A 56 1.30 3.17 -9.12
C HIS A 56 1.05 4.01 -10.39
N GLN A 57 -0.18 3.96 -10.91
CA GLN A 57 -0.52 4.61 -12.19
C GLN A 57 -0.32 6.14 -12.12
N ARG A 58 -0.51 6.72 -10.93
CA ARG A 58 -0.34 8.18 -10.73
C ARG A 58 1.10 8.63 -11.04
N ARG A 59 2.06 7.71 -10.93
CA ARG A 59 3.49 8.01 -11.23
C ARG A 59 3.70 8.28 -12.74
N HIS A 60 2.80 7.75 -13.56
CA HIS A 60 2.88 7.92 -15.02
C HIS A 60 2.12 9.18 -15.48
N THR A 61 0.92 9.38 -14.96
CA THR A 61 0.06 10.51 -15.37
C THR A 61 0.57 11.82 -14.74
N GLY A 62 1.14 11.72 -13.53
CA GLY A 62 1.59 12.91 -12.79
C GLY A 62 0.43 13.60 -12.04
N VAL A 63 -0.69 12.87 -11.86
CA VAL A 63 -1.87 13.40 -11.16
C VAL A 63 -1.73 13.20 -9.64
N LYS A 64 -1.63 14.32 -8.90
CA LYS A 64 -1.38 14.29 -7.44
C LYS A 64 -2.46 15.12 -6.69
N PRO A 65 -3.56 14.46 -6.27
CA PRO A 65 -4.74 15.15 -5.72
C PRO A 65 -4.60 15.50 -4.22
N PHE A 66 -3.54 15.01 -3.57
CA PHE A 66 -3.33 15.23 -2.14
C PHE A 66 -2.33 16.37 -1.89
N GLN A 67 -2.67 17.26 -0.94
CA GLN A 67 -1.82 18.41 -0.63
C GLN A 67 -1.84 18.71 0.89
N CYS A 68 -0.69 19.11 1.42
CA CYS A 68 -0.59 19.53 2.81
C CYS A 68 -1.44 20.79 3.08
N LYS A 69 -1.79 21.00 4.35
CA LYS A 69 -2.55 22.19 4.78
C LYS A 69 -1.71 23.06 5.73
N THR A 70 -0.37 22.91 5.67
CA THR A 70 0.55 23.66 6.53
C THR A 70 1.72 24.23 5.70
N CYS A 71 2.34 23.40 4.84
CA CYS A 71 3.42 23.85 3.93
C CYS A 71 3.04 23.59 2.44
N GLN A 72 1.84 23.02 2.21
CA GLN A 72 1.25 22.84 0.86
C GLN A 72 2.03 21.81 -0.01
N ARG A 73 2.91 21.01 0.62
CA ARG A 73 3.61 19.88 -0.07
C ARG A 73 2.59 18.95 -0.77
N LYS A 74 3.03 18.33 -1.87
CA LYS A 74 2.11 17.60 -2.78
C LYS A 74 2.44 16.09 -2.81
N PHE A 75 1.39 15.24 -2.76
CA PHE A 75 1.59 13.77 -2.66
C PHE A 75 0.70 13.02 -3.67
N SER A 76 1.22 11.90 -4.19
CA SER A 76 0.45 11.00 -5.08
C SER A 76 -0.34 9.95 -4.27
N ARG A 77 0.10 9.69 -3.03
CA ARG A 77 -0.53 8.65 -2.17
C ARG A 77 -1.08 9.27 -0.87
N SER A 78 -2.16 8.68 -0.35
CA SER A 78 -2.76 9.13 0.92
C SER A 78 -1.85 8.82 2.10
N ASP A 79 -1.18 7.67 2.04
CA ASP A 79 -0.23 7.26 3.08
C ASP A 79 0.95 8.25 3.18
N HIS A 80 1.34 8.85 2.05
CA HIS A 80 2.42 9.85 2.01
C HIS A 80 1.99 11.15 2.70
N LEU A 81 0.74 11.57 2.47
CA LEU A 81 0.20 12.76 3.15
C LEU A 81 0.28 12.60 4.68
N LYS A 82 -0.10 11.42 5.19
CA LYS A 82 -0.05 11.13 6.64
C LYS A 82 1.40 11.06 7.14
N THR A 83 2.27 10.37 6.39
CA THR A 83 3.70 10.21 6.78
C THR A 83 4.43 11.56 6.79
N HIS A 84 3.90 12.53 6.06
CA HIS A 84 4.46 13.89 6.03
C HIS A 84 3.81 14.77 7.13
N THR A 85 2.49 14.68 7.27
CA THR A 85 1.73 15.55 8.23
C THR A 85 2.28 15.40 9.67
N ARG A 86 2.73 14.18 10.02
CA ARG A 86 3.27 13.90 11.37
C ARG A 86 4.53 14.77 11.68
N THR A 87 5.18 15.28 10.62
CA THR A 87 6.40 16.10 10.78
C THR A 87 6.07 17.50 11.31
N HIS A 88 4.80 17.93 11.13
CA HIS A 88 4.34 19.25 11.64
C HIS A 88 3.72 19.12 13.05
N THR A 89 3.21 17.93 13.36
CA THR A 89 2.57 17.68 14.68
C THR A 89 3.61 17.31 15.75
N GLY A 90 4.82 16.93 15.29
CA GLY A 90 5.91 16.56 16.21
C GLY A 90 5.79 15.11 16.71
N GLU A 91 4.83 14.36 16.16
CA GLU A 91 4.61 12.96 16.55
C GLU A 91 5.67 12.04 15.92
N LYS A 92 6.10 11.02 16.68
CA LYS A 92 7.08 10.03 16.20
C LYS A 92 6.57 8.59 16.50
N PRO A 93 5.78 8.01 15.57
CA PRO A 93 5.04 6.75 15.82
C PRO A 93 5.96 5.50 15.95
N PHE A 94 7.18 5.56 15.40
CA PHE A 94 8.07 4.39 15.37
C PHE A 94 8.84 4.24 16.70
N SER A 95 9.68 3.19 16.80
CA SER A 95 10.49 2.94 18.00
C SER A 95 11.71 2.07 17.65
N CYS A 96 12.72 2.08 18.54
CA CYS A 96 13.96 1.33 18.32
C CYS A 96 13.68 -0.21 18.27
N ARG A 97 14.50 -0.93 17.49
CA ARG A 97 14.35 -2.40 17.34
C ARG A 97 14.75 -3.13 18.64
N TRP A 98 15.80 -2.65 19.31
CA TRP A 98 16.35 -3.31 20.49
C TRP A 98 15.40 -3.16 21.71
N PRO A 99 15.35 -4.19 22.57
CA PRO A 99 14.47 -4.19 23.76
C PRO A 99 15.01 -3.30 24.89
N SER A 100 16.34 -3.20 25.00
CA SER A 100 16.99 -2.37 26.03
C SER A 100 16.90 -0.87 25.67
N CYS A 101 16.79 -0.58 24.36
CA CYS A 101 16.69 0.80 23.86
C CYS A 101 15.19 1.25 23.81
N GLN A 102 14.98 2.57 23.79
CA GLN A 102 13.61 3.12 23.88
C GLN A 102 13.47 4.45 23.08
N LYS A 103 14.31 4.62 22.04
CA LYS A 103 14.20 5.78 21.13
C LYS A 103 12.90 5.71 20.31
N LYS A 104 12.51 6.84 19.74
CA LYS A 104 11.31 6.92 18.87
C LYS A 104 11.62 7.74 17.61
N PHE A 105 10.99 7.34 16.50
CA PHE A 105 11.27 7.94 15.20
C PHE A 105 9.96 8.17 14.42
N ALA A 106 10.05 8.87 13.29
CA ALA A 106 8.88 9.16 12.47
C ALA A 106 9.08 8.69 11.02
N ARG A 107 10.35 8.59 10.60
CA ARG A 107 10.72 7.95 9.34
C ARG A 107 11.30 6.57 9.60
N SER A 108 10.95 5.63 8.75
CA SER A 108 11.56 4.29 8.78
C SER A 108 13.07 4.36 8.47
N ASP A 109 13.48 5.40 7.72
CA ASP A 109 14.90 5.66 7.45
C ASP A 109 15.67 5.97 8.76
N GLU A 110 15.10 6.86 9.59
CA GLU A 110 15.67 7.16 10.93
C GLU A 110 15.81 5.88 11.75
N LEU A 111 14.74 5.06 11.77
CA LEU A 111 14.71 3.82 12.54
C LEU A 111 15.85 2.86 12.09
N VAL A 112 15.95 2.63 10.78
CA VAL A 112 16.95 1.71 10.22
C VAL A 112 18.38 2.24 10.45
N ARG A 113 18.55 3.57 10.35
CA ARG A 113 19.87 4.19 10.59
C ARG A 113 20.32 3.97 12.05
N HIS A 114 19.38 4.06 12.99
CA HIS A 114 19.68 3.82 14.41
C HIS A 114 19.96 2.33 14.68
N HIS A 115 19.24 1.45 13.96
CA HIS A 115 19.47 0.00 14.05
C HIS A 115 20.89 -0.38 13.54
N ASN A 116 21.42 0.42 12.61
CA ASN A 116 22.80 0.24 12.12
C ASN A 116 23.83 0.81 13.14
N MET A 117 23.42 1.86 13.87
CA MET A 117 24.28 2.48 14.90
C MET A 117 24.56 1.50 16.06
N HIS A 118 23.57 0.65 16.38
CA HIS A 118 23.75 -0.41 17.37
C HIS A 118 24.79 -1.44 16.90
N SER A 1 -21.43 -9.15 4.95
CA SER A 1 -22.28 -10.02 5.80
C SER A 1 -22.34 -11.46 5.25
N GLU A 2 -21.70 -11.69 4.09
CA GLU A 2 -21.67 -13.01 3.45
C GLU A 2 -20.38 -13.20 2.64
N LYS A 3 -19.72 -14.35 2.80
CA LYS A 3 -18.41 -14.63 2.16
C LYS A 3 -18.29 -16.12 1.78
N ARG A 4 -19.31 -16.66 1.11
CA ARG A 4 -19.36 -18.10 0.74
C ARG A 4 -19.74 -18.31 -0.76
N PRO A 5 -20.73 -17.53 -1.32
CA PRO A 5 -21.13 -17.67 -2.73
C PRO A 5 -19.98 -17.34 -3.72
N PHE A 6 -18.93 -16.65 -3.23
CA PHE A 6 -17.84 -16.20 -4.07
C PHE A 6 -16.59 -17.07 -3.85
N MET A 7 -16.79 -18.38 -3.86
CA MET A 7 -15.72 -19.35 -3.60
C MET A 7 -15.19 -19.95 -4.91
N CYS A 8 -13.89 -20.22 -4.96
CA CYS A 8 -13.25 -20.84 -6.12
C CYS A 8 -13.71 -22.33 -6.27
N ALA A 9 -13.76 -22.80 -7.52
CA ALA A 9 -14.26 -24.16 -7.81
C ALA A 9 -13.08 -25.15 -8.02
N TYR A 10 -11.85 -24.63 -8.13
CA TYR A 10 -10.67 -25.48 -8.35
C TYR A 10 -10.33 -26.30 -7.07
N PRO A 11 -10.25 -27.65 -7.19
CA PRO A 11 -9.96 -28.53 -6.05
C PRO A 11 -8.67 -28.13 -5.29
N GLY A 12 -8.74 -28.17 -3.96
CA GLY A 12 -7.58 -27.85 -3.12
C GLY A 12 -7.42 -26.34 -2.87
N CYS A 13 -7.67 -25.54 -3.91
CA CYS A 13 -7.64 -24.08 -3.81
C CYS A 13 -8.87 -23.56 -3.03
N ASN A 14 -10.04 -23.57 -3.70
CA ASN A 14 -11.33 -23.20 -3.07
C ASN A 14 -11.21 -21.94 -2.16
N LYS A 15 -10.47 -20.91 -2.65
CA LYS A 15 -10.41 -19.59 -1.97
C LYS A 15 -11.82 -18.99 -1.85
N ARG A 16 -11.99 -18.03 -0.92
CA ARG A 16 -13.30 -17.36 -0.67
C ARG A 16 -13.14 -15.84 -0.73
N TYR A 17 -14.20 -15.17 -1.16
CA TYR A 17 -14.23 -13.68 -1.24
C TYR A 17 -15.62 -13.16 -0.84
N PHE A 18 -15.76 -11.82 -0.79
CA PHE A 18 -17.04 -11.19 -0.45
C PHE A 18 -17.65 -10.44 -1.67
N LYS A 19 -17.02 -10.63 -2.85
CA LYS A 19 -17.53 -10.03 -4.12
C LYS A 19 -17.28 -10.98 -5.30
N LEU A 20 -18.25 -11.04 -6.23
CA LEU A 20 -18.14 -11.88 -7.43
C LEU A 20 -17.09 -11.31 -8.41
N SER A 21 -16.88 -10.00 -8.36
CA SER A 21 -15.89 -9.33 -9.21
C SER A 21 -14.45 -9.77 -8.84
N HIS A 22 -14.22 -10.04 -7.55
CA HIS A 22 -12.92 -10.52 -7.08
C HIS A 22 -12.76 -12.03 -7.37
N LEU A 23 -13.87 -12.77 -7.33
CA LEU A 23 -13.87 -14.21 -7.65
C LEU A 23 -13.54 -14.44 -9.13
N GLN A 24 -14.13 -13.63 -10.02
CA GLN A 24 -13.84 -13.72 -11.47
C GLN A 24 -12.37 -13.35 -11.76
N MET A 25 -11.83 -12.40 -10.97
CA MET A 25 -10.41 -12.02 -11.07
C MET A 25 -9.50 -13.16 -10.59
N HIS A 26 -9.90 -13.83 -9.51
CA HIS A 26 -9.16 -14.98 -8.98
C HIS A 26 -9.07 -16.11 -10.04
N SER A 27 -10.20 -16.41 -10.69
CA SER A 27 -10.27 -17.51 -11.67
C SER A 27 -9.18 -17.37 -12.76
N ARG A 28 -8.78 -16.12 -13.07
CA ARG A 28 -7.75 -15.85 -14.09
C ARG A 28 -6.41 -16.53 -13.72
N LYS A 29 -6.11 -16.59 -12.41
CA LYS A 29 -4.84 -17.17 -11.93
C LYS A 29 -4.69 -18.65 -12.34
N HIS A 30 -5.83 -19.34 -12.49
CA HIS A 30 -5.83 -20.75 -12.91
C HIS A 30 -5.70 -20.88 -14.44
N THR A 31 -6.41 -20.00 -15.19
CA THR A 31 -6.42 -20.07 -16.67
C THR A 31 -5.06 -19.66 -17.26
N GLY A 32 -4.42 -18.64 -16.68
CA GLY A 32 -3.05 -18.24 -17.09
C GLY A 32 -2.87 -16.70 -17.13
N GLU A 33 -3.56 -15.98 -16.23
CA GLU A 33 -3.47 -14.51 -16.16
C GLU A 33 -3.56 -14.02 -14.70
N LYS A 34 -3.11 -12.79 -14.45
CA LYS A 34 -3.18 -12.19 -13.09
C LYS A 34 -4.48 -11.37 -12.92
N PRO A 35 -4.95 -11.20 -11.67
CA PRO A 35 -6.24 -10.55 -11.40
C PRO A 35 -6.23 -9.04 -11.73
N TYR A 36 -5.20 -8.32 -11.25
CA TYR A 36 -5.06 -6.87 -11.52
C TYR A 36 -3.77 -6.59 -12.31
N GLN A 37 -3.76 -5.48 -13.05
CA GLN A 37 -2.61 -5.13 -13.89
C GLN A 37 -2.60 -3.62 -14.23
N CYS A 38 -1.40 -3.07 -14.44
CA CYS A 38 -1.21 -1.67 -14.80
C CYS A 38 -1.75 -1.40 -16.23
N ASP A 39 -2.78 -0.54 -16.32
CA ASP A 39 -3.45 -0.25 -17.61
C ASP A 39 -2.65 0.79 -18.44
N PHE A 40 -1.49 1.24 -17.91
CA PHE A 40 -0.67 2.25 -18.58
C PHE A 40 -0.15 1.74 -19.96
N LYS A 41 0.15 2.68 -20.87
CA LYS A 41 0.53 2.35 -22.26
C LYS A 41 1.79 1.44 -22.30
N ASP A 42 2.79 1.78 -21.49
CA ASP A 42 4.12 1.13 -21.57
C ASP A 42 4.47 0.37 -20.27
N CYS A 43 3.44 -0.19 -19.60
CA CYS A 43 3.63 -0.98 -18.37
C CYS A 43 2.69 -2.20 -18.35
N GLU A 44 3.17 -3.31 -17.78
CA GLU A 44 2.36 -4.55 -17.66
C GLU A 44 2.49 -5.15 -16.24
N ARG A 45 2.93 -4.33 -15.26
CA ARG A 45 3.04 -4.77 -13.86
C ARG A 45 1.71 -5.33 -13.36
N ARG A 46 1.77 -6.41 -12.56
CA ARG A 46 0.56 -7.10 -12.05
C ARG A 46 0.39 -6.88 -10.54
N PHE A 47 -0.85 -7.06 -10.06
CA PHE A 47 -1.17 -6.88 -8.64
C PHE A 47 -2.25 -7.89 -8.20
N SER A 48 -2.60 -7.88 -6.91
CA SER A 48 -3.64 -8.77 -6.37
C SER A 48 -4.77 -7.97 -5.68
N ARG A 49 -4.66 -6.63 -5.68
CA ARG A 49 -5.73 -5.75 -5.14
C ARG A 49 -5.66 -4.36 -5.80
N SER A 50 -6.82 -3.68 -5.87
CA SER A 50 -6.90 -2.31 -6.44
C SER A 50 -6.11 -1.31 -5.59
N ASP A 51 -6.04 -1.55 -4.28
CA ASP A 51 -5.28 -0.68 -3.35
C ASP A 51 -3.77 -0.67 -3.72
N GLN A 52 -3.24 -1.81 -4.16
CA GLN A 52 -1.87 -1.91 -4.64
C GLN A 52 -1.72 -1.20 -6.01
N LEU A 53 -2.69 -1.47 -6.91
CA LEU A 53 -2.71 -0.88 -8.25
C LEU A 53 -2.68 0.66 -8.19
N LYS A 54 -3.53 1.25 -7.30
CA LYS A 54 -3.64 2.72 -7.18
C LYS A 54 -2.27 3.38 -7.01
N ARG A 55 -1.53 2.96 -5.98
CA ARG A 55 -0.21 3.55 -5.64
C ARG A 55 0.66 3.63 -6.89
N HIS A 56 0.67 2.55 -7.67
CA HIS A 56 1.55 2.42 -8.82
C HIS A 56 0.98 3.19 -10.05
N GLN A 57 -0.34 3.13 -10.25
CA GLN A 57 -0.99 3.78 -11.40
C GLN A 57 -0.89 5.31 -11.31
N ARG A 58 -1.11 5.86 -10.11
CA ARG A 58 -1.12 7.33 -9.91
C ARG A 58 0.27 7.94 -10.12
N ARG A 59 1.32 7.10 -10.05
CA ARG A 59 2.71 7.53 -10.37
C ARG A 59 2.88 7.76 -11.89
N HIS A 60 2.11 7.02 -12.70
CA HIS A 60 2.15 7.18 -14.16
C HIS A 60 1.31 8.39 -14.61
N THR A 61 0.09 8.51 -14.06
CA THR A 61 -0.84 9.60 -14.45
C THR A 61 -0.41 10.95 -13.86
N GLY A 62 0.27 10.92 -12.71
CA GLY A 62 0.69 12.15 -12.02
C GLY A 62 -0.41 12.72 -11.10
N VAL A 63 -1.45 11.90 -10.85
CA VAL A 63 -2.55 12.29 -9.94
C VAL A 63 -2.12 12.15 -8.47
N LYS A 64 -2.02 13.28 -7.76
CA LYS A 64 -1.55 13.29 -6.36
C LYS A 64 -2.47 14.17 -5.49
N PRO A 65 -3.56 13.58 -4.94
CA PRO A 65 -4.55 14.30 -4.15
C PRO A 65 -4.11 14.52 -2.68
N PHE A 66 -2.94 13.98 -2.32
CA PHE A 66 -2.43 14.08 -0.95
C PHE A 66 -1.53 15.30 -0.80
N GLN A 67 -2.04 16.34 -0.13
CA GLN A 67 -1.34 17.62 -0.04
C GLN A 67 -1.42 18.18 1.38
N CYS A 68 -0.35 18.85 1.81
CA CYS A 68 -0.32 19.56 3.08
C CYS A 68 -1.35 20.70 3.09
N LYS A 69 -1.71 21.15 4.30
CA LYS A 69 -2.62 22.31 4.48
C LYS A 69 -1.93 23.41 5.30
N THR A 70 -0.58 23.38 5.30
CA THR A 70 0.23 24.38 6.04
C THR A 70 1.33 24.95 5.12
N CYS A 71 2.08 24.07 4.43
CA CYS A 71 3.08 24.49 3.44
C CYS A 71 2.68 24.04 2.00
N GLN A 72 1.59 23.25 1.92
CA GLN A 72 0.94 22.90 0.62
C GLN A 72 1.79 21.89 -0.21
N ARG A 73 2.80 21.26 0.43
CA ARG A 73 3.62 20.22 -0.24
C ARG A 73 2.75 19.02 -0.69
N LYS A 74 3.22 18.31 -1.71
CA LYS A 74 2.42 17.27 -2.41
C LYS A 74 3.13 15.90 -2.39
N PHE A 75 2.35 14.82 -2.23
CA PHE A 75 2.94 13.46 -2.09
C PHE A 75 2.08 12.41 -2.81
N SER A 76 2.72 11.29 -3.22
CA SER A 76 2.05 10.26 -4.03
C SER A 76 1.10 9.37 -3.18
N ARG A 77 1.30 9.36 -1.85
CA ARG A 77 0.44 8.57 -0.92
C ARG A 77 0.14 9.35 0.36
N SER A 78 -0.96 8.99 1.03
CA SER A 78 -1.38 9.66 2.27
C SER A 78 -0.46 9.30 3.45
N ASP A 79 0.12 8.09 3.42
CA ASP A 79 1.07 7.66 4.45
C ASP A 79 2.34 8.53 4.42
N HIS A 80 2.73 8.97 3.21
CA HIS A 80 3.89 9.86 3.05
C HIS A 80 3.56 11.28 3.56
N LEU A 81 2.33 11.74 3.29
CA LEU A 81 1.87 13.05 3.74
C LEU A 81 1.90 13.14 5.28
N LYS A 82 1.51 12.06 5.95
CA LYS A 82 1.52 12.00 7.43
C LYS A 82 2.95 12.25 7.97
N THR A 83 3.93 11.55 7.40
CA THR A 83 5.34 11.65 7.87
C THR A 83 5.89 13.08 7.68
N HIS A 84 5.30 13.84 6.76
CA HIS A 84 5.66 15.26 6.55
C HIS A 84 4.83 16.18 7.46
N THR A 85 3.53 15.93 7.57
CA THR A 85 2.61 16.80 8.35
C THR A 85 3.07 16.91 9.81
N ARG A 86 3.65 15.82 10.34
CA ARG A 86 4.12 15.80 11.74
C ARG A 86 5.28 16.80 11.96
N THR A 87 5.91 17.27 10.88
CA THR A 87 7.00 18.28 10.97
C THR A 87 6.43 19.64 11.41
N HIS A 88 5.12 19.85 11.19
CA HIS A 88 4.44 21.10 11.59
C HIS A 88 3.85 20.98 13.02
N THR A 89 3.48 19.76 13.42
CA THR A 89 2.84 19.52 14.74
C THR A 89 3.90 19.24 15.83
N GLY A 90 5.11 18.82 15.41
CA GLY A 90 6.19 18.52 16.36
C GLY A 90 6.12 17.10 16.94
N GLU A 91 5.18 16.28 16.42
CA GLU A 91 4.99 14.90 16.90
C GLU A 91 6.07 13.96 16.33
N LYS A 92 6.44 12.92 17.11
CA LYS A 92 7.47 11.96 16.70
C LYS A 92 6.95 10.50 16.88
N PRO A 93 6.37 9.91 15.81
CA PRO A 93 5.63 8.64 15.90
C PRO A 93 6.54 7.37 15.93
N PHE A 94 7.83 7.50 15.58
CA PHE A 94 8.75 6.33 15.52
C PHE A 94 9.46 6.13 16.87
N SER A 95 10.19 5.02 16.99
CA SER A 95 10.96 4.72 18.21
C SER A 95 12.01 3.64 17.95
N CYS A 96 12.99 3.52 18.86
CA CYS A 96 14.01 2.48 18.76
C CYS A 96 13.40 1.11 19.13
N ARG A 97 13.64 0.10 18.28
CA ARG A 97 12.99 -1.23 18.42
C ARG A 97 13.86 -2.20 19.26
N TRP A 98 15.11 -1.81 19.52
CA TRP A 98 16.05 -2.66 20.29
C TRP A 98 15.51 -2.92 21.72
N PRO A 99 15.81 -4.11 22.29
CA PRO A 99 15.32 -4.51 23.62
C PRO A 99 16.03 -3.76 24.78
N SER A 100 17.05 -2.97 24.44
CA SER A 100 17.86 -2.23 25.45
C SER A 100 17.90 -0.72 25.13
N CYS A 101 16.93 -0.26 24.33
CA CYS A 101 16.88 1.16 23.91
C CYS A 101 15.41 1.63 23.80
N GLN A 102 15.20 2.96 23.80
CA GLN A 102 13.85 3.55 23.84
C GLN A 102 13.83 5.00 23.28
N LYS A 103 14.67 5.26 22.27
CA LYS A 103 14.69 6.59 21.60
C LYS A 103 13.39 6.84 20.83
N LYS A 104 13.20 8.09 20.38
CA LYS A 104 11.99 8.49 19.62
C LYS A 104 12.40 9.30 18.38
N PHE A 105 11.78 8.99 17.24
CA PHE A 105 12.12 9.62 15.95
C PHE A 105 10.85 9.95 15.15
N ALA A 106 11.03 10.59 14.00
CA ALA A 106 9.89 10.98 13.16
C ALA A 106 10.17 10.66 11.66
N ARG A 107 11.11 9.73 11.41
CA ARG A 107 11.45 9.28 10.04
C ARG A 107 12.01 7.87 10.07
N SER A 108 11.68 7.07 9.06
CA SER A 108 12.26 5.72 8.90
C SER A 108 13.77 5.80 8.66
N ASP A 109 14.21 6.87 7.99
CA ASP A 109 15.63 7.10 7.74
C ASP A 109 16.38 7.39 9.04
N GLU A 110 15.80 8.25 9.90
CA GLU A 110 16.40 8.53 11.23
C GLU A 110 16.47 7.25 12.08
N LEU A 111 15.39 6.45 12.06
CA LEU A 111 15.36 5.18 12.81
C LEU A 111 16.49 4.24 12.33
N VAL A 112 16.59 4.05 11.01
CA VAL A 112 17.63 3.19 10.42
C VAL A 112 19.03 3.76 10.68
N ARG A 113 19.15 5.10 10.67
CA ARG A 113 20.43 5.79 10.96
C ARG A 113 20.90 5.48 12.39
N HIS A 114 19.95 5.44 13.34
CA HIS A 114 20.25 5.09 14.74
C HIS A 114 20.54 3.57 14.87
N HIS A 115 19.78 2.75 14.13
CA HIS A 115 19.94 1.29 14.18
C HIS A 115 21.35 0.87 13.69
N ASN A 116 21.95 1.66 12.79
CA ASN A 116 23.31 1.41 12.30
C ASN A 116 24.36 1.59 13.42
N MET A 117 24.05 2.46 14.40
CA MET A 117 24.97 2.71 15.54
C MET A 117 24.98 1.50 16.50
N HIS A 118 23.82 0.85 16.66
CA HIS A 118 23.71 -0.37 17.48
C HIS A 118 24.56 -1.51 16.90
N SER A 1 -28.52 -7.45 1.79
CA SER A 1 -28.23 -7.87 0.41
C SER A 1 -27.04 -7.08 -0.19
N GLU A 2 -26.48 -6.16 0.60
CA GLU A 2 -25.33 -5.34 0.16
C GLU A 2 -24.04 -6.20 0.06
N LYS A 3 -24.03 -7.37 0.74
CA LYS A 3 -22.90 -8.31 0.67
C LYS A 3 -23.41 -9.73 0.39
N ARG A 4 -22.59 -10.52 -0.31
CA ARG A 4 -22.91 -11.93 -0.62
C ARG A 4 -21.63 -12.77 -0.66
N PRO A 5 -21.50 -13.77 0.24
CA PRO A 5 -20.29 -14.56 0.36
C PRO A 5 -20.09 -15.53 -0.82
N PHE A 6 -18.86 -15.53 -1.36
CA PHE A 6 -18.46 -16.51 -2.37
C PHE A 6 -17.03 -16.98 -2.09
N MET A 7 -16.73 -18.24 -2.41
CA MET A 7 -15.43 -18.84 -2.07
C MET A 7 -14.70 -19.30 -3.34
N CYS A 8 -13.36 -19.40 -3.24
CA CYS A 8 -12.51 -19.76 -4.38
C CYS A 8 -12.76 -21.22 -4.82
N ALA A 9 -12.78 -21.44 -6.14
CA ALA A 9 -13.04 -22.77 -6.69
C ALA A 9 -11.81 -23.71 -6.54
N TYR A 10 -10.62 -23.11 -6.34
CA TYR A 10 -9.38 -23.89 -6.21
C TYR A 10 -9.29 -24.51 -4.79
N PRO A 11 -9.10 -25.86 -4.70
CA PRO A 11 -9.08 -26.57 -3.41
C PRO A 11 -7.84 -26.26 -2.56
N GLY A 12 -6.76 -25.79 -3.22
CA GLY A 12 -5.53 -25.42 -2.50
C GLY A 12 -5.62 -24.02 -1.86
N CYS A 13 -6.70 -23.29 -2.16
CA CYS A 13 -6.89 -21.91 -1.68
C CYS A 13 -8.22 -21.80 -0.89
N ASN A 14 -9.34 -21.91 -1.62
CA ASN A 14 -10.68 -21.92 -1.00
C ASN A 14 -10.91 -20.67 -0.08
N LYS A 15 -10.26 -19.54 -0.40
CA LYS A 15 -10.49 -18.26 0.32
C LYS A 15 -11.93 -17.77 0.09
N ARG A 16 -12.33 -16.73 0.83
CA ARG A 16 -13.70 -16.18 0.75
C ARG A 16 -13.68 -14.68 0.39
N TYR A 17 -14.72 -14.23 -0.33
CA TYR A 17 -14.87 -12.82 -0.72
C TYR A 17 -16.33 -12.35 -0.51
N PHE A 18 -16.52 -11.03 -0.37
CA PHE A 18 -17.85 -10.46 -0.09
C PHE A 18 -18.54 -9.93 -1.39
N LYS A 19 -17.89 -10.18 -2.54
CA LYS A 19 -18.43 -9.73 -3.84
C LYS A 19 -17.96 -10.67 -4.97
N LEU A 20 -18.88 -10.96 -5.91
CA LEU A 20 -18.56 -11.86 -7.04
C LEU A 20 -17.53 -11.20 -8.01
N SER A 21 -17.53 -9.87 -8.06
CA SER A 21 -16.62 -9.12 -8.95
C SER A 21 -15.15 -9.35 -8.55
N HIS A 22 -14.91 -9.52 -7.24
CA HIS A 22 -13.55 -9.79 -6.73
C HIS A 22 -13.21 -11.28 -6.82
N LEU A 23 -14.23 -12.14 -6.66
CA LEU A 23 -14.05 -13.60 -6.72
C LEU A 23 -13.58 -14.03 -8.13
N GLN A 24 -14.19 -13.45 -9.17
CA GLN A 24 -13.82 -13.75 -10.56
C GLN A 24 -12.41 -13.20 -10.88
N MET A 25 -12.09 -12.02 -10.32
CA MET A 25 -10.77 -11.40 -10.50
C MET A 25 -9.66 -12.25 -9.84
N HIS A 26 -9.96 -12.78 -8.64
CA HIS A 26 -9.04 -13.64 -7.92
C HIS A 26 -8.80 -14.96 -8.69
N SER A 27 -9.88 -15.54 -9.23
CA SER A 27 -9.82 -16.84 -9.93
C SER A 27 -8.75 -16.84 -11.05
N ARG A 28 -8.55 -15.67 -11.69
CA ARG A 28 -7.54 -15.54 -12.79
C ARG A 28 -6.13 -15.85 -12.29
N LYS A 29 -5.85 -15.50 -11.03
CA LYS A 29 -4.51 -15.72 -10.42
C LYS A 29 -4.15 -17.22 -10.42
N HIS A 30 -5.16 -18.09 -10.30
CA HIS A 30 -4.93 -19.55 -10.26
C HIS A 30 -4.80 -20.14 -11.68
N THR A 31 -5.69 -19.71 -12.60
CA THR A 31 -5.65 -20.21 -14.01
C THR A 31 -4.34 -19.81 -14.71
N GLY A 32 -3.79 -18.65 -14.31
CA GLY A 32 -2.45 -18.22 -14.77
C GLY A 32 -2.49 -16.92 -15.59
N GLU A 33 -3.43 -16.03 -15.25
CA GLU A 33 -3.54 -14.72 -15.91
C GLU A 33 -3.58 -13.59 -14.87
N LYS A 34 -3.05 -12.42 -15.26
CA LYS A 34 -2.99 -11.26 -14.35
C LYS A 34 -4.40 -10.76 -14.02
N PRO A 35 -4.69 -10.46 -12.73
CA PRO A 35 -5.93 -9.78 -12.34
C PRO A 35 -5.91 -8.29 -12.76
N TYR A 36 -4.85 -7.57 -12.37
CA TYR A 36 -4.64 -6.18 -12.78
C TYR A 36 -3.25 -6.01 -13.42
N GLN A 37 -3.09 -4.98 -14.25
CA GLN A 37 -1.78 -4.65 -14.85
C GLN A 37 -1.72 -3.19 -15.28
N CYS A 38 -0.50 -2.65 -15.35
CA CYS A 38 -0.28 -1.24 -15.67
C CYS A 38 -0.64 -0.93 -17.14
N ASP A 39 -1.58 0.01 -17.33
CA ASP A 39 -2.07 0.36 -18.69
C ASP A 39 -1.14 1.41 -19.38
N PHE A 40 -0.06 1.82 -18.70
CA PHE A 40 0.86 2.85 -19.22
C PHE A 40 1.49 2.38 -20.57
N LYS A 41 1.94 3.37 -21.37
CA LYS A 41 2.43 3.11 -22.75
C LYS A 41 3.62 2.11 -22.75
N ASP A 42 4.49 2.21 -21.73
CA ASP A 42 5.74 1.42 -21.72
C ASP A 42 5.92 0.67 -20.37
N CYS A 43 4.80 0.19 -19.79
CA CYS A 43 4.83 -0.62 -18.56
C CYS A 43 3.85 -1.80 -18.68
N GLU A 44 4.25 -2.95 -18.12
CA GLU A 44 3.43 -4.19 -18.21
C GLU A 44 3.36 -4.91 -16.83
N ARG A 45 3.80 -4.22 -15.76
CA ARG A 45 3.81 -4.80 -14.39
C ARG A 45 2.38 -5.17 -13.94
N ARG A 46 2.28 -6.19 -13.07
CA ARG A 46 0.97 -6.73 -12.63
C ARG A 46 0.71 -6.42 -11.15
N PHE A 47 -0.57 -6.46 -10.76
CA PHE A 47 -0.98 -6.23 -9.37
C PHE A 47 -2.19 -7.12 -9.00
N SER A 48 -2.50 -7.20 -7.70
CA SER A 48 -3.59 -8.05 -7.20
C SER A 48 -4.69 -7.22 -6.52
N ARG A 49 -4.68 -5.90 -6.75
CA ARG A 49 -5.73 -5.00 -6.24
C ARG A 49 -5.88 -3.76 -7.14
N SER A 50 -7.09 -3.20 -7.20
CA SER A 50 -7.34 -1.94 -7.92
C SER A 50 -6.59 -0.77 -7.26
N ASP A 51 -6.46 -0.84 -5.92
CA ASP A 51 -5.70 0.17 -5.16
C ASP A 51 -4.21 0.13 -5.53
N GLN A 52 -3.63 -1.08 -5.58
CA GLN A 52 -2.23 -1.27 -6.02
C GLN A 52 -2.01 -0.67 -7.40
N LEU A 53 -2.92 -1.00 -8.34
CA LEU A 53 -2.85 -0.49 -9.71
C LEU A 53 -2.82 1.05 -9.71
N LYS A 54 -3.80 1.66 -9.03
CA LYS A 54 -3.90 3.14 -8.98
C LYS A 54 -2.65 3.76 -8.37
N ARG A 55 -2.23 3.28 -7.19
CA ARG A 55 -0.99 3.78 -6.51
C ARG A 55 0.18 3.83 -7.50
N HIS A 56 0.40 2.72 -8.19
CA HIS A 56 1.49 2.59 -9.15
C HIS A 56 1.31 3.57 -10.32
N GLN A 57 0.07 3.69 -10.81
CA GLN A 57 -0.23 4.53 -11.98
C GLN A 57 0.04 6.02 -11.68
N ARG A 58 -0.15 6.43 -10.40
CA ARG A 58 0.10 7.83 -9.98
C ARG A 58 1.56 8.24 -10.28
N ARG A 59 2.47 7.26 -10.23
CA ARG A 59 3.91 7.53 -10.45
C ARG A 59 4.20 7.81 -11.95
N HIS A 60 3.35 7.29 -12.83
CA HIS A 60 3.46 7.56 -14.27
C HIS A 60 2.74 8.87 -14.64
N THR A 61 1.50 9.03 -14.17
CA THR A 61 0.65 10.17 -14.57
C THR A 61 1.03 11.45 -13.81
N GLY A 62 1.39 11.30 -12.53
CA GLY A 62 1.65 12.47 -11.67
C GLY A 62 0.42 12.86 -10.84
N VAL A 63 -0.65 12.05 -10.92
CA VAL A 63 -1.88 12.29 -10.15
C VAL A 63 -1.63 12.06 -8.66
N LYS A 64 -1.58 13.15 -7.89
CA LYS A 64 -1.30 13.09 -6.44
C LYS A 64 -2.26 14.00 -5.66
N PRO A 65 -3.48 13.50 -5.36
CA PRO A 65 -4.53 14.27 -4.69
C PRO A 65 -4.30 14.38 -3.16
N PHE A 66 -3.25 13.71 -2.65
CA PHE A 66 -2.91 13.75 -1.23
C PHE A 66 -1.89 14.86 -0.96
N GLN A 67 -2.28 15.85 -0.14
CA GLN A 67 -1.46 17.04 0.09
C GLN A 67 -1.44 17.43 1.57
N CYS A 68 -0.28 17.91 2.04
CA CYS A 68 -0.13 18.41 3.41
C CYS A 68 -1.15 19.53 3.70
N LYS A 69 -1.45 19.73 4.99
CA LYS A 69 -2.39 20.77 5.42
C LYS A 69 -1.66 21.94 6.10
N THR A 70 -0.32 21.97 5.96
CA THR A 70 0.50 23.02 6.60
C THR A 70 1.49 23.62 5.58
N CYS A 71 2.34 22.77 4.96
CA CYS A 71 3.36 23.25 4.01
C CYS A 71 2.98 22.88 2.54
N GLN A 72 1.79 22.25 2.37
CA GLN A 72 1.19 22.01 1.03
C GLN A 72 2.02 21.00 0.19
N ARG A 73 2.92 20.24 0.83
CA ARG A 73 3.68 19.17 0.15
C ARG A 73 2.74 18.09 -0.42
N LYS A 74 3.22 17.36 -1.43
CA LYS A 74 2.37 16.46 -2.23
C LYS A 74 2.89 15.00 -2.15
N PHE A 75 1.96 14.03 -2.03
CA PHE A 75 2.34 12.62 -1.82
C PHE A 75 1.46 11.69 -2.69
N SER A 76 2.02 10.53 -3.07
CA SER A 76 1.33 9.57 -3.97
C SER A 76 0.22 8.79 -3.22
N ARG A 77 0.29 8.76 -1.88
CA ARG A 77 -0.66 7.94 -1.07
C ARG A 77 -1.13 8.71 0.19
N SER A 78 -2.21 8.21 0.79
CA SER A 78 -2.85 8.87 1.95
C SER A 78 -2.01 8.69 3.23
N ASP A 79 -1.48 7.48 3.43
CA ASP A 79 -0.68 7.17 4.62
C ASP A 79 0.62 8.01 4.64
N HIS A 80 1.11 8.38 3.45
CA HIS A 80 2.27 9.27 3.33
C HIS A 80 1.91 10.69 3.79
N LEU A 81 0.72 11.16 3.39
CA LEU A 81 0.21 12.47 3.84
C LEU A 81 0.17 12.53 5.38
N LYS A 82 -0.37 11.49 6.01
CA LYS A 82 -0.46 11.41 7.48
C LYS A 82 0.94 11.35 8.11
N THR A 83 1.79 10.46 7.59
CA THR A 83 3.17 10.29 8.12
C THR A 83 3.96 11.62 8.05
N HIS A 84 3.70 12.41 7.01
CA HIS A 84 4.33 13.72 6.85
C HIS A 84 3.69 14.76 7.80
N THR A 85 2.36 14.80 7.85
CA THR A 85 1.62 15.74 8.72
C THR A 85 2.08 15.60 10.18
N ARG A 86 2.40 14.36 10.59
CA ARG A 86 2.86 14.07 11.97
C ARG A 86 4.13 14.87 12.32
N THR A 87 4.97 15.15 11.32
CA THR A 87 6.23 15.88 11.54
C THR A 87 5.96 17.35 11.98
N HIS A 88 4.77 17.87 11.64
CA HIS A 88 4.37 19.24 12.04
C HIS A 88 3.68 19.24 13.43
N THR A 89 3.07 18.10 13.81
CA THR A 89 2.31 17.99 15.08
C THR A 89 3.20 17.48 16.23
N GLY A 90 4.40 16.97 15.89
CA GLY A 90 5.33 16.45 16.89
C GLY A 90 5.20 14.93 17.09
N GLU A 91 4.29 14.30 16.34
CA GLU A 91 4.11 12.84 16.40
C GLU A 91 5.27 12.11 15.70
N LYS A 92 5.67 10.96 16.27
CA LYS A 92 6.70 10.09 15.66
C LYS A 92 6.32 8.59 15.85
N PRO A 93 5.68 7.98 14.82
CA PRO A 93 5.05 6.65 14.94
C PRO A 93 6.05 5.47 14.99
N PHE A 94 7.27 5.65 14.48
CA PHE A 94 8.28 4.57 14.44
C PHE A 94 9.05 4.52 15.77
N SER A 95 9.94 3.52 15.90
CA SER A 95 10.78 3.38 17.10
C SER A 95 12.00 2.51 16.81
N CYS A 96 13.00 2.58 17.69
CA CYS A 96 14.24 1.83 17.53
C CYS A 96 13.98 0.30 17.55
N ARG A 97 14.72 -0.44 16.72
CA ARG A 97 14.55 -1.90 16.61
C ARG A 97 15.06 -2.62 17.86
N TRP A 98 16.11 -2.07 18.49
CA TRP A 98 16.75 -2.69 19.66
C TRP A 98 15.82 -2.64 20.90
N PRO A 99 15.82 -3.71 21.72
CA PRO A 99 15.00 -3.77 22.94
C PRO A 99 15.58 -2.91 24.08
N SER A 100 16.89 -2.62 24.01
CA SER A 100 17.59 -1.81 25.03
C SER A 100 17.48 -0.29 24.71
N CYS A 101 16.65 0.05 23.71
CA CYS A 101 16.49 1.44 23.27
C CYS A 101 14.98 1.82 23.19
N GLN A 102 14.68 3.12 23.31
CA GLN A 102 13.29 3.61 23.39
C GLN A 102 13.09 4.89 22.52
N LYS A 103 14.06 5.17 21.63
CA LYS A 103 13.96 6.32 20.70
C LYS A 103 12.78 6.12 19.73
N LYS A 104 12.23 7.23 19.24
CA LYS A 104 11.07 7.22 18.32
C LYS A 104 11.32 8.13 17.10
N PHE A 105 10.78 7.72 15.96
CA PHE A 105 11.08 8.37 14.67
C PHE A 105 9.82 8.50 13.81
N ALA A 106 9.91 9.23 12.70
CA ALA A 106 8.78 9.44 11.81
C ALA A 106 9.10 9.00 10.36
N ARG A 107 10.39 8.96 10.02
CA ARG A 107 10.84 8.40 8.73
C ARG A 107 11.71 7.18 8.95
N SER A 108 11.61 6.23 8.04
CA SER A 108 12.52 5.06 8.00
C SER A 108 13.98 5.51 7.91
N ASP A 109 14.20 6.70 7.33
CA ASP A 109 15.53 7.30 7.22
C ASP A 109 16.16 7.51 8.60
N GLU A 110 15.41 8.15 9.50
CA GLU A 110 15.87 8.34 10.88
C GLU A 110 16.14 7.00 11.57
N LEU A 111 15.20 6.05 11.40
CA LEU A 111 15.30 4.73 12.04
C LEU A 111 16.60 4.01 11.59
N VAL A 112 16.86 3.98 10.28
CA VAL A 112 18.03 3.28 9.72
C VAL A 112 19.34 3.98 10.14
N ARG A 113 19.35 5.32 10.09
CA ARG A 113 20.55 6.10 10.49
C ARG A 113 20.88 5.90 11.97
N HIS A 114 19.84 5.78 12.80
CA HIS A 114 20.03 5.49 14.23
C HIS A 114 20.51 4.04 14.45
N HIS A 115 19.96 3.11 13.65
CA HIS A 115 20.36 1.69 13.74
C HIS A 115 21.86 1.50 13.40
N ASN A 116 22.42 2.41 12.58
CA ASN A 116 23.85 2.38 12.24
C ASN A 116 24.71 2.80 13.47
N MET A 117 24.18 3.69 14.32
CA MET A 117 24.88 4.13 15.54
C MET A 117 25.02 2.96 16.53
N HIS A 118 23.98 2.11 16.60
CA HIS A 118 24.04 0.88 17.41
C HIS A 118 25.08 -0.10 16.83
N SER A 1 -22.72 -7.66 1.83
CA SER A 1 -22.45 -8.96 1.19
C SER A 1 -21.76 -9.94 2.17
N GLU A 2 -21.54 -9.47 3.41
CA GLU A 2 -20.88 -10.30 4.45
C GLU A 2 -21.69 -11.59 4.75
N LYS A 3 -23.03 -11.53 4.53
CA LYS A 3 -23.92 -12.68 4.80
C LYS A 3 -24.10 -13.56 3.55
N ARG A 4 -23.54 -13.12 2.42
CA ARG A 4 -23.62 -13.87 1.13
C ARG A 4 -22.29 -13.76 0.34
N PRO A 5 -21.18 -14.30 0.91
CA PRO A 5 -19.87 -14.26 0.27
C PRO A 5 -19.75 -15.25 -0.91
N PHE A 6 -18.61 -15.23 -1.59
CA PHE A 6 -18.34 -16.14 -2.71
C PHE A 6 -16.95 -16.76 -2.57
N MET A 7 -16.83 -18.05 -2.89
CA MET A 7 -15.58 -18.80 -2.65
C MET A 7 -15.03 -19.43 -3.95
N CYS A 8 -13.72 -19.70 -3.96
CA CYS A 8 -13.05 -20.28 -5.13
C CYS A 8 -13.49 -21.74 -5.36
N ALA A 9 -13.54 -22.15 -6.62
CA ALA A 9 -13.99 -23.50 -7.00
C ALA A 9 -12.81 -24.50 -7.03
N TYR A 10 -11.58 -23.98 -7.08
CA TYR A 10 -10.38 -24.83 -7.15
C TYR A 10 -10.15 -25.57 -5.80
N PRO A 11 -10.08 -26.94 -5.82
CA PRO A 11 -9.97 -27.76 -4.61
C PRO A 11 -8.79 -27.36 -3.70
N GLY A 12 -7.67 -26.96 -4.32
CA GLY A 12 -6.44 -26.65 -3.55
C GLY A 12 -6.43 -25.20 -3.01
N CYS A 13 -7.48 -24.43 -3.33
CA CYS A 13 -7.54 -23.01 -2.98
C CYS A 13 -8.74 -22.73 -2.03
N ASN A 14 -9.96 -22.75 -2.57
CA ASN A 14 -11.20 -22.56 -1.79
C ASN A 14 -11.13 -21.26 -0.90
N LYS A 15 -10.41 -20.24 -1.38
CA LYS A 15 -10.39 -18.91 -0.72
C LYS A 15 -11.78 -18.25 -0.77
N ARG A 16 -11.97 -17.18 0.01
CA ARG A 16 -13.28 -16.49 0.11
C ARG A 16 -13.14 -15.00 -0.24
N TYR A 17 -14.21 -14.44 -0.83
CA TYR A 17 -14.25 -13.02 -1.20
C TYR A 17 -15.65 -12.43 -0.93
N PHE A 18 -15.71 -11.13 -0.69
CA PHE A 18 -16.98 -10.45 -0.32
C PHE A 18 -17.71 -9.87 -1.57
N LYS A 19 -17.12 -10.07 -2.76
CA LYS A 19 -17.75 -9.62 -4.03
C LYS A 19 -17.54 -10.67 -5.14
N LEU A 20 -18.58 -10.89 -5.95
CA LEU A 20 -18.50 -11.85 -7.07
C LEU A 20 -17.56 -11.35 -8.18
N SER A 21 -17.44 -10.01 -8.31
CA SER A 21 -16.54 -9.40 -9.29
C SER A 21 -15.06 -9.70 -8.97
N HIS A 22 -14.74 -9.77 -7.66
CA HIS A 22 -13.39 -10.11 -7.21
C HIS A 22 -13.13 -11.62 -7.29
N LEU A 23 -14.18 -12.42 -7.07
CA LEU A 23 -14.09 -13.88 -7.17
C LEU A 23 -13.75 -14.32 -8.61
N GLN A 24 -14.41 -13.69 -9.60
CA GLN A 24 -14.14 -13.97 -11.01
C GLN A 24 -12.72 -13.51 -11.41
N MET A 25 -12.28 -12.38 -10.82
CA MET A 25 -10.92 -11.88 -11.05
C MET A 25 -9.87 -12.85 -10.50
N HIS A 26 -10.11 -13.35 -9.28
CA HIS A 26 -9.22 -14.33 -8.66
C HIS A 26 -9.16 -15.62 -9.50
N SER A 27 -10.33 -16.08 -9.98
CA SER A 27 -10.43 -17.33 -10.76
C SER A 27 -9.49 -17.32 -11.98
N ARG A 28 -9.24 -16.13 -12.54
CA ARG A 28 -8.35 -15.97 -13.72
C ARG A 28 -6.91 -16.44 -13.38
N LYS A 29 -6.51 -16.29 -12.11
CA LYS A 29 -5.16 -16.67 -11.65
C LYS A 29 -4.93 -18.19 -11.84
N HIS A 30 -5.99 -18.99 -11.71
CA HIS A 30 -5.90 -20.44 -11.86
C HIS A 30 -5.86 -20.84 -13.36
N THR A 31 -6.71 -20.18 -14.18
CA THR A 31 -6.78 -20.49 -15.63
C THR A 31 -5.48 -20.07 -16.36
N GLY A 32 -4.89 -18.94 -15.92
CA GLY A 32 -3.57 -18.51 -16.44
C GLY A 32 -3.57 -17.05 -16.93
N GLU A 33 -4.30 -16.17 -16.22
CA GLU A 33 -4.42 -14.76 -16.61
C GLU A 33 -4.45 -13.85 -15.36
N LYS A 34 -4.04 -12.58 -15.54
CA LYS A 34 -4.04 -11.60 -14.43
C LYS A 34 -5.38 -10.83 -14.38
N PRO A 35 -5.82 -10.44 -13.16
CA PRO A 35 -7.07 -9.71 -12.99
C PRO A 35 -6.95 -8.22 -13.40
N TYR A 36 -5.84 -7.58 -13.01
CA TYR A 36 -5.60 -6.15 -13.31
C TYR A 36 -4.28 -5.97 -14.08
N GLN A 37 -4.22 -4.91 -14.90
CA GLN A 37 -3.01 -4.59 -15.68
C GLN A 37 -3.00 -3.11 -16.09
N CYS A 38 -1.81 -2.54 -16.22
CA CYS A 38 -1.64 -1.13 -16.56
C CYS A 38 -2.13 -0.84 -18.00
N ASP A 39 -3.19 -0.02 -18.10
CA ASP A 39 -3.78 0.33 -19.41
C ASP A 39 -2.93 1.42 -20.15
N PHE A 40 -1.84 1.86 -19.51
CA PHE A 40 -0.98 2.92 -20.09
C PHE A 40 -0.44 2.50 -21.48
N LYS A 41 -0.14 3.52 -22.32
CA LYS A 41 0.22 3.30 -23.74
C LYS A 41 1.42 2.34 -23.89
N ASP A 42 2.39 2.45 -22.98
CA ASP A 42 3.66 1.71 -23.09
C ASP A 42 4.00 0.97 -21.77
N CYS A 43 3.02 0.24 -21.23
CA CYS A 43 3.20 -0.55 -20.00
C CYS A 43 2.42 -1.88 -20.07
N GLU A 44 2.98 -2.93 -19.45
CA GLU A 44 2.39 -4.28 -19.49
C GLU A 44 2.33 -4.92 -18.07
N ARG A 45 2.69 -4.13 -17.03
CA ARG A 45 2.70 -4.63 -15.63
C ARG A 45 1.30 -5.11 -15.21
N ARG A 46 1.26 -6.10 -14.30
CA ARG A 46 -0.01 -6.67 -13.79
C ARG A 46 -0.13 -6.49 -12.28
N PHE A 47 -1.37 -6.53 -11.78
CA PHE A 47 -1.65 -6.32 -10.36
C PHE A 47 -2.76 -7.27 -9.88
N SER A 48 -2.91 -7.36 -8.55
CA SER A 48 -3.91 -8.27 -7.95
C SER A 48 -5.10 -7.49 -7.33
N ARG A 49 -4.97 -6.15 -7.28
CA ARG A 49 -6.03 -5.28 -6.70
C ARG A 49 -6.02 -3.90 -7.39
N SER A 50 -7.22 -3.29 -7.47
CA SER A 50 -7.37 -1.96 -8.12
C SER A 50 -6.53 -0.88 -7.43
N ASP A 51 -6.35 -1.01 -6.10
CA ASP A 51 -5.54 -0.07 -5.32
C ASP A 51 -4.08 -0.04 -5.84
N GLN A 52 -3.53 -1.23 -6.13
CA GLN A 52 -2.18 -1.36 -6.69
C GLN A 52 -2.12 -0.76 -8.10
N LEU A 53 -3.11 -1.11 -8.94
CA LEU A 53 -3.18 -0.60 -10.31
C LEU A 53 -3.20 0.94 -10.33
N LYS A 54 -4.08 1.55 -9.53
CA LYS A 54 -4.22 3.00 -9.49
C LYS A 54 -2.92 3.68 -9.13
N ARG A 55 -2.33 3.27 -8.01
CA ARG A 55 -1.10 3.92 -7.48
C ARG A 55 0.05 3.80 -8.50
N HIS A 56 0.13 2.66 -9.18
CA HIS A 56 1.14 2.46 -10.23
C HIS A 56 0.92 3.42 -11.42
N GLN A 57 -0.34 3.52 -11.88
CA GLN A 57 -0.66 4.35 -13.06
C GLN A 57 -0.65 5.86 -12.72
N ARG A 58 -0.96 6.18 -11.45
CA ARG A 58 -0.88 7.58 -10.96
C ARG A 58 0.54 8.13 -11.09
N ARG A 59 1.54 7.24 -10.98
CA ARG A 59 2.96 7.63 -11.13
C ARG A 59 3.36 7.79 -12.62
N HIS A 60 2.58 7.18 -13.53
CA HIS A 60 2.77 7.41 -14.98
C HIS A 60 2.18 8.77 -15.40
N THR A 61 0.96 9.08 -14.91
CA THR A 61 0.25 10.31 -15.30
C THR A 61 0.74 11.52 -14.49
N GLY A 62 1.23 11.26 -13.27
CA GLY A 62 1.68 12.34 -12.37
C GLY A 62 0.51 12.94 -11.55
N VAL A 63 -0.66 12.28 -11.59
CA VAL A 63 -1.84 12.73 -10.83
C VAL A 63 -1.80 12.16 -9.39
N LYS A 64 -1.61 13.06 -8.41
CA LYS A 64 -1.42 12.64 -7.00
C LYS A 64 -2.27 13.53 -6.05
N PRO A 65 -3.49 13.05 -5.68
CA PRO A 65 -4.46 13.85 -4.94
C PRO A 65 -4.17 13.93 -3.42
N PHE A 66 -3.07 13.30 -2.98
CA PHE A 66 -2.69 13.29 -1.56
C PHE A 66 -1.58 14.30 -1.30
N GLN A 67 -1.91 15.39 -0.60
CA GLN A 67 -0.95 16.45 -0.31
C GLN A 67 -1.12 16.97 1.13
N CYS A 68 -0.08 17.64 1.63
CA CYS A 68 -0.11 18.26 2.94
C CYS A 68 -1.03 19.51 2.94
N LYS A 69 -1.39 19.97 4.14
CA LYS A 69 -2.18 21.20 4.31
C LYS A 69 -1.41 22.20 5.21
N THR A 70 -0.09 22.05 5.26
CA THR A 70 0.78 22.94 6.05
C THR A 70 1.97 23.42 5.19
N CYS A 71 2.61 22.48 4.47
CA CYS A 71 3.69 22.82 3.51
C CYS A 71 3.27 22.47 2.04
N GLN A 72 2.16 21.71 1.92
CA GLN A 72 1.53 21.41 0.59
C GLN A 72 2.34 20.37 -0.23
N ARG A 73 3.32 19.70 0.42
CA ARG A 73 4.08 18.58 -0.25
C ARG A 73 3.13 17.49 -0.76
N LYS A 74 3.56 16.77 -1.80
CA LYS A 74 2.69 15.83 -2.55
C LYS A 74 3.20 14.38 -2.44
N PHE A 75 2.28 13.41 -2.37
CA PHE A 75 2.67 11.99 -2.19
C PHE A 75 1.72 11.06 -2.97
N SER A 76 2.24 9.88 -3.37
CA SER A 76 1.45 8.89 -4.14
C SER A 76 0.43 8.15 -3.25
N ARG A 77 0.61 8.23 -1.91
CA ARG A 77 -0.31 7.57 -0.95
C ARG A 77 -0.60 8.48 0.24
N SER A 78 -1.82 8.39 0.77
CA SER A 78 -2.21 9.11 2.01
C SER A 78 -1.46 8.51 3.24
N ASP A 79 -0.99 7.27 3.11
CA ASP A 79 -0.21 6.63 4.16
C ASP A 79 1.16 7.31 4.34
N HIS A 80 1.79 7.69 3.21
CA HIS A 80 3.07 8.40 3.24
C HIS A 80 2.86 9.85 3.70
N LEU A 81 1.72 10.45 3.28
CA LEU A 81 1.33 11.77 3.74
C LEU A 81 1.20 11.82 5.28
N LYS A 82 0.59 10.77 5.86
CA LYS A 82 0.45 10.66 7.32
C LYS A 82 1.81 10.70 8.01
N THR A 83 2.75 9.86 7.54
CA THR A 83 4.11 9.78 8.16
C THR A 83 4.86 11.12 8.04
N HIS A 84 4.57 11.88 6.98
CA HIS A 84 5.13 13.24 6.82
C HIS A 84 4.44 14.22 7.79
N THR A 85 3.11 14.12 7.92
CA THR A 85 2.33 15.02 8.79
C THR A 85 2.85 14.98 10.24
N ARG A 86 3.33 13.80 10.67
CA ARG A 86 3.91 13.64 12.04
C ARG A 86 5.07 14.64 12.28
N THR A 87 5.79 14.99 11.21
CA THR A 87 6.95 15.91 11.31
C THR A 87 6.50 17.35 11.62
N HIS A 88 5.23 17.68 11.31
CA HIS A 88 4.67 19.01 11.61
C HIS A 88 3.99 19.02 13.00
N THR A 89 3.40 17.88 13.39
CA THR A 89 2.66 17.78 14.67
C THR A 89 3.61 17.55 15.86
N GLY A 90 4.82 17.06 15.56
CA GLY A 90 5.83 16.82 16.61
C GLY A 90 5.71 15.41 17.25
N GLU A 91 4.77 14.60 16.73
CA GLU A 91 4.58 13.23 17.24
C GLU A 91 5.71 12.30 16.76
N LYS A 92 6.13 11.37 17.63
CA LYS A 92 7.23 10.43 17.32
C LYS A 92 6.86 9.00 17.78
N PRO A 93 6.23 8.21 16.89
CA PRO A 93 5.64 6.91 17.25
C PRO A 93 6.68 5.78 17.43
N PHE A 94 7.89 5.97 16.90
CA PHE A 94 8.93 4.91 16.94
C PHE A 94 9.77 5.02 18.23
N SER A 95 10.70 4.08 18.40
CA SER A 95 11.56 4.03 19.59
C SER A 95 12.83 3.22 19.30
N CYS A 96 13.90 3.50 20.06
CA CYS A 96 15.14 2.73 19.96
C CYS A 96 14.93 1.28 20.46
N ARG A 97 15.42 0.30 19.68
CA ARG A 97 15.16 -1.13 19.97
C ARG A 97 15.95 -1.60 21.22
N TRP A 98 17.05 -0.92 21.52
CA TRP A 98 17.94 -1.32 22.62
C TRP A 98 17.23 -1.14 23.99
N PRO A 99 17.48 -2.05 24.96
CA PRO A 99 16.88 -1.98 26.29
C PRO A 99 17.50 -0.87 27.17
N SER A 100 18.74 -0.48 26.85
CA SER A 100 19.45 0.57 27.61
C SER A 100 19.16 1.98 27.05
N CYS A 101 18.25 2.05 26.06
CA CYS A 101 17.93 3.32 25.38
C CYS A 101 16.40 3.55 25.34
N GLN A 102 15.99 4.83 25.34
CA GLN A 102 14.56 5.20 25.40
C GLN A 102 14.25 6.40 24.45
N LYS A 103 15.14 6.65 23.48
CA LYS A 103 14.93 7.71 22.48
C LYS A 103 13.73 7.37 21.58
N LYS A 104 13.10 8.42 21.04
CA LYS A 104 11.91 8.26 20.17
C LYS A 104 12.12 8.94 18.82
N PHE A 105 11.60 8.31 17.77
CA PHE A 105 11.76 8.82 16.40
C PHE A 105 10.43 8.78 15.65
N ALA A 106 10.39 9.38 14.47
CA ALA A 106 9.16 9.43 13.67
C ALA A 106 9.42 8.96 12.23
N ARG A 107 10.68 9.05 11.79
CA ARG A 107 11.08 8.65 10.44
C ARG A 107 12.08 7.50 10.50
N SER A 108 12.00 6.60 9.54
CA SER A 108 12.91 5.44 9.46
C SER A 108 14.38 5.91 9.32
N ASP A 109 14.58 7.08 8.71
CA ASP A 109 15.92 7.68 8.55
C ASP A 109 16.52 8.01 9.93
N GLU A 110 15.74 8.68 10.80
CA GLU A 110 16.16 8.97 12.17
C GLU A 110 16.51 7.67 12.92
N LEU A 111 15.60 6.68 12.85
CA LEU A 111 15.75 5.43 13.59
C LEU A 111 17.05 4.70 13.17
N VAL A 112 17.27 4.58 11.87
CA VAL A 112 18.46 3.89 11.33
C VAL A 112 19.75 4.67 11.67
N ARG A 113 19.68 6.00 11.59
CA ARG A 113 20.86 6.86 11.89
C ARG A 113 21.30 6.68 13.36
N HIS A 114 20.34 6.55 14.27
CA HIS A 114 20.64 6.34 15.68
C HIS A 114 21.12 4.89 15.94
N HIS A 115 20.52 3.93 15.23
CA HIS A 115 20.92 2.51 15.35
C HIS A 115 22.41 2.31 14.89
N ASN A 116 22.90 3.20 14.03
CA ASN A 116 24.31 3.17 13.59
C ASN A 116 25.25 3.64 14.73
N MET A 117 24.77 4.58 15.56
CA MET A 117 25.54 5.05 16.73
C MET A 117 25.72 3.92 17.76
N HIS A 118 24.66 3.14 17.96
CA HIS A 118 24.72 1.93 18.81
C HIS A 118 25.60 0.86 18.14
N SER A 1 -32.50 -16.94 -2.21
CA SER A 1 -32.51 -16.60 -3.65
C SER A 1 -31.56 -15.42 -3.95
N GLU A 2 -30.89 -14.90 -2.91
CA GLU A 2 -29.96 -13.77 -3.06
C GLU A 2 -28.87 -13.83 -1.97
N LYS A 3 -27.66 -13.33 -2.30
CA LYS A 3 -26.52 -13.32 -1.36
C LYS A 3 -25.55 -12.16 -1.67
N ARG A 4 -24.42 -12.12 -0.95
CA ARG A 4 -23.41 -11.05 -1.13
C ARG A 4 -21.97 -11.64 -1.33
N PRO A 5 -21.54 -12.65 -0.52
CA PRO A 5 -20.20 -13.25 -0.66
C PRO A 5 -20.15 -14.31 -1.77
N PHE A 6 -18.94 -14.56 -2.28
CA PHE A 6 -18.71 -15.59 -3.31
C PHE A 6 -17.37 -16.30 -3.08
N MET A 7 -17.31 -17.59 -3.44
CA MET A 7 -16.12 -18.41 -3.15
C MET A 7 -15.52 -19.02 -4.43
N CYS A 8 -14.24 -19.35 -4.39
CA CYS A 8 -13.54 -20.00 -5.50
C CYS A 8 -14.06 -21.45 -5.69
N ALA A 9 -14.05 -21.92 -6.94
CA ALA A 9 -14.61 -23.23 -7.30
C ALA A 9 -13.50 -24.33 -7.32
N TYR A 10 -12.23 -23.91 -7.18
CA TYR A 10 -11.11 -24.86 -7.18
C TYR A 10 -10.98 -25.56 -5.79
N PRO A 11 -10.69 -26.88 -5.78
CA PRO A 11 -10.63 -27.67 -4.53
C PRO A 11 -9.38 -27.34 -3.67
N GLY A 12 -8.29 -26.94 -4.35
CA GLY A 12 -7.02 -26.65 -3.65
C GLY A 12 -6.93 -25.21 -3.12
N CYS A 13 -7.88 -24.36 -3.56
CA CYS A 13 -7.88 -22.93 -3.20
C CYS A 13 -9.13 -22.59 -2.35
N ASN A 14 -10.29 -22.47 -3.02
CA ASN A 14 -11.59 -22.35 -2.34
C ASN A 14 -11.64 -21.11 -1.37
N LYS A 15 -10.86 -20.07 -1.69
CA LYS A 15 -10.91 -18.79 -0.94
C LYS A 15 -12.25 -18.07 -1.17
N ARG A 16 -12.49 -16.99 -0.41
CA ARG A 16 -13.79 -16.26 -0.45
C ARG A 16 -13.57 -14.74 -0.60
N TYR A 17 -14.56 -14.09 -1.23
CA TYR A 17 -14.53 -12.62 -1.44
C TYR A 17 -15.94 -12.02 -1.25
N PHE A 18 -16.01 -10.71 -1.04
CA PHE A 18 -17.28 -10.04 -0.66
C PHE A 18 -17.99 -9.41 -1.89
N LYS A 19 -17.54 -9.77 -3.11
CA LYS A 19 -18.19 -9.31 -4.36
C LYS A 19 -17.90 -10.28 -5.52
N LEU A 20 -18.88 -10.45 -6.41
CA LEU A 20 -18.72 -11.30 -7.61
C LEU A 20 -17.63 -10.72 -8.55
N SER A 21 -17.46 -9.40 -8.52
CA SER A 21 -16.43 -8.72 -9.34
C SER A 21 -15.01 -9.15 -8.92
N HIS A 22 -14.84 -9.48 -7.63
CA HIS A 22 -13.55 -9.98 -7.12
C HIS A 22 -13.35 -11.45 -7.46
N LEU A 23 -14.45 -12.23 -7.44
CA LEU A 23 -14.40 -13.66 -7.76
C LEU A 23 -14.01 -13.89 -9.24
N GLN A 24 -14.56 -13.06 -10.14
CA GLN A 24 -14.21 -13.13 -11.57
C GLN A 24 -12.73 -12.78 -11.82
N MET A 25 -12.19 -11.89 -10.97
CA MET A 25 -10.76 -11.54 -11.01
C MET A 25 -9.90 -12.66 -10.41
N HIS A 26 -10.40 -13.29 -9.35
CA HIS A 26 -9.70 -14.40 -8.70
C HIS A 26 -9.53 -15.58 -9.69
N SER A 27 -10.62 -15.94 -10.38
CA SER A 27 -10.61 -17.11 -11.31
C SER A 27 -9.45 -17.02 -12.32
N ARG A 28 -9.02 -15.78 -12.65
CA ARG A 28 -7.90 -15.55 -13.60
C ARG A 28 -6.62 -16.22 -13.09
N LYS A 29 -6.41 -16.18 -11.77
CA LYS A 29 -5.21 -16.79 -11.14
C LYS A 29 -5.07 -18.28 -11.52
N HIS A 30 -6.20 -18.98 -11.64
CA HIS A 30 -6.21 -20.41 -11.97
C HIS A 30 -6.03 -20.64 -13.49
N THR A 31 -6.76 -19.89 -14.31
CA THR A 31 -6.71 -20.06 -15.79
C THR A 31 -5.33 -19.64 -16.34
N GLY A 32 -4.69 -18.65 -15.69
CA GLY A 32 -3.33 -18.23 -16.06
C GLY A 32 -3.27 -16.77 -16.51
N GLU A 33 -4.03 -15.90 -15.84
CA GLU A 33 -4.08 -14.46 -16.15
C GLU A 33 -3.97 -13.62 -14.87
N LYS A 34 -3.43 -12.40 -15.01
CA LYS A 34 -3.37 -11.43 -13.91
C LYS A 34 -4.72 -10.68 -13.78
N PRO A 35 -5.20 -10.44 -12.53
CA PRO A 35 -6.48 -9.77 -12.30
C PRO A 35 -6.42 -8.27 -12.65
N TYR A 36 -5.37 -7.57 -12.19
CA TYR A 36 -5.14 -6.16 -12.53
C TYR A 36 -3.81 -6.00 -13.29
N GLN A 37 -3.76 -4.97 -14.15
CA GLN A 37 -2.58 -4.73 -14.99
C GLN A 37 -2.59 -3.29 -15.54
N CYS A 38 -1.39 -2.74 -15.76
CA CYS A 38 -1.24 -1.37 -16.26
C CYS A 38 -1.64 -1.28 -17.76
N ASP A 39 -2.72 -0.54 -18.03
CA ASP A 39 -3.26 -0.42 -19.42
C ASP A 39 -2.45 0.60 -20.26
N PHE A 40 -1.36 1.15 -19.68
CA PHE A 40 -0.52 2.15 -20.36
C PHE A 40 0.05 1.60 -21.71
N LYS A 41 0.51 2.51 -22.57
CA LYS A 41 0.89 2.19 -23.98
C LYS A 41 1.74 0.90 -24.07
N ASP A 42 2.83 0.84 -23.29
CA ASP A 42 3.82 -0.26 -23.42
C ASP A 42 4.20 -0.85 -22.04
N CYS A 43 3.41 -0.53 -21.01
CA CYS A 43 3.63 -1.09 -19.67
C CYS A 43 3.01 -2.52 -19.56
N GLU A 44 3.61 -3.34 -18.67
CA GLU A 44 3.20 -4.75 -18.54
C GLU A 44 3.03 -5.16 -17.06
N ARG A 45 3.17 -4.18 -16.14
CA ARG A 45 3.08 -4.44 -14.68
C ARG A 45 1.72 -5.06 -14.30
N ARG A 46 1.72 -5.89 -13.25
CA ARG A 46 0.51 -6.56 -12.74
C ARG A 46 0.25 -6.19 -11.27
N PHE A 47 -1.00 -6.32 -10.84
CA PHE A 47 -1.38 -6.06 -9.44
C PHE A 47 -2.52 -7.00 -9.02
N SER A 48 -2.91 -6.92 -7.73
CA SER A 48 -3.97 -7.79 -7.19
C SER A 48 -5.12 -6.97 -6.58
N ARG A 49 -4.95 -5.61 -6.54
CA ARG A 49 -6.01 -4.71 -6.02
C ARG A 49 -6.10 -3.45 -6.88
N SER A 50 -7.29 -2.83 -6.89
CA SER A 50 -7.51 -1.56 -7.60
C SER A 50 -6.62 -0.44 -7.02
N ASP A 51 -6.34 -0.50 -5.71
CA ASP A 51 -5.47 0.49 -5.06
C ASP A 51 -4.05 0.43 -5.65
N GLN A 52 -3.53 -0.79 -5.80
CA GLN A 52 -2.21 -1.00 -6.38
C GLN A 52 -2.18 -0.56 -7.85
N LEU A 53 -3.23 -0.92 -8.61
CA LEU A 53 -3.37 -0.51 -10.02
C LEU A 53 -3.36 1.02 -10.14
N LYS A 54 -4.30 1.69 -9.46
CA LYS A 54 -4.43 3.17 -9.54
C LYS A 54 -3.14 3.86 -9.05
N ARG A 55 -2.55 3.31 -7.98
CA ARG A 55 -1.28 3.83 -7.42
C ARG A 55 -0.18 3.86 -8.49
N HIS A 56 -0.09 2.78 -9.27
CA HIS A 56 0.94 2.65 -10.30
C HIS A 56 0.59 3.49 -11.56
N GLN A 57 -0.68 3.42 -12.01
CA GLN A 57 -1.14 4.17 -13.18
C GLN A 57 -0.96 5.69 -12.97
N ARG A 58 -1.13 6.14 -11.72
CA ARG A 58 -1.00 7.57 -11.37
C ARG A 58 0.43 8.09 -11.62
N ARG A 59 1.41 7.17 -11.68
CA ARG A 59 2.83 7.54 -11.97
C ARG A 59 3.03 7.84 -13.46
N HIS A 60 2.22 7.23 -14.32
CA HIS A 60 2.26 7.49 -15.76
C HIS A 60 1.55 8.81 -16.11
N THR A 61 0.43 9.09 -15.44
CA THR A 61 -0.36 10.31 -15.68
C THR A 61 0.23 11.53 -14.93
N GLY A 62 0.93 11.26 -13.81
CA GLY A 62 1.49 12.34 -12.98
C GLY A 62 0.48 12.89 -11.95
N VAL A 63 -0.59 12.11 -11.71
CA VAL A 63 -1.64 12.51 -10.75
C VAL A 63 -1.26 12.07 -9.31
N LYS A 64 -1.02 13.05 -8.43
CA LYS A 64 -0.68 12.76 -7.01
C LYS A 64 -1.71 13.43 -6.07
N PRO A 65 -2.77 12.67 -5.68
CA PRO A 65 -3.89 13.22 -4.91
C PRO A 65 -3.62 13.28 -3.40
N PHE A 66 -2.48 12.71 -2.96
CA PHE A 66 -2.12 12.69 -1.55
C PHE A 66 -1.29 13.93 -1.19
N GLN A 67 -1.81 14.73 -0.26
CA GLN A 67 -1.22 16.04 0.04
C GLN A 67 -1.25 16.31 1.56
N CYS A 68 -0.18 16.92 2.07
CA CYS A 68 -0.11 17.32 3.48
C CYS A 68 -1.31 18.20 3.85
N LYS A 69 -1.63 18.22 5.15
CA LYS A 69 -2.77 18.98 5.65
C LYS A 69 -2.31 20.25 6.40
N THR A 70 -1.00 20.56 6.31
CA THR A 70 -0.42 21.74 6.99
C THR A 70 0.46 22.56 6.02
N CYS A 71 1.45 21.91 5.39
CA CYS A 71 2.39 22.61 4.47
C CYS A 71 2.02 22.34 2.98
N GLN A 72 0.96 21.54 2.76
CA GLN A 72 0.36 21.34 1.41
C GLN A 72 1.34 20.61 0.44
N ARG A 73 2.41 20.00 0.98
CA ARG A 73 3.36 19.20 0.15
C ARG A 73 2.65 17.97 -0.45
N LYS A 74 3.23 17.43 -1.52
CA LYS A 74 2.58 16.39 -2.35
C LYS A 74 3.33 15.06 -2.29
N PHE A 75 2.60 13.94 -2.19
CA PHE A 75 3.23 12.62 -1.94
C PHE A 75 2.58 11.53 -2.81
N SER A 76 3.36 10.47 -3.07
CA SER A 76 2.93 9.39 -3.98
C SER A 76 1.77 8.56 -3.39
N ARG A 77 1.77 8.38 -2.05
CA ARG A 77 0.78 7.48 -1.38
C ARG A 77 0.24 8.07 -0.08
N SER A 78 -0.87 7.51 0.39
CA SER A 78 -1.51 7.93 1.65
C SER A 78 -0.61 7.66 2.86
N ASP A 79 0.06 6.52 2.86
CA ASP A 79 0.93 6.12 3.97
C ASP A 79 2.11 7.10 4.09
N HIS A 80 2.59 7.60 2.96
CA HIS A 80 3.65 8.62 2.92
C HIS A 80 3.11 9.95 3.48
N LEU A 81 1.86 10.29 3.12
CA LEU A 81 1.21 11.51 3.60
C LEU A 81 1.07 11.50 5.13
N LYS A 82 0.49 10.42 5.67
CA LYS A 82 0.27 10.29 7.13
C LYS A 82 1.60 10.37 7.90
N THR A 83 2.63 9.69 7.39
CA THR A 83 3.97 9.70 8.03
C THR A 83 4.56 11.12 8.07
N HIS A 84 4.13 11.97 7.13
CA HIS A 84 4.57 13.38 7.09
C HIS A 84 3.72 14.24 8.05
N THR A 85 2.39 14.12 7.98
CA THR A 85 1.47 14.98 8.77
C THR A 85 1.82 14.93 10.27
N ARG A 86 2.17 13.75 10.77
CA ARG A 86 2.42 13.55 12.20
C ARG A 86 3.70 14.30 12.67
N THR A 87 4.55 14.72 11.72
CA THR A 87 5.75 15.51 12.05
C THR A 87 5.38 16.96 12.42
N HIS A 88 4.20 17.43 11.97
CA HIS A 88 3.69 18.77 12.33
C HIS A 88 2.95 18.74 13.69
N THR A 89 2.42 17.56 14.07
CA THR A 89 1.67 17.40 15.33
C THR A 89 2.63 17.13 16.51
N GLY A 90 3.89 16.78 16.20
CA GLY A 90 4.90 16.53 17.23
C GLY A 90 5.00 15.05 17.63
N GLU A 91 4.20 14.20 16.98
CA GLU A 91 4.21 12.75 17.25
C GLU A 91 5.42 12.06 16.57
N LYS A 92 5.99 11.05 17.25
CA LYS A 92 7.13 10.27 16.71
C LYS A 92 6.91 8.75 16.96
N PRO A 93 6.44 8.02 15.92
CA PRO A 93 5.98 6.62 16.09
C PRO A 93 7.11 5.62 16.43
N PHE A 94 8.34 5.91 16.01
CA PHE A 94 9.46 4.96 16.15
C PHE A 94 10.12 5.08 17.54
N SER A 95 11.02 4.14 17.85
CA SER A 95 11.79 4.18 19.10
C SER A 95 13.13 3.43 18.92
N CYS A 96 14.13 3.79 19.72
CA CYS A 96 15.44 3.13 19.67
C CYS A 96 15.32 1.64 20.07
N ARG A 97 16.21 0.80 19.54
CA ARG A 97 16.15 -0.66 19.73
C ARG A 97 16.97 -1.11 20.95
N TRP A 98 18.05 -0.39 21.23
CA TRP A 98 18.98 -0.76 22.31
C TRP A 98 18.32 -0.60 23.70
N PRO A 99 18.77 -1.39 24.70
CA PRO A 99 18.32 -1.25 26.08
C PRO A 99 18.84 0.04 26.73
N SER A 100 18.09 0.53 27.74
CA SER A 100 18.45 1.79 28.48
C SER A 100 18.18 3.06 27.62
N CYS A 101 18.38 2.95 26.30
CA CYS A 101 18.07 4.03 25.37
C CYS A 101 16.53 4.16 25.19
N GLN A 102 16.04 5.41 25.11
CA GLN A 102 14.59 5.67 25.07
C GLN A 102 14.26 6.80 24.06
N LYS A 103 15.16 7.03 23.09
CA LYS A 103 14.92 8.02 22.03
C LYS A 103 13.79 7.57 21.10
N LYS A 104 13.16 8.54 20.43
CA LYS A 104 12.05 8.27 19.50
C LYS A 104 12.21 9.06 18.22
N PHE A 105 11.72 8.49 17.12
CA PHE A 105 11.91 9.07 15.78
C PHE A 105 10.61 8.96 14.96
N ALA A 106 10.62 9.52 13.76
CA ALA A 106 9.43 9.50 12.90
C ALA A 106 9.74 8.86 11.52
N ARG A 107 11.03 8.61 11.25
CA ARG A 107 11.44 7.93 10.03
C ARG A 107 12.29 6.70 10.37
N SER A 108 12.15 5.65 9.58
CA SER A 108 13.02 4.47 9.68
C SER A 108 14.48 4.84 9.39
N ASP A 109 14.67 5.87 8.54
CA ASP A 109 16.00 6.40 8.25
C ASP A 109 16.64 7.01 9.52
N GLU A 110 15.88 7.85 10.24
CA GLU A 110 16.36 8.44 11.50
C GLU A 110 16.75 7.35 12.52
N LEU A 111 15.91 6.31 12.63
CA LEU A 111 16.18 5.19 13.54
C LEU A 111 17.48 4.46 13.15
N VAL A 112 17.63 4.14 11.86
CA VAL A 112 18.83 3.45 11.36
C VAL A 112 20.09 4.31 11.56
N ARG A 113 19.97 5.62 11.31
CA ARG A 113 21.10 6.55 11.48
C ARG A 113 21.54 6.62 12.96
N HIS A 114 20.57 6.56 13.89
CA HIS A 114 20.89 6.53 15.32
C HIS A 114 21.49 5.15 15.73
N HIS A 115 21.01 4.07 15.09
CA HIS A 115 21.52 2.72 15.35
C HIS A 115 23.01 2.58 14.92
N ASN A 116 23.47 3.48 14.02
CA ASN A 116 24.88 3.53 13.62
C ASN A 116 25.74 4.24 14.69
N MET A 117 25.15 5.22 15.40
CA MET A 117 25.84 5.94 16.50
C MET A 117 26.15 4.98 17.66
N HIS A 118 25.22 4.04 17.93
CA HIS A 118 25.44 2.99 18.93
C HIS A 118 26.60 2.06 18.49
N SER A 1 -25.81 -12.14 -6.89
CA SER A 1 -26.51 -11.40 -7.95
C SER A 1 -26.34 -9.87 -7.77
N GLU A 2 -25.93 -9.45 -6.57
CA GLU A 2 -25.71 -8.03 -6.26
C GLU A 2 -24.76 -7.87 -5.05
N LYS A 3 -25.11 -8.53 -3.94
CA LYS A 3 -24.31 -8.47 -2.71
C LYS A 3 -24.38 -9.82 -1.95
N ARG A 4 -23.55 -10.78 -2.39
CA ARG A 4 -23.54 -12.14 -1.81
C ARG A 4 -22.10 -12.66 -1.67
N PRO A 5 -21.83 -13.52 -0.65
CA PRO A 5 -20.53 -14.13 -0.46
C PRO A 5 -20.31 -15.32 -1.42
N PHE A 6 -19.05 -15.51 -1.84
CA PHE A 6 -18.67 -16.62 -2.72
C PHE A 6 -17.25 -17.10 -2.40
N MET A 7 -16.96 -18.37 -2.70
CA MET A 7 -15.64 -18.94 -2.45
C MET A 7 -15.03 -19.53 -3.73
N CYS A 8 -13.70 -19.69 -3.75
CA CYS A 8 -12.97 -20.15 -4.93
C CYS A 8 -13.26 -21.64 -5.22
N ALA A 9 -13.29 -21.99 -6.51
CA ALA A 9 -13.62 -23.35 -6.94
C ALA A 9 -12.39 -24.28 -6.88
N TYR A 10 -11.18 -23.69 -6.88
CA TYR A 10 -9.93 -24.47 -6.86
C TYR A 10 -9.76 -25.18 -5.48
N PRO A 11 -9.56 -26.52 -5.48
CA PRO A 11 -9.57 -27.32 -4.25
C PRO A 11 -8.35 -27.07 -3.34
N GLY A 12 -7.29 -26.47 -3.91
CA GLY A 12 -6.09 -26.15 -3.13
C GLY A 12 -6.13 -24.74 -2.51
N CYS A 13 -7.22 -23.99 -2.81
CA CYS A 13 -7.30 -22.57 -2.44
C CYS A 13 -8.61 -22.29 -1.64
N ASN A 14 -9.76 -22.40 -2.33
CA ASN A 14 -11.08 -22.13 -1.73
C ASN A 14 -11.09 -20.80 -0.89
N LYS A 15 -10.43 -19.75 -1.42
CA LYS A 15 -10.48 -18.38 -0.80
C LYS A 15 -11.92 -17.85 -0.77
N ARG A 16 -12.15 -16.78 0.00
CA ARG A 16 -13.51 -16.20 0.17
C ARG A 16 -13.53 -14.74 -0.31
N TYR A 17 -14.58 -14.37 -1.07
CA TYR A 17 -14.79 -12.98 -1.51
C TYR A 17 -16.26 -12.55 -1.26
N PHE A 18 -16.46 -11.23 -1.13
CA PHE A 18 -17.80 -10.67 -0.80
C PHE A 18 -18.52 -10.17 -2.08
N LYS A 19 -17.99 -10.51 -3.26
CA LYS A 19 -18.57 -10.06 -4.55
C LYS A 19 -18.22 -11.06 -5.66
N LEU A 20 -19.22 -11.36 -6.51
CA LEU A 20 -19.00 -12.26 -7.67
C LEU A 20 -18.00 -11.64 -8.67
N SER A 21 -17.93 -10.30 -8.68
CA SER A 21 -16.99 -9.58 -9.55
C SER A 21 -15.54 -9.95 -9.24
N HIS A 22 -15.24 -10.13 -7.94
CA HIS A 22 -13.89 -10.45 -7.49
C HIS A 22 -13.60 -11.95 -7.63
N LEU A 23 -14.64 -12.78 -7.47
CA LEU A 23 -14.52 -14.23 -7.60
C LEU A 23 -14.06 -14.64 -9.01
N GLN A 24 -14.68 -14.01 -10.04
CA GLN A 24 -14.33 -14.29 -11.44
C GLN A 24 -12.89 -13.84 -11.74
N MET A 25 -12.47 -12.72 -11.15
CA MET A 25 -11.10 -12.20 -11.32
C MET A 25 -10.08 -13.11 -10.64
N HIS A 26 -10.39 -13.55 -9.41
CA HIS A 26 -9.53 -14.48 -8.67
C HIS A 26 -9.40 -15.82 -9.41
N SER A 27 -10.54 -16.38 -9.84
CA SER A 27 -10.57 -17.66 -10.56
C SER A 27 -9.67 -17.61 -11.82
N ARG A 28 -9.65 -16.46 -12.50
CA ARG A 28 -8.83 -16.29 -13.71
C ARG A 28 -7.32 -16.45 -13.41
N LYS A 29 -6.91 -16.07 -12.20
CA LYS A 29 -5.50 -16.19 -11.78
C LYS A 29 -5.07 -17.68 -11.71
N HIS A 30 -6.03 -18.57 -11.44
CA HIS A 30 -5.76 -20.02 -11.44
C HIS A 30 -5.69 -20.57 -12.90
N THR A 31 -6.57 -20.06 -13.78
CA THR A 31 -6.55 -20.47 -15.22
C THR A 31 -5.23 -20.05 -15.90
N GLY A 32 -4.57 -19.02 -15.35
CA GLY A 32 -3.22 -18.65 -15.79
C GLY A 32 -3.18 -17.31 -16.55
N GLU A 33 -4.13 -16.41 -16.24
CA GLU A 33 -4.18 -15.07 -16.86
C GLU A 33 -4.51 -13.99 -15.80
N LYS A 34 -4.12 -12.75 -16.10
CA LYS A 34 -4.25 -11.63 -15.15
C LYS A 34 -5.67 -11.04 -15.17
N PRO A 35 -6.21 -10.65 -14.00
CA PRO A 35 -7.47 -9.93 -13.90
C PRO A 35 -7.33 -8.43 -14.25
N TYR A 36 -6.22 -7.80 -13.79
CA TYR A 36 -5.96 -6.36 -14.04
C TYR A 36 -4.60 -6.17 -14.74
N GLN A 37 -4.47 -5.06 -15.49
CA GLN A 37 -3.24 -4.75 -16.21
C GLN A 37 -3.16 -3.25 -16.56
N CYS A 38 -1.93 -2.74 -16.64
CA CYS A 38 -1.67 -1.33 -16.93
C CYS A 38 -2.14 -0.98 -18.37
N ASP A 39 -3.08 -0.02 -18.47
CA ASP A 39 -3.69 0.34 -19.76
C ASP A 39 -2.79 1.31 -20.58
N PHE A 40 -1.66 1.72 -20.00
CA PHE A 40 -0.74 2.68 -20.65
C PHE A 40 -0.19 2.10 -21.97
N LYS A 41 0.15 3.00 -22.92
CA LYS A 41 0.59 2.60 -24.28
C LYS A 41 1.85 1.73 -24.25
N ASP A 42 2.83 2.13 -23.43
CA ASP A 42 4.17 1.49 -23.45
C ASP A 42 4.44 0.72 -22.12
N CYS A 43 3.38 0.10 -21.57
CA CYS A 43 3.50 -0.69 -20.33
C CYS A 43 2.58 -1.92 -20.38
N GLU A 44 2.99 -3.01 -19.71
CA GLU A 44 2.24 -4.29 -19.74
C GLU A 44 2.11 -4.89 -18.31
N ARG A 45 2.42 -4.08 -17.28
CA ARG A 45 2.37 -4.56 -15.88
C ARG A 45 0.99 -5.14 -15.52
N ARG A 46 0.98 -6.09 -14.57
CA ARG A 46 -0.26 -6.85 -14.22
C ARG A 46 -0.48 -6.83 -12.70
N PHE A 47 -1.76 -6.90 -12.28
CA PHE A 47 -2.11 -6.77 -10.85
C PHE A 47 -3.30 -7.69 -10.49
N SER A 48 -3.62 -7.76 -9.19
CA SER A 48 -4.71 -8.63 -8.69
C SER A 48 -5.84 -7.81 -8.03
N ARG A 49 -5.66 -6.47 -7.97
CA ARG A 49 -6.66 -5.56 -7.33
C ARG A 49 -6.66 -4.19 -8.05
N SER A 50 -7.85 -3.58 -8.15
CA SER A 50 -8.01 -2.26 -8.80
C SER A 50 -7.18 -1.18 -8.08
N ASP A 51 -6.99 -1.36 -6.76
CA ASP A 51 -6.16 -0.44 -5.95
C ASP A 51 -4.71 -0.36 -6.51
N GLN A 52 -4.14 -1.52 -6.84
CA GLN A 52 -2.80 -1.59 -7.45
C GLN A 52 -2.81 -0.92 -8.83
N LEU A 53 -3.82 -1.27 -9.65
CA LEU A 53 -3.94 -0.73 -11.00
C LEU A 53 -3.98 0.81 -10.98
N LYS A 54 -4.89 1.38 -10.19
CA LYS A 54 -5.05 2.84 -10.10
C LYS A 54 -3.73 3.51 -9.75
N ARG A 55 -3.10 3.06 -8.68
CA ARG A 55 -1.86 3.67 -8.17
C ARG A 55 -0.74 3.58 -9.21
N HIS A 56 -0.61 2.42 -9.84
CA HIS A 56 0.39 2.24 -10.90
C HIS A 56 0.12 3.20 -12.09
N GLN A 57 -1.16 3.34 -12.47
CA GLN A 57 -1.56 4.23 -13.57
C GLN A 57 -1.24 5.71 -13.23
N ARG A 58 -1.38 6.07 -11.95
CA ARG A 58 -1.16 7.46 -11.49
C ARG A 58 0.31 7.89 -11.68
N ARG A 59 1.22 6.91 -11.71
CA ARG A 59 2.66 7.19 -11.90
C ARG A 59 2.98 7.52 -13.38
N HIS A 60 2.07 7.12 -14.29
CA HIS A 60 2.21 7.45 -15.72
C HIS A 60 1.58 8.83 -16.03
N THR A 61 0.46 9.14 -15.36
CA THR A 61 -0.27 10.42 -15.61
C THR A 61 0.30 11.56 -14.75
N GLY A 62 0.85 11.21 -13.58
CA GLY A 62 1.39 12.22 -12.65
C GLY A 62 0.31 12.80 -11.71
N VAL A 63 -0.83 12.10 -11.60
CA VAL A 63 -1.94 12.55 -10.73
C VAL A 63 -1.74 12.05 -9.29
N LYS A 64 -1.55 13.00 -8.36
CA LYS A 64 -1.31 12.69 -6.93
C LYS A 64 -2.16 13.59 -6.02
N PRO A 65 -3.35 13.10 -5.60
CA PRO A 65 -4.33 13.91 -4.87
C PRO A 65 -4.03 14.05 -3.35
N PHE A 66 -2.93 13.42 -2.90
CA PHE A 66 -2.54 13.48 -1.49
C PHE A 66 -1.54 14.62 -1.25
N GLN A 67 -2.02 15.70 -0.60
CA GLN A 67 -1.22 16.90 -0.41
C GLN A 67 -1.30 17.37 1.06
N CYS A 68 -0.15 17.79 1.61
CA CYS A 68 -0.08 18.34 2.96
C CYS A 68 -0.95 19.61 3.07
N LYS A 69 -1.35 19.94 4.30
CA LYS A 69 -2.12 21.16 4.60
C LYS A 69 -1.31 22.11 5.51
N THR A 70 0.02 21.97 5.47
CA THR A 70 0.92 22.82 6.27
C THR A 70 2.12 23.31 5.43
N CYS A 71 2.74 22.39 4.66
CA CYS A 71 3.84 22.75 3.74
C CYS A 71 3.46 22.42 2.26
N GLN A 72 2.24 21.87 2.06
CA GLN A 72 1.65 21.66 0.71
C GLN A 72 2.45 20.62 -0.13
N ARG A 73 3.35 19.85 0.52
CA ARG A 73 4.07 18.75 -0.16
C ARG A 73 3.10 17.71 -0.71
N LYS A 74 3.54 17.00 -1.74
CA LYS A 74 2.68 16.05 -2.49
C LYS A 74 3.24 14.63 -2.39
N PHE A 75 2.36 13.64 -2.18
CA PHE A 75 2.81 12.27 -1.87
C PHE A 75 2.01 11.23 -2.67
N SER A 76 2.66 10.09 -2.94
CA SER A 76 2.06 9.02 -3.74
C SER A 76 0.82 8.41 -3.05
N ARG A 77 0.85 8.35 -1.71
CA ARG A 77 -0.26 7.74 -0.93
C ARG A 77 -0.56 8.56 0.34
N SER A 78 -1.79 8.44 0.83
CA SER A 78 -2.18 9.04 2.12
C SER A 78 -1.40 8.42 3.30
N ASP A 79 -0.97 7.17 3.11
CA ASP A 79 -0.12 6.48 4.09
C ASP A 79 1.26 7.16 4.21
N HIS A 80 1.79 7.61 3.08
CA HIS A 80 3.07 8.34 3.04
C HIS A 80 2.90 9.76 3.59
N LEU A 81 1.77 10.39 3.25
CA LEU A 81 1.43 11.73 3.76
C LEU A 81 1.29 11.70 5.30
N LYS A 82 0.64 10.67 5.83
CA LYS A 82 0.48 10.51 7.29
C LYS A 82 1.85 10.40 7.99
N THR A 83 2.78 9.67 7.36
CA THR A 83 4.13 9.47 7.93
C THR A 83 4.91 10.80 7.97
N HIS A 84 4.58 11.74 7.07
CA HIS A 84 5.20 13.07 7.04
C HIS A 84 4.46 14.05 7.97
N THR A 85 3.14 13.96 8.02
CA THR A 85 2.31 14.92 8.80
C THR A 85 2.75 14.96 10.28
N ARG A 86 3.18 13.80 10.81
CA ARG A 86 3.60 13.70 12.23
C ARG A 86 4.84 14.60 12.52
N THR A 87 5.60 14.94 11.46
CA THR A 87 6.80 15.78 11.61
C THR A 87 6.42 17.24 11.92
N HIS A 88 5.18 17.64 11.55
CA HIS A 88 4.65 19.00 11.85
C HIS A 88 4.00 19.04 13.25
N THR A 89 3.46 17.89 13.70
CA THR A 89 2.76 17.81 15.01
C THR A 89 3.76 17.61 16.16
N GLY A 90 5.00 17.22 15.81
CA GLY A 90 6.06 17.03 16.82
C GLY A 90 5.98 15.64 17.48
N GLU A 91 5.11 14.76 16.96
CA GLU A 91 4.95 13.40 17.50
C GLU A 91 6.12 12.50 17.06
N LYS A 92 6.56 11.60 17.94
CA LYS A 92 7.67 10.67 17.66
C LYS A 92 7.29 9.23 18.09
N PRO A 93 6.64 8.48 17.19
CA PRO A 93 6.03 7.18 17.52
C PRO A 93 7.05 6.03 17.69
N PHE A 94 8.28 6.21 17.19
CA PHE A 94 9.28 5.13 17.20
C PHE A 94 10.08 5.14 18.52
N SER A 95 11.01 4.19 18.66
CA SER A 95 11.84 4.07 19.87
C SER A 95 13.15 3.34 19.54
N CYS A 96 14.18 3.58 20.36
CA CYS A 96 15.49 2.93 20.18
C CYS A 96 15.36 1.39 20.30
N ARG A 97 16.10 0.67 19.45
CA ARG A 97 16.02 -0.81 19.41
C ARG A 97 16.58 -1.43 20.70
N TRP A 98 17.63 -0.82 21.24
CA TRP A 98 18.34 -1.37 22.40
C TRP A 98 17.47 -1.31 23.68
N PRO A 99 17.55 -2.35 24.54
CA PRO A 99 16.79 -2.42 25.80
C PRO A 99 17.38 -1.49 26.87
N SER A 100 18.66 -1.11 26.72
CA SER A 100 19.34 -0.20 27.66
C SER A 100 19.11 1.29 27.27
N CYS A 101 18.22 1.52 26.30
CA CYS A 101 17.93 2.87 25.79
C CYS A 101 16.39 3.11 25.73
N GLN A 102 16.00 4.39 25.74
CA GLN A 102 14.57 4.77 25.80
C GLN A 102 14.28 6.04 24.95
N LYS A 103 15.22 6.40 24.05
CA LYS A 103 15.04 7.54 23.14
C LYS A 103 13.89 7.25 22.16
N LYS A 104 13.31 8.33 21.60
CA LYS A 104 12.16 8.22 20.68
C LYS A 104 12.45 8.95 19.37
N PHE A 105 11.93 8.41 18.27
CA PHE A 105 12.16 8.97 16.93
C PHE A 105 10.85 8.98 16.11
N ALA A 106 10.89 9.58 14.93
CA ALA A 106 9.70 9.68 14.08
C ALA A 106 10.01 9.22 12.64
N ARG A 107 11.29 9.29 12.24
CA ARG A 107 11.74 8.82 10.93
C ARG A 107 12.72 7.67 11.08
N SER A 108 12.74 6.79 10.09
CA SER A 108 13.71 5.68 10.05
C SER A 108 15.15 6.21 9.98
N ASP A 109 15.31 7.39 9.37
CA ASP A 109 16.63 8.05 9.29
C ASP A 109 17.14 8.43 10.69
N GLU A 110 16.29 9.08 11.50
CA GLU A 110 16.63 9.41 12.89
C GLU A 110 16.99 8.13 13.68
N LEU A 111 16.14 7.11 13.56
CA LEU A 111 16.32 5.86 14.30
C LEU A 111 17.68 5.19 13.95
N VAL A 112 17.98 5.11 12.65
CA VAL A 112 19.23 4.48 12.16
C VAL A 112 20.46 5.29 12.57
N ARG A 113 20.36 6.63 12.51
CA ARG A 113 21.48 7.53 12.88
C ARG A 113 21.88 7.32 14.34
N HIS A 114 20.90 7.12 15.22
CA HIS A 114 21.16 6.86 16.63
C HIS A 114 21.69 5.43 16.84
N HIS A 115 21.17 4.48 16.06
CA HIS A 115 21.62 3.07 16.13
C HIS A 115 23.11 2.93 15.72
N ASN A 116 23.62 3.89 14.93
CA ASN A 116 25.04 3.92 14.55
C ASN A 116 25.93 4.34 15.75
N MET A 117 25.39 5.21 16.61
CA MET A 117 26.12 5.63 17.84
C MET A 117 26.25 4.45 18.82
N HIS A 118 25.19 3.63 18.92
CA HIS A 118 25.25 2.37 19.68
C HIS A 118 26.22 1.39 19.01
N SER A 1 -22.05 -11.15 -5.59
CA SER A 1 -21.45 -10.07 -4.81
C SER A 1 -22.52 -9.27 -4.04
N GLU A 2 -23.78 -9.72 -4.11
CA GLU A 2 -24.92 -9.01 -3.50
C GLU A 2 -24.75 -8.91 -1.97
N LYS A 3 -24.43 -10.04 -1.31
CA LYS A 3 -24.24 -10.08 0.16
C LYS A 3 -23.56 -11.39 0.61
N ARG A 4 -24.08 -12.52 0.10
CA ARG A 4 -23.58 -13.87 0.49
C ARG A 4 -22.10 -14.06 0.05
N PRO A 5 -21.34 -14.90 0.78
CA PRO A 5 -19.97 -15.23 0.44
C PRO A 5 -19.87 -16.26 -0.72
N PHE A 6 -18.66 -16.43 -1.25
CA PHE A 6 -18.40 -17.38 -2.34
C PHE A 6 -17.04 -18.07 -2.16
N MET A 7 -16.94 -19.32 -2.62
CA MET A 7 -15.71 -20.13 -2.41
C MET A 7 -15.13 -20.60 -3.76
N CYS A 8 -13.83 -20.90 -3.75
CA CYS A 8 -13.13 -21.40 -4.94
C CYS A 8 -13.48 -22.89 -5.20
N ALA A 9 -13.22 -23.36 -6.42
CA ALA A 9 -13.56 -24.73 -6.83
C ALA A 9 -12.30 -25.56 -7.17
N TYR A 10 -11.13 -24.89 -7.18
CA TYR A 10 -9.86 -25.57 -7.47
C TYR A 10 -9.47 -26.53 -6.30
N PRO A 11 -9.03 -27.77 -6.63
CA PRO A 11 -8.70 -28.78 -5.62
C PRO A 11 -7.46 -28.38 -4.80
N GLY A 12 -7.59 -28.38 -3.47
CA GLY A 12 -6.49 -28.01 -2.56
C GLY A 12 -6.53 -26.50 -2.19
N CYS A 13 -7.44 -25.74 -2.82
CA CYS A 13 -7.62 -24.32 -2.55
C CYS A 13 -8.95 -24.06 -1.81
N ASN A 14 -10.05 -23.98 -2.58
CA ASN A 14 -11.40 -23.76 -2.02
C ASN A 14 -11.41 -22.59 -0.98
N LYS A 15 -10.61 -21.55 -1.24
CA LYS A 15 -10.57 -20.35 -0.37
C LYS A 15 -11.92 -19.63 -0.38
N ARG A 16 -12.11 -18.73 0.60
CA ARG A 16 -13.39 -17.99 0.77
C ARG A 16 -13.21 -16.50 0.43
N TYR A 17 -14.19 -15.94 -0.29
CA TYR A 17 -14.21 -14.49 -0.61
C TYR A 17 -15.61 -13.91 -0.34
N PHE A 18 -15.65 -12.62 -0.01
CA PHE A 18 -16.92 -11.94 0.34
C PHE A 18 -17.63 -11.35 -0.91
N LYS A 19 -17.03 -11.59 -2.10
CA LYS A 19 -17.60 -11.09 -3.37
C LYS A 19 -17.35 -12.09 -4.50
N LEU A 20 -18.36 -12.30 -5.35
CA LEU A 20 -18.24 -13.19 -6.53
C LEU A 20 -17.32 -12.56 -7.59
N SER A 21 -17.31 -11.23 -7.67
CA SER A 21 -16.43 -10.50 -8.59
C SER A 21 -14.95 -10.66 -8.18
N HIS A 22 -14.70 -10.73 -6.87
CA HIS A 22 -13.34 -10.97 -6.35
C HIS A 22 -12.96 -12.45 -6.48
N LEU A 23 -13.96 -13.33 -6.37
CA LEU A 23 -13.75 -14.78 -6.52
C LEU A 23 -13.35 -15.13 -7.97
N GLN A 24 -13.97 -14.44 -8.94
CA GLN A 24 -13.62 -14.61 -10.36
C GLN A 24 -12.20 -14.07 -10.64
N MET A 25 -11.85 -12.94 -10.03
CA MET A 25 -10.50 -12.37 -10.14
C MET A 25 -9.45 -13.31 -9.49
N HIS A 26 -9.82 -13.92 -8.36
CA HIS A 26 -8.96 -14.91 -7.70
C HIS A 26 -8.72 -16.12 -8.61
N SER A 27 -9.80 -16.63 -9.24
CA SER A 27 -9.73 -17.85 -10.07
C SER A 27 -8.70 -17.70 -11.21
N ARG A 28 -8.47 -16.45 -11.68
CA ARG A 28 -7.48 -16.18 -12.76
C ARG A 28 -6.07 -16.59 -12.34
N LYS A 29 -5.78 -16.53 -11.03
CA LYS A 29 -4.46 -16.91 -10.49
C LYS A 29 -4.13 -18.39 -10.78
N HIS A 30 -5.17 -19.25 -10.80
CA HIS A 30 -5.00 -20.68 -11.09
C HIS A 30 -4.76 -20.91 -12.59
N THR A 31 -5.51 -20.20 -13.45
CA THR A 31 -5.38 -20.33 -14.91
C THR A 31 -4.04 -19.75 -15.39
N GLY A 32 -3.55 -18.71 -14.71
CA GLY A 32 -2.27 -18.07 -15.07
C GLY A 32 -2.45 -16.67 -15.67
N GLU A 33 -3.46 -15.93 -15.19
CA GLU A 33 -3.80 -14.60 -15.71
C GLU A 33 -3.92 -13.56 -14.58
N LYS A 34 -3.53 -12.31 -14.87
CA LYS A 34 -3.60 -11.21 -13.89
C LYS A 34 -5.05 -10.66 -13.78
N PRO A 35 -5.52 -10.37 -12.54
CA PRO A 35 -6.86 -9.81 -12.31
C PRO A 35 -6.95 -8.31 -12.65
N TYR A 36 -5.96 -7.53 -12.19
CA TYR A 36 -5.84 -6.10 -12.56
C TYR A 36 -4.49 -5.85 -13.25
N GLN A 37 -4.47 -4.84 -14.13
CA GLN A 37 -3.26 -4.52 -14.91
C GLN A 37 -3.29 -3.07 -15.41
N CYS A 38 -2.10 -2.47 -15.56
CA CYS A 38 -1.97 -1.09 -16.01
C CYS A 38 -2.36 -0.97 -17.50
N ASP A 39 -3.43 -0.21 -17.77
CA ASP A 39 -3.97 -0.05 -19.14
C ASP A 39 -3.11 0.94 -19.98
N PHE A 40 -2.09 1.55 -19.35
CA PHE A 40 -1.25 2.56 -20.01
C PHE A 40 -0.61 2.01 -21.31
N LYS A 41 -0.33 2.90 -22.27
CA LYS A 41 0.13 2.51 -23.62
C LYS A 41 1.42 1.66 -23.57
N ASP A 42 2.32 1.99 -22.63
CA ASP A 42 3.65 1.34 -22.57
C ASP A 42 3.87 0.66 -21.19
N CYS A 43 2.81 0.03 -20.65
CA CYS A 43 2.89 -0.68 -19.37
C CYS A 43 2.03 -1.98 -19.41
N GLU A 44 2.51 -3.02 -18.73
CA GLU A 44 1.80 -4.32 -18.64
C GLU A 44 1.80 -4.86 -17.19
N ARG A 45 2.20 -4.01 -16.23
CA ARG A 45 2.33 -4.41 -14.81
C ARG A 45 0.97 -4.85 -14.24
N ARG A 46 1.01 -5.72 -13.22
CA ARG A 46 -0.21 -6.35 -12.66
C ARG A 46 -0.40 -5.98 -11.18
N PHE A 47 -1.65 -6.04 -10.73
CA PHE A 47 -2.00 -5.76 -9.31
C PHE A 47 -3.16 -6.66 -8.88
N SER A 48 -3.51 -6.61 -7.58
CA SER A 48 -4.57 -7.46 -7.02
C SER A 48 -5.77 -6.62 -6.52
N ARG A 49 -5.67 -5.27 -6.62
CA ARG A 49 -6.74 -4.37 -6.15
C ARG A 49 -6.83 -3.11 -7.05
N SER A 50 -8.03 -2.52 -7.10
CA SER A 50 -8.27 -1.28 -7.85
C SER A 50 -7.43 -0.12 -7.30
N ASP A 51 -7.26 -0.08 -5.96
CA ASP A 51 -6.47 0.97 -5.30
C ASP A 51 -5.00 0.90 -5.73
N GLN A 52 -4.48 -0.34 -5.84
CA GLN A 52 -3.10 -0.56 -6.29
C GLN A 52 -2.92 -0.11 -7.74
N LEU A 53 -3.88 -0.48 -8.61
CA LEU A 53 -3.86 -0.07 -10.02
C LEU A 53 -3.75 1.45 -10.15
N LYS A 54 -4.69 2.18 -9.52
CA LYS A 54 -4.70 3.65 -9.57
C LYS A 54 -3.44 4.25 -8.94
N ARG A 55 -3.02 3.69 -7.80
CA ARG A 55 -1.80 4.15 -7.09
C ARG A 55 -0.57 4.06 -8.02
N HIS A 56 -0.48 2.97 -8.78
CA HIS A 56 0.62 2.76 -9.71
C HIS A 56 0.53 3.73 -10.91
N GLN A 57 -0.66 3.80 -11.53
CA GLN A 57 -0.83 4.52 -12.81
C GLN A 57 -0.53 6.03 -12.68
N ARG A 58 -0.56 6.54 -11.43
CA ARG A 58 -0.18 7.95 -11.15
C ARG A 58 1.22 8.28 -11.71
N ARG A 59 2.11 7.28 -11.73
CA ARG A 59 3.51 7.46 -12.19
C ARG A 59 3.54 7.90 -13.67
N HIS A 60 2.55 7.45 -14.45
CA HIS A 60 2.49 7.77 -15.88
C HIS A 60 1.82 9.13 -16.11
N THR A 61 0.71 9.38 -15.41
CA THR A 61 -0.07 10.63 -15.60
C THR A 61 0.62 11.84 -14.92
N GLY A 62 1.37 11.57 -13.84
CA GLY A 62 2.02 12.65 -13.08
C GLY A 62 1.07 13.32 -12.07
N VAL A 63 0.04 12.57 -11.65
CA VAL A 63 -0.97 13.10 -10.69
C VAL A 63 -0.38 13.14 -9.26
N LYS A 64 -0.14 14.37 -8.76
CA LYS A 64 0.42 14.58 -7.40
C LYS A 64 -0.36 15.73 -6.66
N PRO A 65 -1.62 15.45 -6.27
CA PRO A 65 -2.52 16.47 -5.72
C PRO A 65 -2.41 16.65 -4.18
N PHE A 66 -1.39 16.01 -3.57
CA PHE A 66 -1.25 16.01 -2.11
C PHE A 66 -0.20 17.03 -1.65
N GLN A 67 -0.52 17.79 -0.61
CA GLN A 67 0.39 18.79 -0.06
C GLN A 67 0.29 18.84 1.48
N CYS A 68 1.37 19.29 2.12
CA CYS A 68 1.39 19.47 3.57
C CYS A 68 0.35 20.53 4.01
N LYS A 69 -0.03 20.47 5.29
CA LYS A 69 -1.04 21.39 5.86
C LYS A 69 -0.37 22.45 6.75
N THR A 70 0.97 22.48 6.76
CA THR A 70 1.74 23.40 7.63
C THR A 70 2.80 24.19 6.83
N CYS A 71 3.56 23.47 5.97
CA CYS A 71 4.59 24.11 5.11
C CYS A 71 4.17 24.07 3.60
N GLN A 72 3.03 23.42 3.31
CA GLN A 72 2.40 23.42 1.96
C GLN A 72 3.32 22.76 0.88
N ARG A 73 4.37 22.05 1.32
CA ARG A 73 5.22 21.26 0.38
C ARG A 73 4.40 20.16 -0.31
N LYS A 74 4.88 19.71 -1.47
CA LYS A 74 4.09 18.82 -2.36
C LYS A 74 4.62 17.38 -2.31
N PHE A 75 3.70 16.41 -2.28
CA PHE A 75 4.07 15.00 -2.17
C PHE A 75 3.28 14.14 -3.17
N SER A 76 3.91 13.10 -3.68
CA SER A 76 3.33 12.30 -4.77
C SER A 76 2.02 11.62 -4.34
N ARG A 77 2.05 10.91 -3.20
CA ARG A 77 0.91 10.07 -2.78
C ARG A 77 0.46 10.38 -1.33
N SER A 78 -0.78 9.99 -0.99
CA SER A 78 -1.42 10.41 0.28
C SER A 78 -0.64 9.93 1.51
N ASP A 79 -0.07 8.71 1.44
CA ASP A 79 0.70 8.16 2.55
C ASP A 79 1.95 9.00 2.84
N HIS A 80 2.50 9.62 1.79
CA HIS A 80 3.66 10.52 1.93
C HIS A 80 3.26 11.81 2.65
N LEU A 81 2.06 12.31 2.34
CA LEU A 81 1.50 13.49 3.02
C LEU A 81 1.39 13.24 4.53
N LYS A 82 0.82 12.08 4.91
CA LYS A 82 0.62 11.73 6.33
C LYS A 82 1.96 11.49 7.04
N THR A 83 2.90 10.85 6.35
CA THR A 83 4.23 10.56 6.92
C THR A 83 5.04 11.86 7.16
N HIS A 84 4.71 12.91 6.41
CA HIS A 84 5.38 14.20 6.54
C HIS A 84 4.66 15.09 7.57
N THR A 85 3.32 15.13 7.53
CA THR A 85 2.52 16.00 8.42
C THR A 85 2.83 15.72 9.89
N ARG A 86 3.07 14.43 10.22
CA ARG A 86 3.31 14.02 11.62
C ARG A 86 4.65 14.58 12.16
N THR A 87 5.52 15.06 11.26
CA THR A 87 6.79 15.68 11.67
C THR A 87 6.57 17.12 12.22
N HIS A 88 5.39 17.71 11.92
CA HIS A 88 5.04 19.05 12.43
C HIS A 88 4.19 18.97 13.71
N THR A 89 3.46 17.86 13.87
CA THR A 89 2.58 17.65 15.04
C THR A 89 3.40 17.24 16.28
N GLY A 90 4.60 16.68 16.04
CA GLY A 90 5.51 16.30 17.13
C GLY A 90 5.31 14.84 17.60
N GLU A 91 4.40 14.12 16.93
CA GLU A 91 4.14 12.71 17.26
C GLU A 91 5.17 11.79 16.56
N LYS A 92 5.59 10.72 17.26
CA LYS A 92 6.63 9.80 16.74
C LYS A 92 6.21 8.32 17.00
N PRO A 93 5.53 7.68 16.01
CA PRO A 93 4.90 6.37 16.20
C PRO A 93 5.90 5.18 16.28
N PHE A 94 7.13 5.38 15.80
CA PHE A 94 8.16 4.29 15.82
C PHE A 94 8.79 4.15 17.23
N SER A 95 9.68 3.17 17.38
CA SER A 95 10.43 2.97 18.63
C SER A 95 11.76 2.27 18.34
N CYS A 96 12.79 2.57 19.15
CA CYS A 96 14.11 2.00 18.96
C CYS A 96 14.07 0.45 19.03
N ARG A 97 14.83 -0.20 18.13
CA ARG A 97 14.83 -1.67 18.01
C ARG A 97 15.38 -2.34 19.28
N TRP A 98 16.39 -1.72 19.89
CA TRP A 98 17.08 -2.29 21.06
C TRP A 98 16.17 -2.25 22.32
N PRO A 99 16.23 -3.30 23.18
CA PRO A 99 15.45 -3.35 24.42
C PRO A 99 16.01 -2.42 25.52
N SER A 100 17.28 -2.03 25.38
CA SER A 100 17.95 -1.15 26.36
C SER A 100 17.77 0.34 25.99
N CYS A 101 16.88 0.62 25.02
CA CYS A 101 16.64 1.98 24.53
C CYS A 101 15.12 2.28 24.47
N GLN A 102 14.76 3.56 24.62
CA GLN A 102 13.35 3.98 24.70
C GLN A 102 13.06 5.18 23.76
N LYS A 103 14.01 5.49 22.86
CA LYS A 103 13.83 6.59 21.89
C LYS A 103 12.71 6.26 20.89
N LYS A 104 12.11 7.31 20.31
CA LYS A 104 11.00 7.16 19.35
C LYS A 104 11.27 7.98 18.09
N PHE A 105 10.74 7.51 16.96
CA PHE A 105 10.97 8.14 15.65
C PHE A 105 9.67 8.16 14.83
N ALA A 106 9.71 8.78 13.65
CA ALA A 106 8.50 8.97 12.86
C ALA A 106 8.67 8.51 11.39
N ARG A 107 9.92 8.22 10.99
CA ARG A 107 10.19 7.67 9.65
C ARG A 107 11.25 6.58 9.74
N SER A 108 11.28 5.71 8.73
CA SER A 108 12.19 4.56 8.70
C SER A 108 13.66 5.01 8.70
N ASP A 109 13.94 6.16 8.07
CA ASP A 109 15.30 6.70 8.02
C ASP A 109 15.77 7.13 9.40
N GLU A 110 14.90 7.84 10.14
CA GLU A 110 15.22 8.27 11.50
C GLU A 110 15.55 7.05 12.40
N LEU A 111 14.74 5.99 12.29
CA LEU A 111 14.95 4.77 13.09
C LEU A 111 16.27 4.08 12.71
N VAL A 112 16.50 3.88 11.41
CA VAL A 112 17.73 3.20 10.92
C VAL A 112 18.98 4.03 11.25
N ARG A 113 18.89 5.36 11.14
CA ARG A 113 20.02 6.25 11.42
C ARG A 113 20.47 6.14 12.89
N HIS A 114 19.49 5.98 13.80
CA HIS A 114 19.80 5.78 15.22
C HIS A 114 20.32 4.35 15.49
N HIS A 115 19.78 3.36 14.75
CA HIS A 115 20.23 1.97 14.87
C HIS A 115 21.73 1.82 14.48
N ASN A 116 22.21 2.72 13.61
CA ASN A 116 23.64 2.75 13.24
C ASN A 116 24.51 3.27 14.42
N MET A 117 23.97 4.21 15.21
CA MET A 117 24.67 4.73 16.41
C MET A 117 24.87 3.60 17.45
N HIS A 118 23.86 2.75 17.60
CA HIS A 118 23.98 1.54 18.44
C HIS A 118 25.02 0.58 17.84
N SER A 1 -13.44 -13.89 6.42
CA SER A 1 -14.59 -14.44 7.15
C SER A 1 -15.15 -15.67 6.44
N GLU A 2 -15.67 -16.63 7.21
CA GLU A 2 -16.33 -17.82 6.66
C GLU A 2 -17.73 -17.47 6.07
N LYS A 3 -18.21 -16.24 6.35
CA LYS A 3 -19.53 -15.78 5.86
C LYS A 3 -19.50 -15.53 4.33
N ARG A 4 -18.28 -15.42 3.76
CA ARG A 4 -18.09 -15.20 2.30
C ARG A 4 -18.85 -16.29 1.48
N PRO A 5 -19.90 -15.90 0.72
CA PRO A 5 -20.81 -16.85 0.08
C PRO A 5 -20.30 -17.37 -1.29
N PHE A 6 -19.58 -16.52 -2.03
CA PHE A 6 -19.14 -16.85 -3.39
C PHE A 6 -17.88 -17.71 -3.35
N MET A 7 -17.99 -18.97 -3.79
CA MET A 7 -16.90 -19.94 -3.66
C MET A 7 -16.39 -20.40 -5.05
N CYS A 8 -15.09 -20.72 -5.12
CA CYS A 8 -14.45 -21.15 -6.36
C CYS A 8 -14.93 -22.56 -6.77
N ALA A 9 -15.08 -22.77 -8.08
CA ALA A 9 -15.61 -24.03 -8.62
C ALA A 9 -14.47 -25.08 -8.84
N TYR A 10 -13.22 -24.61 -8.82
CA TYR A 10 -12.07 -25.49 -9.05
C TYR A 10 -11.81 -26.40 -7.81
N PRO A 11 -11.67 -27.73 -8.02
CA PRO A 11 -11.49 -28.69 -6.92
C PRO A 11 -10.12 -28.52 -6.24
N GLY A 12 -10.13 -28.59 -4.91
CA GLY A 12 -8.89 -28.41 -4.12
C GLY A 12 -8.66 -26.94 -3.73
N CYS A 13 -8.97 -26.02 -4.66
CA CYS A 13 -8.91 -24.59 -4.38
C CYS A 13 -10.14 -24.14 -3.56
N ASN A 14 -11.32 -24.16 -4.20
CA ASN A 14 -12.61 -23.83 -3.53
C ASN A 14 -12.47 -22.61 -2.57
N LYS A 15 -11.71 -21.58 -3.00
CA LYS A 15 -11.56 -20.34 -2.22
C LYS A 15 -12.92 -19.63 -2.05
N ARG A 16 -13.00 -18.70 -1.09
CA ARG A 16 -14.25 -17.96 -0.80
C ARG A 16 -14.03 -16.44 -0.90
N TYR A 17 -15.01 -15.73 -1.47
CA TYR A 17 -14.90 -14.27 -1.71
C TYR A 17 -16.20 -13.56 -1.29
N PHE A 18 -16.07 -12.27 -0.93
CA PHE A 18 -17.20 -11.48 -0.41
C PHE A 18 -17.95 -10.73 -1.56
N LYS A 19 -17.50 -10.94 -2.80
CA LYS A 19 -18.13 -10.31 -3.98
C LYS A 19 -17.98 -11.20 -5.23
N LEU A 20 -19.08 -11.36 -5.98
CA LEU A 20 -19.08 -12.20 -7.18
C LEU A 20 -18.15 -11.62 -8.28
N SER A 21 -18.01 -10.30 -8.29
CA SER A 21 -17.12 -9.62 -9.27
C SER A 21 -15.64 -9.99 -9.03
N HIS A 22 -15.30 -10.29 -7.77
CA HIS A 22 -13.93 -10.70 -7.41
C HIS A 22 -13.75 -12.22 -7.60
N LEU A 23 -14.83 -12.99 -7.42
CA LEU A 23 -14.80 -14.44 -7.62
C LEU A 23 -14.56 -14.78 -9.12
N GLN A 24 -15.20 -14.01 -10.02
CA GLN A 24 -14.98 -14.16 -11.47
C GLN A 24 -13.55 -13.74 -11.86
N MET A 25 -12.99 -12.76 -11.15
CA MET A 25 -11.61 -12.32 -11.36
C MET A 25 -10.61 -13.40 -10.87
N HIS A 26 -10.92 -14.03 -9.73
CA HIS A 26 -10.11 -15.15 -9.22
C HIS A 26 -10.10 -16.32 -10.21
N SER A 27 -11.28 -16.64 -10.78
CA SER A 27 -11.42 -17.78 -11.69
C SER A 27 -10.44 -17.69 -12.88
N ARG A 28 -10.03 -16.46 -13.24
CA ARG A 28 -9.09 -16.23 -14.37
C ARG A 28 -7.71 -16.84 -14.07
N LYS A 29 -7.31 -16.81 -12.79
CA LYS A 29 -5.97 -17.30 -12.39
C LYS A 29 -5.82 -18.82 -12.66
N HIS A 30 -6.96 -19.53 -12.73
CA HIS A 30 -6.96 -20.96 -13.09
C HIS A 30 -6.83 -21.14 -14.63
N THR A 31 -7.60 -20.34 -15.40
CA THR A 31 -7.62 -20.48 -16.87
C THR A 31 -6.30 -20.00 -17.50
N GLY A 32 -5.75 -18.88 -16.97
CA GLY A 32 -4.44 -18.38 -17.42
C GLY A 32 -4.44 -16.87 -17.72
N GLU A 33 -5.27 -16.10 -16.99
CA GLU A 33 -5.35 -14.64 -17.17
C GLU A 33 -5.41 -13.92 -15.80
N LYS A 34 -4.98 -12.66 -15.78
CA LYS A 34 -4.97 -11.85 -14.54
C LYS A 34 -6.25 -10.97 -14.44
N PRO A 35 -6.68 -10.63 -13.19
CA PRO A 35 -7.85 -9.77 -12.96
C PRO A 35 -7.74 -8.38 -13.66
N TYR A 36 -6.60 -7.71 -13.48
CA TYR A 36 -6.41 -6.32 -13.98
C TYR A 36 -5.15 -6.23 -14.86
N GLN A 37 -5.03 -5.12 -15.60
CA GLN A 37 -3.89 -4.93 -16.51
C GLN A 37 -3.66 -3.43 -16.82
N CYS A 38 -2.40 -3.08 -17.06
CA CYS A 38 -2.01 -1.69 -17.28
C CYS A 38 -2.52 -1.18 -18.65
N ASP A 39 -3.41 -0.17 -18.62
CA ASP A 39 -4.07 0.33 -19.84
C ASP A 39 -3.15 1.30 -20.65
N PHE A 40 -2.00 1.66 -20.06
CA PHE A 40 -1.08 2.63 -20.70
C PHE A 40 -0.64 2.14 -22.11
N LYS A 41 -0.35 3.10 -22.99
CA LYS A 41 -0.08 2.81 -24.42
C LYS A 41 1.17 1.92 -24.59
N ASP A 42 2.22 2.17 -23.79
CA ASP A 42 3.52 1.50 -23.98
C ASP A 42 3.86 0.60 -22.75
N CYS A 43 2.84 0.00 -22.13
CA CYS A 43 3.02 -0.90 -20.99
C CYS A 43 2.07 -2.12 -21.09
N GLU A 44 2.51 -3.27 -20.55
CA GLU A 44 1.77 -4.55 -20.68
C GLU A 44 1.67 -5.28 -19.31
N ARG A 45 1.85 -4.53 -18.22
CA ARG A 45 1.84 -5.11 -16.86
C ARG A 45 0.45 -5.65 -16.48
N ARG A 46 0.43 -6.52 -15.45
CA ARG A 46 -0.83 -7.15 -14.94
C ARG A 46 -0.90 -7.03 -13.40
N PHE A 47 -2.13 -7.01 -12.86
CA PHE A 47 -2.34 -6.89 -11.39
C PHE A 47 -3.57 -7.71 -10.96
N SER A 48 -3.78 -7.79 -9.63
CA SER A 48 -4.89 -8.58 -9.06
C SER A 48 -5.86 -7.70 -8.24
N ARG A 49 -5.54 -6.40 -8.12
CA ARG A 49 -6.36 -5.44 -7.35
C ARG A 49 -6.44 -4.08 -8.06
N SER A 50 -7.60 -3.43 -7.98
CA SER A 50 -7.79 -2.08 -8.57
C SER A 50 -6.81 -1.07 -7.93
N ASP A 51 -6.51 -1.26 -6.65
CA ASP A 51 -5.54 -0.43 -5.92
C ASP A 51 -4.15 -0.49 -6.59
N GLN A 52 -3.70 -1.71 -6.91
CA GLN A 52 -2.40 -1.91 -7.59
C GLN A 52 -2.40 -1.24 -8.97
N LEU A 53 -3.48 -1.45 -9.74
CA LEU A 53 -3.61 -0.85 -11.08
C LEU A 53 -3.51 0.68 -11.00
N LYS A 54 -4.35 1.30 -10.17
CA LYS A 54 -4.37 2.78 -10.03
C LYS A 54 -3.00 3.31 -9.65
N ARG A 55 -2.39 2.69 -8.61
CA ARG A 55 -1.05 3.10 -8.14
C ARG A 55 -0.01 3.01 -9.26
N HIS A 56 -0.13 1.98 -10.10
CA HIS A 56 0.78 1.80 -11.22
C HIS A 56 0.56 2.89 -12.30
N GLN A 57 -0.70 3.26 -12.56
CA GLN A 57 -1.03 4.31 -13.55
C GLN A 57 -0.53 5.69 -13.07
N ARG A 58 -0.53 5.92 -11.73
CA ARG A 58 -0.01 7.19 -11.16
C ARG A 58 1.46 7.43 -11.54
N ARG A 59 2.19 6.34 -11.81
CA ARG A 59 3.62 6.42 -12.21
C ARG A 59 3.74 6.90 -13.68
N HIS A 60 2.72 6.61 -14.49
CA HIS A 60 2.69 7.05 -15.90
C HIS A 60 2.16 8.50 -16.02
N THR A 61 1.15 8.83 -15.21
CA THR A 61 0.43 10.13 -15.33
C THR A 61 1.05 11.21 -14.42
N GLY A 62 1.69 10.79 -13.32
CA GLY A 62 2.23 11.73 -12.32
C GLY A 62 1.13 12.22 -11.34
N VAL A 63 0.07 11.42 -11.19
CA VAL A 63 -1.07 11.78 -10.33
C VAL A 63 -0.77 11.49 -8.84
N LYS A 64 -0.69 12.56 -8.03
CA LYS A 64 -0.55 12.44 -6.56
C LYS A 64 -1.65 13.26 -5.84
N PRO A 65 -2.76 12.60 -5.46
CA PRO A 65 -3.95 13.29 -4.94
C PRO A 65 -3.86 13.62 -3.43
N PHE A 66 -2.78 13.16 -2.78
CA PHE A 66 -2.58 13.40 -1.33
C PHE A 66 -1.59 14.55 -1.10
N GLN A 67 -1.96 15.48 -0.22
CA GLN A 67 -1.17 16.69 0.02
C GLN A 67 -1.21 17.10 1.51
N CYS A 68 -0.09 17.62 2.01
CA CYS A 68 -0.01 18.17 3.36
C CYS A 68 -0.97 19.38 3.52
N LYS A 69 -1.34 19.66 4.77
CA LYS A 69 -2.20 20.82 5.10
C LYS A 69 -1.42 21.83 5.96
N THR A 70 -0.08 21.75 5.94
CA THR A 70 0.78 22.65 6.72
C THR A 70 1.90 23.24 5.84
N CYS A 71 2.58 22.38 5.05
CA CYS A 71 3.63 22.83 4.12
C CYS A 71 3.25 22.49 2.64
N GLN A 72 2.06 21.87 2.46
CA GLN A 72 1.46 21.62 1.11
C GLN A 72 2.31 20.63 0.26
N ARG A 73 3.25 19.92 0.90
CA ARG A 73 4.02 18.85 0.20
C ARG A 73 3.08 17.75 -0.34
N LYS A 74 3.55 17.03 -1.36
CA LYS A 74 2.69 16.10 -2.12
C LYS A 74 3.25 14.67 -2.08
N PHE A 75 2.35 13.68 -1.90
CA PHE A 75 2.76 12.28 -1.72
C PHE A 75 1.88 11.32 -2.54
N SER A 76 2.47 10.19 -2.97
CA SER A 76 1.77 9.24 -3.85
C SER A 76 0.73 8.38 -3.09
N ARG A 77 0.80 8.39 -1.74
CA ARG A 77 -0.13 7.59 -0.89
C ARG A 77 -0.53 8.36 0.37
N SER A 78 -1.72 8.05 0.89
CA SER A 78 -2.18 8.63 2.17
C SER A 78 -1.37 8.08 3.36
N ASP A 79 -0.80 6.88 3.18
CA ASP A 79 0.11 6.29 4.18
C ASP A 79 1.36 7.18 4.38
N HIS A 80 1.85 7.75 3.27
CA HIS A 80 2.99 8.67 3.30
C HIS A 80 2.58 10.02 3.89
N LEU A 81 1.37 10.49 3.52
CA LEU A 81 0.83 11.75 4.04
C LEU A 81 0.75 11.74 5.58
N LYS A 82 0.24 10.63 6.14
CA LYS A 82 0.11 10.47 7.61
C LYS A 82 1.50 10.32 8.27
N THR A 83 2.43 9.67 7.57
CA THR A 83 3.82 9.49 8.08
C THR A 83 4.57 10.83 8.10
N HIS A 84 4.16 11.76 7.24
CA HIS A 84 4.79 13.09 7.16
C HIS A 84 4.09 14.10 8.10
N THR A 85 2.75 14.07 8.13
CA THR A 85 1.96 15.04 8.93
C THR A 85 2.42 15.05 10.39
N ARG A 86 2.74 13.87 10.94
CA ARG A 86 3.13 13.73 12.36
C ARG A 86 4.46 14.48 12.68
N THR A 87 5.22 14.84 11.64
CA THR A 87 6.48 15.58 11.83
C THR A 87 6.21 17.07 12.17
N HIS A 88 5.02 17.58 11.77
CA HIS A 88 4.63 18.96 12.09
C HIS A 88 3.99 19.05 13.49
N THR A 89 3.32 17.96 13.91
CA THR A 89 2.61 17.94 15.21
C THR A 89 3.60 17.82 16.39
N GLY A 90 4.86 17.47 16.08
CA GLY A 90 5.91 17.38 17.10
C GLY A 90 6.04 15.96 17.68
N GLU A 91 5.20 15.03 17.19
CA GLU A 91 5.24 13.64 17.66
C GLU A 91 6.51 12.91 17.16
N LYS A 92 7.07 12.04 18.01
CA LYS A 92 8.25 11.24 17.66
C LYS A 92 8.00 9.74 17.96
N PRO A 93 7.48 8.98 16.97
CA PRO A 93 6.98 7.62 17.18
C PRO A 93 8.08 6.59 17.53
N PHE A 94 9.34 6.87 17.18
CA PHE A 94 10.44 5.89 17.35
C PHE A 94 11.15 6.08 18.71
N SER A 95 12.10 5.18 19.00
CA SER A 95 12.89 5.26 20.26
C SER A 95 14.22 4.51 20.10
N CYS A 96 15.21 4.89 20.92
CA CYS A 96 16.50 4.21 20.93
C CYS A 96 16.34 2.73 21.35
N ARG A 97 17.08 1.83 20.67
CA ARG A 97 16.90 0.38 20.86
C ARG A 97 17.58 -0.10 22.17
N TRP A 98 18.61 0.63 22.61
CA TRP A 98 19.37 0.25 23.81
C TRP A 98 18.47 0.28 25.07
N PRO A 99 18.68 -0.66 26.02
CA PRO A 99 17.91 -0.72 27.27
C PRO A 99 18.32 0.39 28.26
N SER A 100 19.54 0.91 28.12
CA SER A 100 20.06 1.96 29.00
C SER A 100 19.73 3.38 28.45
N CYS A 101 18.90 3.42 27.39
CA CYS A 101 18.56 4.68 26.72
C CYS A 101 17.02 4.79 26.55
N GLN A 102 16.53 6.03 26.41
CA GLN A 102 15.08 6.30 26.36
C GLN A 102 14.76 7.49 25.41
N LYS A 103 15.73 7.88 24.57
CA LYS A 103 15.52 8.95 23.58
C LYS A 103 14.46 8.54 22.55
N LYS A 104 13.84 9.54 21.92
CA LYS A 104 12.79 9.31 20.90
C LYS A 104 13.11 10.04 19.60
N PHE A 105 12.69 9.45 18.48
CA PHE A 105 12.98 9.99 17.15
C PHE A 105 11.74 9.87 16.25
N ALA A 106 11.80 10.47 15.06
CA ALA A 106 10.65 10.48 14.15
C ALA A 106 11.00 9.83 12.79
N ARG A 107 12.29 9.65 12.52
CA ARG A 107 12.77 8.92 11.34
C ARG A 107 13.75 7.82 11.75
N SER A 108 13.71 6.71 11.04
CA SER A 108 14.64 5.59 11.29
C SER A 108 16.09 6.00 11.05
N ASP A 109 16.30 6.96 10.15
CA ASP A 109 17.64 7.51 9.88
C ASP A 109 18.20 8.23 11.12
N GLU A 110 17.35 9.01 11.80
CA GLU A 110 17.75 9.69 13.04
C GLU A 110 18.01 8.67 14.17
N LEU A 111 17.16 7.64 14.26
CA LEU A 111 17.36 6.55 15.22
C LEU A 111 18.74 5.87 15.01
N VAL A 112 19.03 5.51 13.75
CA VAL A 112 20.31 4.86 13.39
C VAL A 112 21.49 5.82 13.60
N ARG A 113 21.27 7.12 13.32
CA ARG A 113 22.31 8.16 13.55
C ARG A 113 22.73 8.19 15.03
N HIS A 114 21.75 8.10 15.93
CA HIS A 114 22.03 8.05 17.37
C HIS A 114 22.63 6.68 17.77
N HIS A 115 22.14 5.60 17.14
CA HIS A 115 22.62 4.23 17.43
C HIS A 115 24.14 4.09 17.10
N ASN A 116 24.68 4.99 16.26
CA ASN A 116 26.12 5.00 15.94
C ASN A 116 26.93 5.67 17.09
N MET A 117 26.29 6.56 17.86
CA MET A 117 26.94 7.23 18.99
C MET A 117 27.18 6.24 20.15
N HIS A 118 26.23 5.33 20.37
CA HIS A 118 26.38 4.26 21.37
C HIS A 118 27.58 3.35 21.01
N SER A 1 -23.22 -13.48 6.02
CA SER A 1 -23.76 -14.13 4.81
C SER A 1 -24.81 -13.24 4.12
N GLU A 2 -25.14 -12.10 4.73
CA GLU A 2 -26.13 -11.16 4.18
C GLU A 2 -25.67 -10.59 2.82
N LYS A 3 -24.35 -10.53 2.62
CA LYS A 3 -23.76 -10.03 1.34
C LYS A 3 -23.87 -11.08 0.21
N ARG A 4 -24.42 -12.28 0.55
CA ARG A 4 -24.52 -13.41 -0.42
C ARG A 4 -23.16 -13.65 -1.13
N PRO A 5 -22.13 -14.10 -0.39
CA PRO A 5 -20.77 -14.31 -0.92
C PRO A 5 -20.70 -15.49 -1.89
N PHE A 6 -19.52 -15.68 -2.50
CA PHE A 6 -19.28 -16.77 -3.44
C PHE A 6 -17.87 -17.34 -3.26
N MET A 7 -17.69 -18.63 -3.60
CA MET A 7 -16.40 -19.31 -3.39
C MET A 7 -15.94 -20.03 -4.68
N CYS A 8 -14.64 -20.32 -4.73
CA CYS A 8 -14.05 -21.03 -5.87
C CYS A 8 -14.30 -22.56 -5.75
N ALA A 9 -14.30 -23.26 -6.90
CA ALA A 9 -14.62 -24.69 -6.95
C ALA A 9 -13.39 -25.55 -7.36
N TYR A 10 -12.28 -24.89 -7.70
CA TYR A 10 -11.04 -25.60 -8.08
C TYR A 10 -10.41 -26.29 -6.84
N PRO A 11 -10.09 -27.60 -6.94
CA PRO A 11 -9.55 -28.36 -5.82
C PRO A 11 -8.13 -27.92 -5.43
N GLY A 12 -8.05 -27.10 -4.38
CA GLY A 12 -6.75 -26.56 -3.90
C GLY A 12 -6.78 -25.05 -3.71
N CYS A 13 -7.69 -24.37 -4.44
CA CYS A 13 -7.85 -22.91 -4.35
C CYS A 13 -9.01 -22.56 -3.38
N ASN A 14 -10.25 -22.71 -3.86
CA ASN A 14 -11.47 -22.61 -3.02
C ASN A 14 -11.49 -21.31 -2.15
N LYS A 15 -10.89 -20.22 -2.67
CA LYS A 15 -10.95 -18.90 -2.00
C LYS A 15 -12.40 -18.35 -2.02
N ARG A 16 -12.66 -17.31 -1.20
CA ARG A 16 -14.03 -16.75 -1.05
C ARG A 16 -14.03 -15.23 -1.26
N TYR A 17 -15.13 -14.72 -1.84
CA TYR A 17 -15.28 -13.29 -2.13
C TYR A 17 -16.69 -12.80 -1.77
N PHE A 18 -16.82 -11.49 -1.54
CA PHE A 18 -18.09 -10.90 -1.06
C PHE A 18 -18.90 -10.25 -2.22
N LYS A 19 -18.50 -10.54 -3.47
CA LYS A 19 -19.17 -9.97 -4.66
C LYS A 19 -19.02 -10.92 -5.86
N LEU A 20 -20.09 -11.01 -6.68
CA LEU A 20 -20.09 -11.85 -7.88
C LEU A 20 -19.10 -11.30 -8.95
N SER A 21 -18.88 -9.99 -8.94
CA SER A 21 -17.95 -9.34 -9.87
C SER A 21 -16.50 -9.80 -9.63
N HIS A 22 -16.19 -10.12 -8.36
CA HIS A 22 -14.85 -10.61 -7.98
C HIS A 22 -14.72 -12.12 -8.24
N LEU A 23 -15.84 -12.85 -8.12
CA LEU A 23 -15.86 -14.30 -8.39
C LEU A 23 -15.53 -14.59 -9.86
N GLN A 24 -16.12 -13.82 -10.77
CA GLN A 24 -15.86 -13.96 -12.22
C GLN A 24 -14.40 -13.55 -12.56
N MET A 25 -13.90 -12.53 -11.86
CA MET A 25 -12.52 -12.06 -12.04
C MET A 25 -11.51 -13.09 -11.52
N HIS A 26 -11.84 -13.71 -10.39
CA HIS A 26 -11.03 -14.79 -9.83
C HIS A 26 -10.96 -15.97 -10.80
N SER A 27 -12.11 -16.36 -11.37
CA SER A 27 -12.20 -17.53 -12.25
C SER A 27 -11.17 -17.47 -13.40
N ARG A 28 -10.85 -16.24 -13.87
CA ARG A 28 -9.88 -16.05 -14.97
C ARG A 28 -8.48 -16.59 -14.60
N LYS A 29 -8.16 -16.58 -13.30
CA LYS A 29 -6.90 -17.14 -12.78
C LYS A 29 -6.72 -18.61 -13.22
N HIS A 30 -7.82 -19.36 -13.22
CA HIS A 30 -7.79 -20.78 -13.58
C HIS A 30 -7.85 -20.97 -15.12
N THR A 31 -8.64 -20.11 -15.80
CA THR A 31 -8.72 -20.14 -17.28
C THR A 31 -7.34 -19.85 -17.90
N GLY A 32 -6.57 -18.95 -17.26
CA GLY A 32 -5.20 -18.66 -17.68
C GLY A 32 -5.06 -17.26 -18.30
N GLU A 33 -5.80 -16.29 -17.77
CA GLU A 33 -5.75 -14.90 -18.26
C GLU A 33 -5.62 -13.90 -17.08
N LYS A 34 -5.03 -12.73 -17.38
CA LYS A 34 -4.81 -11.69 -16.36
C LYS A 34 -6.17 -11.13 -15.86
N PRO A 35 -6.32 -10.94 -14.52
CA PRO A 35 -7.49 -10.27 -13.97
C PRO A 35 -7.40 -8.73 -14.14
N TYR A 36 -6.35 -8.13 -13.55
CA TYR A 36 -6.07 -6.69 -13.73
C TYR A 36 -4.81 -6.52 -14.60
N GLN A 37 -4.75 -5.42 -15.35
CA GLN A 37 -3.65 -5.16 -16.27
C GLN A 37 -3.53 -3.67 -16.61
N CYS A 38 -2.30 -3.21 -16.83
CA CYS A 38 -2.02 -1.82 -17.16
C CYS A 38 -2.50 -1.48 -18.58
N ASP A 39 -3.45 -0.52 -18.68
CA ASP A 39 -4.06 -0.15 -19.97
C ASP A 39 -3.22 0.92 -20.72
N PHE A 40 -2.04 1.26 -20.18
CA PHE A 40 -1.16 2.29 -20.78
C PHE A 40 -0.71 1.88 -22.21
N LYS A 41 -0.35 2.89 -23.02
CA LYS A 41 -0.03 2.67 -24.45
C LYS A 41 1.15 1.68 -24.64
N ASP A 42 2.14 1.75 -23.72
CA ASP A 42 3.39 0.97 -23.88
C ASP A 42 3.66 0.09 -22.63
N CYS A 43 2.59 -0.44 -22.02
CA CYS A 43 2.70 -1.33 -20.86
C CYS A 43 1.61 -2.44 -20.90
N GLU A 44 1.97 -3.65 -20.45
CA GLU A 44 1.03 -4.79 -20.41
C GLU A 44 1.10 -5.55 -19.06
N ARG A 45 1.78 -4.95 -18.06
CA ARG A 45 1.98 -5.62 -16.74
C ARG A 45 0.62 -5.95 -16.09
N ARG A 46 0.62 -6.99 -15.25
CA ARG A 46 -0.63 -7.53 -14.64
C ARG A 46 -0.62 -7.37 -13.13
N PHE A 47 -1.82 -7.34 -12.53
CA PHE A 47 -1.96 -7.23 -11.06
C PHE A 47 -3.13 -8.11 -10.57
N SER A 48 -3.27 -8.22 -9.24
CA SER A 48 -4.27 -9.13 -8.64
C SER A 48 -5.35 -8.35 -7.86
N ARG A 49 -5.20 -7.02 -7.78
CA ARG A 49 -6.17 -6.14 -7.08
C ARG A 49 -6.19 -4.74 -7.71
N SER A 50 -7.36 -4.09 -7.69
CA SER A 50 -7.53 -2.76 -8.30
C SER A 50 -6.62 -1.71 -7.64
N ASP A 51 -6.36 -1.88 -6.34
CA ASP A 51 -5.50 -0.95 -5.59
C ASP A 51 -4.02 -1.06 -6.04
N GLN A 52 -3.62 -2.27 -6.48
CA GLN A 52 -2.30 -2.48 -7.09
C GLN A 52 -2.25 -1.83 -8.49
N LEU A 53 -3.33 -2.02 -9.27
CA LEU A 53 -3.43 -1.41 -10.60
C LEU A 53 -3.33 0.12 -10.50
N LYS A 54 -4.07 0.73 -9.55
CA LYS A 54 -3.97 2.18 -9.27
C LYS A 54 -2.53 2.57 -8.97
N ARG A 55 -1.90 1.87 -8.01
CA ARG A 55 -0.52 2.16 -7.59
C ARG A 55 0.43 2.20 -8.78
N HIS A 56 0.30 1.21 -9.66
CA HIS A 56 1.13 1.11 -10.84
C HIS A 56 0.83 2.24 -11.84
N GLN A 57 -0.46 2.50 -12.08
CA GLN A 57 -0.88 3.48 -13.08
C GLN A 57 -0.44 4.91 -12.69
N ARG A 58 -0.37 5.18 -11.37
CA ARG A 58 0.08 6.50 -10.86
C ARG A 58 1.52 6.82 -11.32
N ARG A 59 2.31 5.77 -11.62
CA ARG A 59 3.71 5.95 -12.10
C ARG A 59 3.74 6.44 -13.56
N HIS A 60 2.71 6.09 -14.34
CA HIS A 60 2.59 6.56 -15.73
C HIS A 60 1.97 7.96 -15.79
N THR A 61 0.91 8.19 -14.99
CA THR A 61 0.15 9.46 -15.05
C THR A 61 0.82 10.57 -14.21
N GLY A 62 1.50 10.18 -13.13
CA GLY A 62 2.09 11.16 -12.19
C GLY A 62 1.06 11.69 -11.19
N VAL A 63 0.00 10.90 -10.93
CA VAL A 63 -1.08 11.28 -10.02
C VAL A 63 -0.67 11.06 -8.55
N LYS A 64 -0.56 12.17 -7.79
CA LYS A 64 -0.21 12.11 -6.35
C LYS A 64 -1.12 13.06 -5.55
N PRO A 65 -2.35 12.59 -5.18
CA PRO A 65 -3.40 13.45 -4.61
C PRO A 65 -3.25 13.67 -3.08
N PHE A 66 -2.20 13.07 -2.47
CA PHE A 66 -1.98 13.19 -1.03
C PHE A 66 -0.93 14.28 -0.73
N GLN A 67 -1.36 15.29 0.03
CA GLN A 67 -0.52 16.46 0.31
C GLN A 67 -0.66 16.93 1.77
N CYS A 68 0.44 17.42 2.33
CA CYS A 68 0.43 17.99 3.68
C CYS A 68 -0.46 19.25 3.75
N LYS A 69 -0.92 19.58 4.97
CA LYS A 69 -1.74 20.78 5.21
C LYS A 69 -0.98 21.79 6.10
N THR A 70 0.36 21.66 6.14
CA THR A 70 1.22 22.54 6.95
C THR A 70 2.41 23.05 6.13
N CYS A 71 3.10 22.14 5.43
CA CYS A 71 4.24 22.51 4.55
C CYS A 71 3.90 22.23 3.05
N GLN A 72 2.77 21.52 2.82
CA GLN A 72 2.24 21.24 1.46
C GLN A 72 3.12 20.23 0.68
N ARG A 73 4.05 19.53 1.37
CA ARG A 73 4.82 18.43 0.72
C ARG A 73 3.85 17.34 0.19
N LYS A 74 4.28 16.68 -0.89
CA LYS A 74 3.39 15.77 -1.66
C LYS A 74 3.90 14.32 -1.65
N PHE A 75 2.97 13.35 -1.59
CA PHE A 75 3.35 11.92 -1.54
C PHE A 75 2.38 11.07 -2.39
N SER A 76 2.90 9.97 -2.96
CA SER A 76 2.11 9.12 -3.86
C SER A 76 1.08 8.25 -3.09
N ARG A 77 1.31 8.07 -1.78
CA ARG A 77 0.40 7.27 -0.91
C ARG A 77 -0.01 8.05 0.34
N SER A 78 -1.17 7.71 0.90
CA SER A 78 -1.72 8.41 2.08
C SER A 78 -0.98 8.00 3.36
N ASP A 79 -0.65 6.72 3.49
CA ASP A 79 0.04 6.22 4.69
C ASP A 79 1.44 6.87 4.84
N HIS A 80 2.07 7.21 3.71
CA HIS A 80 3.34 7.94 3.71
C HIS A 80 3.13 9.39 4.16
N LEU A 81 1.99 9.98 3.80
CA LEU A 81 1.64 11.35 4.22
C LEU A 81 1.37 11.40 5.75
N LYS A 82 0.64 10.40 6.27
CA LYS A 82 0.34 10.32 7.72
C LYS A 82 1.64 10.14 8.54
N THR A 83 2.60 9.41 7.97
CA THR A 83 3.93 9.21 8.61
C THR A 83 4.74 10.52 8.66
N HIS A 84 4.42 11.45 7.75
CA HIS A 84 5.06 12.77 7.72
C HIS A 84 4.30 13.79 8.59
N THR A 85 2.97 13.81 8.46
CA THR A 85 2.12 14.82 9.14
C THR A 85 2.40 14.85 10.66
N ARG A 86 2.64 13.67 11.24
CA ARG A 86 2.88 13.54 12.69
C ARG A 86 4.18 14.27 13.14
N THR A 87 5.07 14.58 12.18
CA THR A 87 6.31 15.32 12.47
C THR A 87 6.03 16.82 12.74
N HIS A 88 4.84 17.30 12.31
CA HIS A 88 4.43 18.70 12.54
C HIS A 88 3.62 18.83 13.85
N THR A 89 2.92 17.74 14.23
CA THR A 89 2.05 17.75 15.43
C THR A 89 2.89 17.69 16.71
N GLY A 90 4.16 17.28 16.58
CA GLY A 90 5.08 17.18 17.74
C GLY A 90 5.24 15.73 18.24
N GLU A 91 4.49 14.80 17.64
CA GLU A 91 4.56 13.38 18.00
C GLU A 91 5.85 12.75 17.45
N LYS A 92 6.44 11.83 18.24
CA LYS A 92 7.70 11.15 17.85
C LYS A 92 7.53 9.62 18.00
N PRO A 93 7.12 8.93 16.91
CA PRO A 93 6.72 7.52 16.96
C PRO A 93 7.88 6.54 17.29
N PHE A 94 9.12 6.93 16.97
CA PHE A 94 10.26 5.99 17.07
C PHE A 94 10.98 6.15 18.42
N SER A 95 11.94 5.25 18.68
CA SER A 95 12.77 5.33 19.90
C SER A 95 14.09 4.57 19.72
N CYS A 96 15.11 5.00 20.48
CA CYS A 96 16.44 4.36 20.45
C CYS A 96 16.32 2.85 20.85
N ARG A 97 17.12 2.00 20.17
CA ARG A 97 16.99 0.53 20.30
C ARG A 97 17.63 0.01 21.61
N TRP A 98 18.59 0.75 22.14
CA TRP A 98 19.40 0.29 23.29
C TRP A 98 18.49 -0.02 24.53
N PRO A 99 18.95 -0.94 25.41
CA PRO A 99 18.19 -1.35 26.60
C PRO A 99 18.22 -0.29 27.72
N SER A 100 19.29 0.53 27.75
CA SER A 100 19.48 1.56 28.81
C SER A 100 19.19 2.98 28.26
N CYS A 101 18.78 3.06 26.99
CA CYS A 101 18.49 4.34 26.34
C CYS A 101 17.43 4.15 25.24
N GLN A 102 16.26 4.78 25.43
CA GLN A 102 15.15 4.67 24.46
C GLN A 102 14.60 6.07 24.10
N LYS A 103 15.53 7.03 23.88
CA LYS A 103 15.15 8.42 23.50
C LYS A 103 14.32 8.42 22.21
N LYS A 104 13.31 9.29 22.16
CA LYS A 104 12.30 9.27 21.08
C LYS A 104 12.77 10.06 19.85
N PHE A 105 12.42 9.53 18.68
CA PHE A 105 12.68 10.21 17.40
C PHE A 105 11.43 10.12 16.51
N ALA A 106 11.43 10.86 15.40
CA ALA A 106 10.25 10.94 14.54
C ALA A 106 10.56 10.48 13.11
N ARG A 107 11.84 10.57 12.70
CA ARG A 107 12.27 10.13 11.38
C ARG A 107 13.38 9.07 11.50
N SER A 108 13.54 8.29 10.44
CA SER A 108 14.52 7.20 10.43
C SER A 108 15.97 7.73 10.46
N ASP A 109 16.19 8.89 9.85
CA ASP A 109 17.53 9.50 9.80
C ASP A 109 17.97 9.97 11.20
N GLU A 110 17.02 10.47 11.99
CA GLU A 110 17.29 10.85 13.37
C GLU A 110 17.67 9.63 14.21
N LEU A 111 16.89 8.55 14.07
CA LEU A 111 17.15 7.30 14.81
C LEU A 111 18.55 6.75 14.46
N VAL A 112 18.86 6.69 13.16
CA VAL A 112 20.18 6.19 12.69
C VAL A 112 21.32 7.11 13.16
N ARG A 113 21.07 8.42 13.18
CA ARG A 113 22.08 9.42 13.61
C ARG A 113 22.46 9.21 15.09
N HIS A 114 21.46 8.88 15.91
CA HIS A 114 21.70 8.64 17.34
C HIS A 114 22.25 7.21 17.59
N HIS A 115 21.74 6.24 16.82
CA HIS A 115 22.09 4.82 17.02
C HIS A 115 23.60 4.55 16.78
N ASN A 116 24.22 5.37 15.91
CA ASN A 116 25.65 5.18 15.57
C ASN A 116 26.57 5.93 16.58
N MET A 117 26.01 6.93 17.29
CA MET A 117 26.77 7.66 18.34
C MET A 117 27.06 6.75 19.54
N HIS A 118 26.15 5.80 19.81
CA HIS A 118 26.36 4.79 20.86
C HIS A 118 27.59 3.92 20.53
N SER A 1 -21.29 -17.87 11.11
CA SER A 1 -21.16 -16.73 10.19
C SER A 1 -19.73 -16.62 9.63
N GLU A 2 -18.80 -17.42 10.19
CA GLU A 2 -17.39 -17.39 9.77
C GLU A 2 -17.19 -18.02 8.37
N LYS A 3 -18.25 -18.63 7.81
CA LYS A 3 -18.19 -19.30 6.50
C LYS A 3 -19.02 -18.53 5.43
N ARG A 4 -19.48 -17.32 5.77
CA ARG A 4 -20.25 -16.47 4.84
C ARG A 4 -19.38 -15.98 3.64
N PRO A 5 -18.10 -15.55 3.88
CA PRO A 5 -17.22 -15.05 2.81
C PRO A 5 -17.04 -16.07 1.67
N PHE A 6 -16.73 -15.56 0.47
CA PHE A 6 -16.43 -16.42 -0.69
C PHE A 6 -14.98 -16.90 -0.61
N MET A 7 -14.76 -18.18 -0.94
CA MET A 7 -13.44 -18.81 -0.76
C MET A 7 -12.94 -19.46 -2.06
N CYS A 8 -11.63 -19.69 -2.14
CA CYS A 8 -10.99 -20.29 -3.32
C CYS A 8 -11.19 -21.82 -3.31
N ALA A 9 -11.31 -22.40 -4.50
CA ALA A 9 -11.57 -23.84 -4.66
C ALA A 9 -10.23 -24.64 -4.75
N TYR A 10 -9.12 -23.94 -4.98
CA TYR A 10 -7.81 -24.59 -5.11
C TYR A 10 -7.33 -25.13 -3.73
N PRO A 11 -6.86 -26.40 -3.68
CA PRO A 11 -6.44 -27.04 -2.43
C PRO A 11 -5.17 -26.42 -1.86
N GLY A 12 -5.14 -26.24 -0.53
CA GLY A 12 -3.98 -25.63 0.15
C GLY A 12 -4.06 -24.10 0.17
N CYS A 13 -4.64 -23.52 -0.89
CA CYS A 13 -4.86 -22.07 -0.97
C CYS A 13 -6.11 -21.67 -0.14
N ASN A 14 -7.30 -21.94 -0.71
CA ASN A 14 -8.59 -21.67 -0.03
C ASN A 14 -8.63 -20.25 0.63
N LYS A 15 -7.99 -19.26 -0.03
CA LYS A 15 -8.08 -17.84 0.39
C LYS A 15 -9.56 -17.39 0.42
N ARG A 16 -9.87 -16.41 1.28
CA ARG A 16 -11.27 -15.92 1.45
C ARG A 16 -11.38 -14.42 1.15
N TYR A 17 -12.52 -14.02 0.60
CA TYR A 17 -12.78 -12.61 0.25
C TYR A 17 -14.22 -12.23 0.64
N PHE A 18 -14.42 -10.96 1.00
CA PHE A 18 -15.73 -10.45 1.43
C PHE A 18 -16.62 -10.05 0.21
N LYS A 19 -16.13 -10.36 -1.01
CA LYS A 19 -16.88 -10.04 -2.26
C LYS A 19 -16.51 -11.02 -3.37
N LEU A 20 -17.52 -11.47 -4.12
CA LEU A 20 -17.33 -12.45 -5.20
C LEU A 20 -16.52 -11.84 -6.38
N SER A 21 -16.60 -10.52 -6.54
CA SER A 21 -15.87 -9.81 -7.61
C SER A 21 -14.34 -9.94 -7.42
N HIS A 22 -13.90 -9.94 -6.15
CA HIS A 22 -12.46 -10.08 -5.83
C HIS A 22 -12.04 -11.56 -5.87
N LEU A 23 -12.97 -12.46 -5.57
CA LEU A 23 -12.72 -13.91 -5.63
C LEU A 23 -12.48 -14.37 -7.09
N GLN A 24 -13.25 -13.78 -8.02
CA GLN A 24 -13.08 -14.10 -9.46
C GLN A 24 -11.74 -13.55 -9.99
N MET A 25 -11.29 -12.42 -9.44
CA MET A 25 -9.98 -11.84 -9.80
C MET A 25 -8.84 -12.69 -9.23
N HIS A 26 -9.05 -13.25 -8.04
CA HIS A 26 -8.07 -14.13 -7.41
C HIS A 26 -7.91 -15.45 -8.19
N SER A 27 -9.05 -16.09 -8.52
CA SER A 27 -9.04 -17.44 -9.14
C SER A 27 -8.30 -17.46 -10.48
N ARG A 28 -8.28 -16.30 -11.18
CA ARG A 28 -7.59 -16.18 -12.49
C ARG A 28 -6.08 -16.47 -12.36
N LYS A 29 -5.51 -16.18 -11.17
CA LYS A 29 -4.07 -16.42 -10.90
C LYS A 29 -3.73 -17.91 -10.97
N HIS A 30 -4.69 -18.77 -10.65
CA HIS A 30 -4.50 -20.23 -10.74
C HIS A 30 -4.63 -20.71 -12.19
N THR A 31 -5.57 -20.12 -12.94
CA THR A 31 -5.77 -20.45 -14.36
C THR A 31 -4.53 -20.03 -15.19
N GLY A 32 -3.95 -18.87 -14.84
CA GLY A 32 -2.70 -18.41 -15.48
C GLY A 32 -2.83 -17.01 -16.10
N GLU A 33 -3.67 -16.16 -15.50
CA GLU A 33 -3.89 -14.78 -15.99
C GLU A 33 -3.94 -13.78 -14.82
N LYS A 34 -3.61 -12.51 -15.12
CA LYS A 34 -3.64 -11.43 -14.11
C LYS A 34 -5.00 -10.69 -14.14
N PRO A 35 -5.49 -10.24 -12.96
CA PRO A 35 -6.77 -9.52 -12.87
C PRO A 35 -6.64 -8.04 -13.29
N TYR A 36 -5.53 -7.38 -12.89
CA TYR A 36 -5.27 -5.98 -13.24
C TYR A 36 -3.91 -5.82 -13.94
N GLN A 37 -3.74 -4.71 -14.66
CA GLN A 37 -2.45 -4.39 -15.31
C GLN A 37 -2.35 -2.89 -15.63
N CYS A 38 -1.11 -2.41 -15.80
CA CYS A 38 -0.85 -0.99 -16.05
C CYS A 38 -1.38 -0.57 -17.45
N ASP A 39 -2.29 0.42 -17.46
CA ASP A 39 -2.94 0.88 -18.70
C ASP A 39 -2.00 1.78 -19.55
N PHE A 40 -0.81 2.10 -19.02
CA PHE A 40 0.15 2.98 -19.71
C PHE A 40 0.60 2.37 -21.06
N LYS A 41 1.02 3.24 -21.99
CA LYS A 41 1.36 2.81 -23.36
C LYS A 41 2.55 1.83 -23.37
N ASP A 42 3.54 2.07 -22.50
CA ASP A 42 4.82 1.32 -22.54
C ASP A 42 5.10 0.62 -21.17
N CYS A 43 4.04 0.25 -20.45
CA CYS A 43 4.16 -0.47 -19.17
C CYS A 43 3.14 -1.64 -19.09
N GLU A 44 3.55 -2.75 -18.47
CA GLU A 44 2.72 -3.98 -18.44
C GLU A 44 2.68 -4.62 -17.03
N ARG A 45 3.10 -3.85 -16.01
CA ARG A 45 3.08 -4.33 -14.60
C ARG A 45 1.67 -4.81 -14.22
N ARG A 46 1.61 -5.95 -13.50
CA ARG A 46 0.33 -6.52 -13.02
C ARG A 46 0.02 -6.04 -11.60
N PHE A 47 -1.26 -6.14 -11.21
CA PHE A 47 -1.70 -5.78 -9.85
C PHE A 47 -2.83 -6.73 -9.39
N SER A 48 -3.17 -6.64 -8.10
CA SER A 48 -4.21 -7.52 -7.50
C SER A 48 -5.37 -6.68 -6.93
N ARG A 49 -5.24 -5.34 -6.98
CA ARG A 49 -6.29 -4.42 -6.46
C ARG A 49 -6.23 -3.07 -7.18
N SER A 50 -7.37 -2.36 -7.21
CA SER A 50 -7.50 -1.13 -8.01
C SER A 50 -6.62 0.00 -7.46
N ASP A 51 -6.45 0.06 -6.12
CA ASP A 51 -5.66 1.13 -5.49
C ASP A 51 -4.16 0.98 -5.80
N GLN A 52 -3.70 -0.28 -5.91
CA GLN A 52 -2.33 -0.57 -6.34
C GLN A 52 -2.09 -0.04 -7.77
N LEU A 53 -3.02 -0.37 -8.68
CA LEU A 53 -2.95 0.08 -10.06
C LEU A 53 -2.94 1.61 -10.15
N LYS A 54 -3.87 2.27 -9.44
CA LYS A 54 -4.00 3.74 -9.48
C LYS A 54 -2.75 4.43 -8.93
N ARG A 55 -2.23 3.95 -7.80
CA ARG A 55 -0.99 4.51 -7.20
C ARG A 55 0.17 4.49 -8.21
N HIS A 56 0.36 3.34 -8.85
CA HIS A 56 1.41 3.19 -9.86
C HIS A 56 1.13 4.10 -11.09
N GLN A 57 -0.13 4.17 -11.51
CA GLN A 57 -0.52 4.99 -12.68
C GLN A 57 -0.33 6.49 -12.39
N ARG A 58 -0.54 6.90 -11.14
CA ARG A 58 -0.35 8.30 -10.71
C ARG A 58 1.13 8.72 -10.82
N ARG A 59 2.03 7.73 -10.79
CA ARG A 59 3.48 7.98 -10.96
C ARG A 59 3.83 8.23 -12.46
N HIS A 60 2.99 7.72 -13.37
CA HIS A 60 3.13 7.99 -14.82
C HIS A 60 2.52 9.36 -15.18
N THR A 61 1.31 9.63 -14.65
CA THR A 61 0.56 10.86 -15.01
C THR A 61 1.06 12.08 -14.20
N GLY A 62 1.59 11.84 -13.00
CA GLY A 62 2.04 12.93 -12.11
C GLY A 62 0.89 13.48 -11.24
N VAL A 63 -0.23 12.73 -11.18
CA VAL A 63 -1.40 13.14 -10.38
C VAL A 63 -1.18 12.80 -8.89
N LYS A 64 -0.93 13.85 -8.08
CA LYS A 64 -0.70 13.69 -6.63
C LYS A 64 -1.49 14.74 -5.82
N PRO A 65 -2.73 14.41 -5.42
CA PRO A 65 -3.63 15.35 -4.75
C PRO A 65 -3.38 15.47 -3.23
N PHE A 66 -2.36 14.75 -2.73
CA PHE A 66 -2.04 14.73 -1.30
C PHE A 66 -0.86 15.67 -0.99
N GLN A 67 -1.12 16.75 -0.27
CA GLN A 67 -0.09 17.72 0.08
C GLN A 67 -0.16 18.11 1.56
N CYS A 68 0.97 18.54 2.13
CA CYS A 68 1.03 18.99 3.51
C CYS A 68 0.10 20.21 3.73
N LYS A 69 -0.30 20.42 4.98
CA LYS A 69 -1.17 21.54 5.35
C LYS A 69 -0.35 22.68 5.99
N THR A 70 0.98 22.66 5.77
CA THR A 70 1.88 23.68 6.33
C THR A 70 2.91 24.14 5.28
N CYS A 71 3.76 23.22 4.82
CA CYS A 71 4.81 23.54 3.84
C CYS A 71 4.33 23.28 2.38
N GLN A 72 3.16 22.63 2.24
CA GLN A 72 2.53 22.39 0.91
C GLN A 72 3.30 21.32 0.07
N ARG A 73 4.28 20.64 0.69
CA ARG A 73 5.00 19.51 0.01
C ARG A 73 4.00 18.42 -0.42
N LYS A 74 4.34 17.73 -1.50
CA LYS A 74 3.39 16.80 -2.19
C LYS A 74 3.85 15.34 -2.08
N PHE A 75 2.89 14.43 -1.91
CA PHE A 75 3.20 12.99 -1.71
C PHE A 75 2.25 12.11 -2.53
N SER A 76 2.76 10.95 -2.97
CA SER A 76 1.97 10.02 -3.81
C SER A 76 0.78 9.41 -3.03
N ARG A 77 0.85 9.46 -1.68
CA ARG A 77 -0.16 8.80 -0.81
C ARG A 77 -0.52 9.69 0.38
N SER A 78 -1.72 9.47 0.93
CA SER A 78 -2.24 10.27 2.05
C SER A 78 -1.59 9.87 3.39
N ASP A 79 -1.19 8.60 3.52
CA ASP A 79 -0.54 8.12 4.75
C ASP A 79 0.89 8.71 4.88
N HIS A 80 1.53 8.99 3.73
CA HIS A 80 2.82 9.70 3.69
C HIS A 80 2.63 11.17 4.11
N LEU A 81 1.55 11.79 3.61
CA LEU A 81 1.18 13.16 4.01
C LEU A 81 0.93 13.24 5.53
N LYS A 82 0.09 12.34 6.05
CA LYS A 82 -0.23 12.28 7.49
C LYS A 82 1.03 12.12 8.33
N THR A 83 1.93 11.25 7.88
CA THR A 83 3.19 10.98 8.60
C THR A 83 4.08 12.22 8.58
N HIS A 84 4.24 12.83 7.40
CA HIS A 84 5.05 14.05 7.24
C HIS A 84 4.50 15.20 8.12
N THR A 85 3.17 15.31 8.22
CA THR A 85 2.53 16.36 9.03
C THR A 85 3.04 16.35 10.48
N ARG A 86 3.36 15.14 11.00
CA ARG A 86 3.86 14.97 12.38
C ARG A 86 5.18 15.73 12.61
N THR A 87 5.96 15.89 11.54
CA THR A 87 7.28 16.56 11.63
C THR A 87 7.12 18.06 11.96
N HIS A 88 5.94 18.63 11.68
CA HIS A 88 5.63 20.03 12.00
C HIS A 88 5.01 20.18 13.41
N THR A 89 4.38 19.09 13.90
CA THR A 89 3.67 19.12 15.21
C THR A 89 4.57 18.64 16.35
N GLY A 90 5.68 17.95 16.01
CA GLY A 90 6.62 17.45 17.02
C GLY A 90 6.27 16.02 17.49
N GLU A 91 5.18 15.46 16.95
CA GLU A 91 4.74 14.10 17.32
C GLU A 91 5.60 13.04 16.59
N LYS A 92 5.79 11.88 17.24
CA LYS A 92 6.58 10.78 16.66
C LYS A 92 5.83 9.43 16.77
N PRO A 93 5.00 9.10 15.74
CA PRO A 93 4.09 7.94 15.79
C PRO A 93 4.81 6.58 15.63
N PHE A 94 6.01 6.59 15.05
CA PHE A 94 6.76 5.34 14.80
C PHE A 94 7.51 4.88 16.08
N SER A 95 8.14 3.70 16.01
CA SER A 95 8.89 3.15 17.14
C SER A 95 9.85 2.05 16.68
N CYS A 96 10.77 1.66 17.56
CA CYS A 96 11.69 0.55 17.29
C CYS A 96 10.94 -0.81 17.28
N ARG A 97 11.65 -1.87 16.89
CA ARG A 97 11.08 -3.24 16.83
C ARG A 97 11.90 -4.21 17.70
N TRP A 98 13.14 -3.84 18.01
CA TRP A 98 14.04 -4.70 18.80
C TRP A 98 13.51 -4.86 20.26
N PRO A 99 13.80 -6.01 20.91
CA PRO A 99 13.35 -6.30 22.27
C PRO A 99 14.18 -5.56 23.36
N SER A 100 15.22 -4.83 22.93
CA SER A 100 16.14 -4.14 23.86
C SER A 100 16.20 -2.62 23.56
N CYS A 101 15.22 -2.13 22.78
CA CYS A 101 15.18 -0.71 22.36
C CYS A 101 13.73 -0.19 22.39
N GLN A 102 13.57 1.13 22.53
CA GLN A 102 12.24 1.76 22.65
C GLN A 102 12.24 3.21 22.09
N LYS A 103 13.12 3.46 21.09
CA LYS A 103 13.18 4.77 20.41
C LYS A 103 11.87 5.05 19.65
N LYS A 104 11.66 6.33 19.29
CA LYS A 104 10.47 6.76 18.53
C LYS A 104 10.86 7.69 17.39
N PHE A 105 10.13 7.59 16.27
CA PHE A 105 10.44 8.36 15.06
C PHE A 105 9.16 8.96 14.45
N ALA A 106 9.33 9.87 13.49
CA ALA A 106 8.20 10.49 12.81
C ALA A 106 8.42 10.49 11.28
N ARG A 107 9.31 9.59 10.81
CA ARG A 107 9.56 9.40 9.38
C ARG A 107 10.07 7.98 9.12
N SER A 108 9.76 7.45 7.94
CA SER A 108 10.27 6.14 7.53
C SER A 108 11.79 6.18 7.33
N ASP A 109 12.31 7.35 6.96
CA ASP A 109 13.76 7.56 6.79
C ASP A 109 14.48 7.38 8.13
N GLU A 110 13.97 8.02 9.18
CA GLU A 110 14.52 7.86 10.54
C GLU A 110 14.50 6.39 10.96
N LEU A 111 13.36 5.73 10.76
CA LEU A 111 13.17 4.35 11.20
C LEU A 111 14.20 3.41 10.54
N VAL A 112 14.33 3.50 9.21
CA VAL A 112 15.28 2.65 8.45
C VAL A 112 16.73 3.00 8.78
N ARG A 113 17.03 4.30 8.90
CA ARG A 113 18.38 4.77 9.25
C ARG A 113 18.80 4.26 10.65
N HIS A 114 17.84 4.26 11.58
CA HIS A 114 18.06 3.71 12.93
C HIS A 114 18.23 2.18 12.89
N HIS A 115 17.40 1.50 12.08
CA HIS A 115 17.45 0.03 11.96
C HIS A 115 18.84 -0.44 11.45
N ASN A 116 19.51 0.40 10.65
CA ASN A 116 20.85 0.10 10.14
C ASN A 116 21.91 0.16 11.27
N MET A 117 21.66 0.99 12.30
CA MET A 117 22.57 1.11 13.46
C MET A 117 22.56 -0.17 14.30
N HIS A 118 21.38 -0.78 14.46
CA HIS A 118 21.24 -2.06 15.14
C HIS A 118 21.94 -3.19 14.35
N SER A 1 -27.45 -11.36 6.78
CA SER A 1 -27.52 -10.43 5.64
C SER A 1 -26.41 -9.36 5.71
N GLU A 2 -25.61 -9.40 6.80
CA GLU A 2 -24.50 -8.44 6.99
C GLU A 2 -23.33 -8.73 6.01
N LYS A 3 -23.29 -9.95 5.46
CA LYS A 3 -22.25 -10.37 4.49
C LYS A 3 -22.84 -11.31 3.43
N ARG A 4 -22.11 -11.47 2.32
CA ARG A 4 -22.52 -12.38 1.22
C ARG A 4 -21.28 -12.98 0.52
N PRO A 5 -20.75 -14.11 1.05
CA PRO A 5 -19.56 -14.75 0.52
C PRO A 5 -19.85 -15.59 -0.75
N PHE A 6 -18.79 -15.90 -1.50
CA PHE A 6 -18.89 -16.73 -2.72
C PHE A 6 -17.65 -17.63 -2.84
N MET A 7 -17.83 -18.80 -3.47
CA MET A 7 -16.74 -19.81 -3.52
C MET A 7 -16.36 -20.15 -4.97
N CYS A 8 -15.11 -20.59 -5.15
CA CYS A 8 -14.57 -20.91 -6.48
C CYS A 8 -15.22 -22.18 -7.06
N ALA A 9 -15.36 -22.23 -8.39
CA ALA A 9 -16.03 -23.34 -9.07
C ALA A 9 -15.04 -24.49 -9.40
N TYR A 10 -13.74 -24.19 -9.43
CA TYR A 10 -12.70 -25.19 -9.74
C TYR A 10 -12.59 -26.24 -8.59
N PRO A 11 -12.69 -27.55 -8.94
CA PRO A 11 -12.78 -28.62 -7.93
C PRO A 11 -11.46 -28.84 -7.15
N GLY A 12 -10.35 -28.32 -7.70
CA GLY A 12 -9.04 -28.43 -7.03
C GLY A 12 -8.74 -27.22 -6.12
N CYS A 13 -9.69 -26.29 -6.03
CA CYS A 13 -9.48 -25.02 -5.31
C CYS A 13 -10.66 -24.71 -4.35
N ASN A 14 -11.83 -24.40 -4.93
CA ASN A 14 -13.04 -24.06 -4.15
C ASN A 14 -12.72 -23.04 -3.00
N LYS A 15 -11.82 -22.08 -3.27
CA LYS A 15 -11.49 -21.01 -2.29
C LYS A 15 -12.72 -20.15 -2.00
N ARG A 16 -12.64 -19.33 -0.94
CA ARG A 16 -13.76 -18.45 -0.53
C ARG A 16 -13.37 -16.97 -0.66
N TYR A 17 -14.30 -16.15 -1.18
CA TYR A 17 -14.09 -14.70 -1.31
C TYR A 17 -15.31 -13.94 -0.78
N PHE A 18 -15.09 -12.71 -0.31
CA PHE A 18 -16.15 -11.91 0.36
C PHE A 18 -16.99 -11.10 -0.67
N LYS A 19 -16.74 -11.33 -1.97
CA LYS A 19 -17.49 -10.64 -3.05
C LYS A 19 -17.44 -11.45 -4.36
N LEU A 20 -18.57 -11.49 -5.06
CA LEU A 20 -18.67 -12.23 -6.35
C LEU A 20 -17.80 -11.56 -7.45
N SER A 21 -17.65 -10.23 -7.35
CA SER A 21 -16.81 -9.48 -8.30
C SER A 21 -15.32 -9.84 -8.15
N HIS A 22 -14.90 -10.14 -6.92
CA HIS A 22 -13.52 -10.58 -6.65
C HIS A 22 -13.35 -12.07 -6.96
N LEU A 23 -14.44 -12.84 -6.81
CA LEU A 23 -14.42 -14.27 -7.12
C LEU A 23 -14.18 -14.51 -8.64
N GLN A 24 -14.77 -13.64 -9.48
CA GLN A 24 -14.56 -13.71 -10.94
C GLN A 24 -13.12 -13.30 -11.32
N MET A 25 -12.57 -12.34 -10.57
CA MET A 25 -11.16 -11.92 -10.77
C MET A 25 -10.19 -13.05 -10.39
N HIS A 26 -10.52 -13.79 -9.32
CA HIS A 26 -9.76 -14.97 -8.93
C HIS A 26 -9.90 -16.09 -9.99
N SER A 27 -11.14 -16.34 -10.43
CA SER A 27 -11.44 -17.44 -11.39
C SER A 27 -10.53 -17.38 -12.64
N ARG A 28 -10.21 -16.16 -13.10
CA ARG A 28 -9.35 -15.96 -14.29
C ARG A 28 -7.97 -16.65 -14.12
N LYS A 29 -7.51 -16.75 -12.86
CA LYS A 29 -6.20 -17.38 -12.55
C LYS A 29 -6.17 -18.85 -13.02
N HIS A 30 -7.31 -19.54 -12.94
CA HIS A 30 -7.42 -20.93 -13.41
C HIS A 30 -7.42 -21.00 -14.94
N THR A 31 -8.16 -20.08 -15.58
CA THR A 31 -8.22 -20.01 -17.05
C THR A 31 -6.83 -19.68 -17.65
N GLY A 32 -6.02 -18.93 -16.88
CA GLY A 32 -4.66 -18.57 -17.32
C GLY A 32 -4.53 -17.08 -17.67
N GLU A 33 -5.30 -16.24 -16.97
CA GLU A 33 -5.32 -14.80 -17.21
C GLU A 33 -5.20 -14.02 -15.90
N LYS A 34 -4.67 -12.80 -15.98
CA LYS A 34 -4.60 -11.90 -14.81
C LYS A 34 -5.86 -11.00 -14.72
N PRO A 35 -6.33 -10.71 -13.50
CA PRO A 35 -7.52 -9.88 -13.29
C PRO A 35 -7.24 -8.38 -13.54
N TYR A 36 -6.08 -7.90 -13.09
CA TYR A 36 -5.70 -6.49 -13.26
C TYR A 36 -4.31 -6.36 -13.92
N GLN A 37 -4.06 -5.21 -14.55
CA GLN A 37 -2.78 -4.92 -15.19
C GLN A 37 -2.61 -3.41 -15.45
N CYS A 38 -1.37 -2.93 -15.34
CA CYS A 38 -1.05 -1.54 -15.65
C CYS A 38 -1.41 -1.22 -17.13
N ASP A 39 -2.36 -0.29 -17.32
CA ASP A 39 -2.90 0.01 -18.65
C ASP A 39 -1.98 1.02 -19.42
N PHE A 40 -0.83 1.35 -18.84
CA PHE A 40 0.11 2.30 -19.45
C PHE A 40 0.64 1.76 -20.81
N LYS A 41 1.05 2.68 -21.69
CA LYS A 41 1.46 2.34 -23.08
C LYS A 41 2.62 1.32 -23.10
N ASP A 42 3.55 1.44 -22.14
CA ASP A 42 4.80 0.66 -22.16
C ASP A 42 5.01 -0.12 -20.83
N CYS A 43 3.90 -0.54 -20.19
CA CYS A 43 3.95 -1.35 -18.97
C CYS A 43 2.99 -2.55 -19.06
N GLU A 44 3.41 -3.69 -18.51
CA GLU A 44 2.65 -4.95 -18.59
C GLU A 44 2.54 -5.64 -17.20
N ARG A 45 2.91 -4.90 -16.14
CA ARG A 45 2.83 -5.42 -14.75
C ARG A 45 1.39 -5.81 -14.40
N ARG A 46 1.19 -7.05 -13.94
CA ARG A 46 -0.14 -7.55 -13.53
C ARG A 46 -0.36 -7.35 -12.02
N PHE A 47 -1.62 -7.39 -11.60
CA PHE A 47 -2.00 -7.21 -10.19
C PHE A 47 -3.23 -8.06 -9.84
N SER A 48 -3.53 -8.17 -8.53
CA SER A 48 -4.63 -9.02 -8.04
C SER A 48 -5.71 -8.18 -7.30
N ARG A 49 -5.48 -6.86 -7.18
CA ARG A 49 -6.48 -5.94 -6.56
C ARG A 49 -6.36 -4.53 -7.16
N SER A 50 -7.47 -3.80 -7.18
CA SER A 50 -7.52 -2.43 -7.73
C SER A 50 -6.58 -1.48 -6.95
N ASP A 51 -6.42 -1.73 -5.65
CA ASP A 51 -5.51 -0.93 -4.79
C ASP A 51 -4.07 -0.98 -5.34
N GLN A 52 -3.58 -2.19 -5.64
CA GLN A 52 -2.24 -2.38 -6.19
C GLN A 52 -2.11 -1.69 -7.56
N LEU A 53 -3.12 -1.87 -8.42
CA LEU A 53 -3.13 -1.27 -9.76
C LEU A 53 -3.04 0.27 -9.68
N LYS A 54 -3.92 0.88 -8.87
CA LYS A 54 -3.99 2.35 -8.77
C LYS A 54 -2.68 2.93 -8.25
N ARG A 55 -2.15 2.35 -7.17
CA ARG A 55 -0.87 2.80 -6.58
C ARG A 55 0.26 2.75 -7.62
N HIS A 56 0.29 1.68 -8.41
CA HIS A 56 1.30 1.48 -9.44
C HIS A 56 1.14 2.50 -10.58
N GLN A 57 -0.10 2.72 -11.03
CA GLN A 57 -0.39 3.60 -12.17
C GLN A 57 0.13 5.04 -11.93
N ARG A 58 0.20 5.45 -10.64
CA ARG A 58 0.69 6.81 -10.28
C ARG A 58 2.16 7.00 -10.70
N ARG A 59 2.89 5.88 -10.87
CA ARG A 59 4.30 5.92 -11.34
C ARG A 59 4.39 6.53 -12.75
N HIS A 60 3.38 6.27 -13.57
CA HIS A 60 3.37 6.68 -14.98
C HIS A 60 2.65 8.02 -15.17
N THR A 61 1.48 8.17 -14.52
CA THR A 61 0.65 9.37 -14.69
C THR A 61 1.23 10.57 -13.92
N GLY A 62 1.91 10.30 -12.81
CA GLY A 62 2.42 11.38 -11.94
C GLY A 62 1.31 12.01 -11.09
N VAL A 63 0.21 11.27 -10.90
CA VAL A 63 -0.93 11.74 -10.10
C VAL A 63 -0.56 11.78 -8.60
N LYS A 64 -0.52 13.01 -8.03
CA LYS A 64 -0.15 13.22 -6.62
C LYS A 64 -1.26 13.99 -5.87
N PRO A 65 -2.34 13.29 -5.45
CA PRO A 65 -3.53 13.92 -4.86
C PRO A 65 -3.37 14.22 -3.36
N PHE A 66 -2.27 13.74 -2.76
CA PHE A 66 -2.02 13.93 -1.32
C PHE A 66 -1.22 15.22 -1.09
N GLN A 67 -1.81 16.13 -0.30
CA GLN A 67 -1.19 17.42 -0.02
C GLN A 67 -1.44 17.85 1.44
N CYS A 68 -0.42 18.41 2.09
CA CYS A 68 -0.55 18.94 3.43
C CYS A 68 -1.53 20.13 3.47
N LYS A 69 -2.00 20.47 4.67
CA LYS A 69 -2.89 21.64 4.88
C LYS A 69 -2.25 22.62 5.89
N THR A 70 -0.93 22.52 6.05
CA THR A 70 -0.17 23.38 6.97
C THR A 70 1.03 24.02 6.24
N CYS A 71 1.80 23.20 5.51
CA CYS A 71 2.90 23.70 4.67
C CYS A 71 2.59 23.51 3.15
N GLN A 72 1.47 22.81 2.86
CA GLN A 72 0.94 22.67 1.47
C GLN A 72 1.84 21.76 0.59
N ARG A 73 2.87 21.12 1.20
CA ARG A 73 3.75 20.20 0.45
C ARG A 73 2.97 19.01 -0.14
N LYS A 74 3.48 18.46 -1.26
CA LYS A 74 2.74 17.48 -2.08
C LYS A 74 3.47 16.12 -2.11
N PHE A 75 2.70 15.03 -2.06
CA PHE A 75 3.29 13.67 -2.01
C PHE A 75 2.48 12.68 -2.87
N SER A 76 3.16 11.62 -3.35
CA SER A 76 2.53 10.60 -4.23
C SER A 76 1.84 9.49 -3.41
N ARG A 77 1.96 9.56 -2.08
CA ARG A 77 1.48 8.49 -1.19
C ARG A 77 0.90 9.07 0.11
N SER A 78 -0.20 8.48 0.57
CA SER A 78 -0.80 8.85 1.86
C SER A 78 0.13 8.51 3.03
N ASP A 79 0.84 7.38 2.91
CA ASP A 79 1.77 6.93 3.97
C ASP A 79 2.89 7.97 4.21
N HIS A 80 3.34 8.61 3.12
CA HIS A 80 4.39 9.63 3.21
C HIS A 80 3.84 10.92 3.81
N LEU A 81 2.62 11.31 3.40
CA LEU A 81 1.95 12.50 3.94
C LEU A 81 1.69 12.35 5.44
N LYS A 82 1.21 11.18 5.85
CA LYS A 82 0.86 10.90 7.26
C LYS A 82 2.11 10.92 8.14
N THR A 83 3.22 10.39 7.62
CA THR A 83 4.52 10.42 8.34
C THR A 83 5.01 11.87 8.51
N HIS A 84 4.89 12.66 7.44
CA HIS A 84 5.29 14.08 7.48
C HIS A 84 4.38 14.90 8.42
N THR A 85 3.07 14.65 8.38
CA THR A 85 2.09 15.44 9.17
C THR A 85 2.44 15.41 10.66
N ARG A 86 2.97 14.28 11.14
CA ARG A 86 3.34 14.11 12.56
C ARG A 86 4.47 15.08 12.98
N THR A 87 5.25 15.56 12.00
CA THR A 87 6.35 16.52 12.28
C THR A 87 5.79 17.93 12.62
N HIS A 88 4.53 18.20 12.21
CA HIS A 88 3.86 19.46 12.56
C HIS A 88 3.18 19.36 13.94
N THR A 89 2.64 18.16 14.26
CA THR A 89 1.94 17.94 15.54
C THR A 89 2.94 17.73 16.69
N GLY A 90 4.20 17.40 16.33
CA GLY A 90 5.25 17.18 17.34
C GLY A 90 5.32 15.71 17.80
N GLU A 91 4.56 14.84 17.13
CA GLU A 91 4.54 13.40 17.46
C GLU A 91 5.75 12.68 16.84
N LYS A 92 6.30 11.70 17.59
CA LYS A 92 7.44 10.89 17.11
C LYS A 92 7.17 9.39 17.42
N PRO A 93 6.57 8.65 16.45
CA PRO A 93 6.05 7.29 16.68
C PRO A 93 7.15 6.22 16.88
N PHE A 94 8.38 6.48 16.40
CA PHE A 94 9.46 5.49 16.47
C PHE A 94 10.28 5.66 17.77
N SER A 95 11.26 4.76 17.98
CA SER A 95 12.14 4.83 19.15
C SER A 95 13.42 4.02 18.93
N CYS A 96 14.45 4.30 19.73
CA CYS A 96 15.71 3.56 19.66
C CYS A 96 15.49 2.10 20.14
N ARG A 97 16.04 1.14 19.38
CA ARG A 97 15.82 -0.30 19.65
C ARG A 97 16.66 -0.78 20.86
N TRP A 98 17.76 -0.08 21.15
CA TRP A 98 18.68 -0.46 22.24
C TRP A 98 17.95 -0.41 23.61
N PRO A 99 18.26 -1.36 24.52
CA PRO A 99 17.62 -1.44 25.84
C PRO A 99 18.12 -0.33 26.79
N SER A 100 19.31 0.20 26.53
CA SER A 100 19.92 1.25 27.38
C SER A 100 19.54 2.66 26.87
N CYS A 101 18.60 2.74 25.90
CA CYS A 101 18.20 4.00 25.27
C CYS A 101 16.67 4.12 25.21
N GLN A 102 16.16 5.37 25.20
CA GLN A 102 14.71 5.63 25.25
C GLN A 102 14.32 6.83 24.33
N LYS A 103 15.25 7.22 23.43
CA LYS A 103 14.99 8.32 22.49
C LYS A 103 13.87 7.95 21.51
N LYS A 104 13.24 8.99 20.94
CA LYS A 104 12.10 8.81 20.00
C LYS A 104 12.36 9.55 18.69
N PHE A 105 11.90 8.96 17.59
CA PHE A 105 12.10 9.51 16.23
C PHE A 105 10.79 9.43 15.43
N ALA A 106 10.76 10.06 14.26
CA ALA A 106 9.53 10.16 13.47
C ALA A 106 9.73 9.61 12.04
N ARG A 107 10.98 9.43 11.61
CA ARG A 107 11.30 8.83 10.32
C ARG A 107 12.42 7.79 10.46
N SER A 108 12.41 6.79 9.60
CA SER A 108 13.37 5.67 9.66
C SER A 108 14.82 6.18 9.52
N ASP A 109 15.00 7.24 8.71
CA ASP A 109 16.35 7.80 8.47
C ASP A 109 16.90 8.49 9.74
N GLU A 110 16.01 9.17 10.48
CA GLU A 110 16.39 9.79 11.74
C GLU A 110 16.77 8.72 12.78
N LEU A 111 15.96 7.64 12.84
CA LEU A 111 16.25 6.50 13.73
C LEU A 111 17.62 5.87 13.39
N VAL A 112 17.85 5.59 12.10
CA VAL A 112 19.10 4.97 11.63
C VAL A 112 20.31 5.89 11.90
N ARG A 113 20.12 7.21 11.75
CA ARG A 113 21.19 8.19 12.01
C ARG A 113 21.67 8.11 13.48
N HIS A 114 20.72 7.90 14.40
CA HIS A 114 21.06 7.72 15.81
C HIS A 114 21.64 6.31 16.08
N HIS A 115 21.10 5.30 15.37
CA HIS A 115 21.56 3.91 15.52
C HIS A 115 23.05 3.76 15.09
N ASN A 116 23.53 4.70 14.25
CA ASN A 116 24.95 4.73 13.86
C ASN A 116 25.83 5.26 15.01
N MET A 117 25.25 6.13 15.86
CA MET A 117 25.94 6.67 17.04
C MET A 117 26.23 5.56 18.08
N HIS A 118 25.26 4.64 18.25
CA HIS A 118 25.45 3.47 19.10
C HIS A 118 26.54 2.53 18.53
N SER A 1 -28.88 -11.94 2.31
CA SER A 1 -27.86 -12.47 1.37
C SER A 1 -27.44 -11.39 0.34
N GLU A 2 -27.82 -10.14 0.59
CA GLU A 2 -27.46 -9.00 -0.30
C GLU A 2 -25.93 -8.83 -0.39
N LYS A 3 -25.21 -9.30 0.66
CA LYS A 3 -23.73 -9.23 0.70
C LYS A 3 -23.13 -10.61 1.06
N ARG A 4 -23.82 -11.69 0.62
CA ARG A 4 -23.37 -13.08 0.90
C ARG A 4 -21.95 -13.32 0.34
N PRO A 5 -21.09 -14.04 1.09
CA PRO A 5 -19.74 -14.38 0.63
C PRO A 5 -19.74 -15.47 -0.45
N PHE A 6 -18.58 -15.68 -1.09
CA PHE A 6 -18.43 -16.70 -2.15
C PHE A 6 -17.06 -17.39 -2.04
N MET A 7 -17.01 -18.66 -2.47
CA MET A 7 -15.78 -19.47 -2.34
C MET A 7 -15.30 -19.99 -3.71
N CYS A 8 -13.99 -20.21 -3.82
CA CYS A 8 -13.38 -20.71 -5.05
C CYS A 8 -13.74 -22.19 -5.30
N ALA A 9 -13.83 -22.58 -6.58
CA ALA A 9 -14.27 -23.93 -6.96
C ALA A 9 -13.06 -24.87 -7.20
N TYR A 10 -11.85 -24.30 -7.33
CA TYR A 10 -10.64 -25.10 -7.56
C TYR A 10 -10.26 -25.91 -6.30
N PRO A 11 -10.04 -27.25 -6.45
CA PRO A 11 -9.83 -28.15 -5.30
C PRO A 11 -8.51 -27.89 -4.55
N GLY A 12 -7.57 -27.21 -5.21
CA GLY A 12 -6.27 -26.89 -4.58
C GLY A 12 -6.29 -25.51 -3.86
N CYS A 13 -7.41 -24.78 -4.01
CA CYS A 13 -7.49 -23.40 -3.52
C CYS A 13 -8.67 -23.23 -2.52
N ASN A 14 -9.91 -23.22 -3.05
CA ASN A 14 -11.15 -23.10 -2.24
C ASN A 14 -11.05 -21.92 -1.21
N LYS A 15 -10.33 -20.85 -1.58
CA LYS A 15 -10.34 -19.59 -0.79
C LYS A 15 -11.71 -18.92 -0.86
N ARG A 16 -11.94 -17.94 0.01
CA ARG A 16 -13.28 -17.31 0.15
C ARG A 16 -13.17 -15.77 0.18
N TYR A 17 -14.20 -15.10 -0.32
CA TYR A 17 -14.23 -13.63 -0.41
C TYR A 17 -15.61 -13.11 0.01
N PHE A 18 -15.68 -11.81 0.32
CA PHE A 18 -16.91 -11.18 0.83
C PHE A 18 -17.68 -10.45 -0.31
N LYS A 19 -17.27 -10.68 -1.57
CA LYS A 19 -17.92 -10.04 -2.73
C LYS A 19 -17.73 -10.90 -4.00
N LEU A 20 -18.77 -10.97 -4.84
CA LEU A 20 -18.70 -11.70 -6.11
C LEU A 20 -17.75 -11.02 -7.12
N SER A 21 -17.62 -9.69 -7.00
CA SER A 21 -16.74 -8.90 -7.88
C SER A 21 -15.26 -9.31 -7.69
N HIS A 22 -14.90 -9.72 -6.47
CA HIS A 22 -13.53 -10.16 -6.17
C HIS A 22 -13.33 -11.64 -6.54
N LEU A 23 -14.41 -12.43 -6.45
CA LEU A 23 -14.37 -13.85 -6.82
C LEU A 23 -14.09 -14.03 -8.33
N GLN A 24 -14.66 -13.14 -9.16
CA GLN A 24 -14.41 -13.16 -10.61
C GLN A 24 -12.96 -12.72 -10.93
N MET A 25 -12.44 -11.76 -10.16
CA MET A 25 -11.06 -11.30 -10.31
C MET A 25 -10.06 -12.37 -9.85
N HIS A 26 -10.42 -13.10 -8.80
CA HIS A 26 -9.63 -14.23 -8.32
C HIS A 26 -9.57 -15.35 -9.39
N SER A 27 -10.73 -15.64 -9.99
CA SER A 27 -10.84 -16.76 -10.97
C SER A 27 -9.79 -16.64 -12.11
N ARG A 28 -9.40 -15.39 -12.44
CA ARG A 28 -8.37 -15.15 -13.49
C ARG A 28 -7.04 -15.83 -13.12
N LYS A 29 -6.72 -15.86 -11.82
CA LYS A 29 -5.50 -16.51 -11.31
C LYS A 29 -5.41 -17.97 -11.80
N HIS A 30 -6.55 -18.67 -11.82
CA HIS A 30 -6.58 -20.10 -12.17
C HIS A 30 -6.57 -20.30 -13.70
N THR A 31 -7.34 -19.49 -14.44
CA THR A 31 -7.40 -19.57 -15.92
C THR A 31 -6.03 -19.21 -16.55
N GLY A 32 -5.27 -18.36 -15.85
CA GLY A 32 -3.88 -18.05 -16.26
C GLY A 32 -3.70 -16.58 -16.62
N GLU A 33 -4.32 -15.69 -15.82
CA GLU A 33 -4.26 -14.23 -16.07
C GLU A 33 -4.09 -13.46 -14.76
N LYS A 34 -3.37 -12.33 -14.83
CA LYS A 34 -3.18 -11.44 -13.66
C LYS A 34 -4.49 -10.70 -13.31
N PRO A 35 -4.74 -10.44 -12.01
CA PRO A 35 -5.91 -9.66 -11.57
C PRO A 35 -5.96 -8.24 -12.21
N TYR A 36 -4.87 -7.47 -12.01
CA TYR A 36 -4.77 -6.10 -12.56
C TYR A 36 -3.47 -5.93 -13.38
N GLN A 37 -3.42 -4.88 -14.21
CA GLN A 37 -2.23 -4.58 -15.02
C GLN A 37 -2.20 -3.09 -15.42
N CYS A 38 -0.98 -2.57 -15.61
CA CYS A 38 -0.78 -1.16 -15.97
C CYS A 38 -1.25 -0.89 -17.42
N ASP A 39 -2.26 -0.02 -17.56
CA ASP A 39 -2.88 0.27 -18.87
C ASP A 39 -2.09 1.39 -19.63
N PHE A 40 -0.97 1.84 -19.04
CA PHE A 40 -0.15 2.92 -19.65
C PHE A 40 0.39 2.49 -21.04
N LYS A 41 0.70 3.49 -21.88
CA LYS A 41 1.10 3.26 -23.29
C LYS A 41 2.35 2.35 -23.38
N ASP A 42 3.31 2.57 -22.48
CA ASP A 42 4.64 1.89 -22.57
C ASP A 42 4.95 1.12 -21.26
N CYS A 43 3.92 0.51 -20.65
CA CYS A 43 4.08 -0.30 -19.44
C CYS A 43 3.14 -1.54 -19.48
N GLU A 44 3.63 -2.67 -18.95
CA GLU A 44 2.86 -3.93 -18.97
C GLU A 44 2.90 -4.64 -17.59
N ARG A 45 3.32 -3.91 -16.54
CA ARG A 45 3.43 -4.48 -15.18
C ARG A 45 2.07 -5.01 -14.68
N ARG A 46 2.12 -5.90 -13.68
CA ARG A 46 0.90 -6.60 -13.16
C ARG A 46 0.77 -6.38 -11.65
N PHE A 47 -0.47 -6.43 -11.15
CA PHE A 47 -0.77 -6.18 -9.73
C PHE A 47 -1.92 -7.08 -9.24
N SER A 48 -2.09 -7.18 -7.92
CA SER A 48 -3.11 -8.07 -7.32
C SER A 48 -4.19 -7.26 -6.56
N ARG A 49 -4.04 -5.91 -6.52
CA ARG A 49 -5.04 -5.02 -5.91
C ARG A 49 -5.09 -3.66 -6.63
N SER A 50 -6.26 -3.00 -6.56
CA SER A 50 -6.45 -1.68 -7.20
C SER A 50 -5.48 -0.62 -6.62
N ASP A 51 -5.15 -0.75 -5.33
CA ASP A 51 -4.24 0.19 -4.65
C ASP A 51 -2.84 0.14 -5.30
N GLN A 52 -2.36 -1.08 -5.56
CA GLN A 52 -1.08 -1.28 -6.24
C GLN A 52 -1.10 -0.68 -7.65
N LEU A 53 -2.23 -0.89 -8.36
CA LEU A 53 -2.40 -0.35 -9.71
C LEU A 53 -2.34 1.20 -9.68
N LYS A 54 -3.15 1.83 -8.81
CA LYS A 54 -3.23 3.31 -8.74
C LYS A 54 -1.87 3.92 -8.41
N ARG A 55 -1.25 3.48 -7.31
CA ARG A 55 0.03 4.07 -6.83
C ARG A 55 1.14 3.88 -7.89
N HIS A 56 1.04 2.80 -8.68
CA HIS A 56 1.97 2.58 -9.80
C HIS A 56 1.67 3.53 -10.97
N GLN A 57 0.39 3.62 -11.36
CA GLN A 57 -0.03 4.47 -12.50
C GLN A 57 0.32 5.96 -12.24
N ARG A 58 0.33 6.35 -10.95
CA ARG A 58 0.68 7.73 -10.55
C ARG A 58 2.13 8.08 -10.95
N ARG A 59 2.99 7.07 -11.10
CA ARG A 59 4.38 7.27 -11.57
C ARG A 59 4.40 7.76 -13.04
N HIS A 60 3.34 7.45 -13.78
CA HIS A 60 3.23 7.81 -15.19
C HIS A 60 2.45 9.13 -15.37
N THR A 61 1.29 9.25 -14.69
CA THR A 61 0.38 10.39 -14.93
C THR A 61 0.66 11.57 -13.97
N GLY A 62 1.08 11.24 -12.74
CA GLY A 62 1.29 12.26 -11.70
C GLY A 62 -0.02 12.67 -10.98
N VAL A 63 -1.07 11.84 -11.12
CA VAL A 63 -2.40 12.14 -10.52
C VAL A 63 -2.38 11.89 -8.99
N LYS A 64 -1.92 12.89 -8.23
CA LYS A 64 -1.68 12.75 -6.78
C LYS A 64 -2.45 13.81 -5.98
N PRO A 65 -3.67 13.46 -5.50
CA PRO A 65 -4.54 14.40 -4.77
C PRO A 65 -4.17 14.52 -3.27
N PHE A 66 -3.09 13.85 -2.85
CA PHE A 66 -2.65 13.88 -1.45
C PHE A 66 -1.48 14.85 -1.27
N GLN A 67 -1.72 15.92 -0.51
CA GLN A 67 -0.69 16.92 -0.23
C GLN A 67 -0.64 17.27 1.26
N CYS A 68 0.51 17.76 1.71
CA CYS A 68 0.69 18.19 3.09
C CYS A 68 -0.23 19.38 3.41
N LYS A 69 -0.53 19.55 4.70
CA LYS A 69 -1.36 20.66 5.17
C LYS A 69 -0.49 21.76 5.81
N THR A 70 0.82 21.73 5.54
CA THR A 70 1.76 22.72 6.10
C THR A 70 2.75 23.20 5.01
N CYS A 71 3.55 22.27 4.46
CA CYS A 71 4.56 22.62 3.43
C CYS A 71 4.04 22.29 1.98
N GLN A 72 2.82 21.72 1.90
CA GLN A 72 2.10 21.52 0.60
C GLN A 72 2.76 20.43 -0.29
N ARG A 73 3.77 19.71 0.25
CA ARG A 73 4.43 18.60 -0.50
C ARG A 73 3.42 17.50 -0.85
N LYS A 74 3.75 16.71 -1.88
CA LYS A 74 2.77 15.77 -2.49
C LYS A 74 3.22 14.30 -2.33
N PHE A 75 2.24 13.38 -2.22
CA PHE A 75 2.55 11.95 -1.99
C PHE A 75 1.66 11.04 -2.86
N SER A 76 2.23 9.92 -3.32
CA SER A 76 1.51 8.98 -4.22
C SER A 76 0.42 8.17 -3.48
N ARG A 77 0.45 8.19 -2.13
CA ARG A 77 -0.53 7.45 -1.29
C ARG A 77 -1.02 8.31 -0.10
N SER A 78 -2.20 7.96 0.43
CA SER A 78 -2.82 8.75 1.51
C SER A 78 -2.11 8.52 2.87
N ASP A 79 -1.62 7.29 3.10
CA ASP A 79 -0.88 6.96 4.34
C ASP A 79 0.43 7.78 4.44
N HIS A 80 1.00 8.13 3.28
CA HIS A 80 2.21 8.96 3.22
C HIS A 80 1.90 10.39 3.67
N LEU A 81 0.70 10.89 3.32
CA LEU A 81 0.24 12.20 3.77
C LEU A 81 0.25 12.29 5.29
N LYS A 82 -0.24 11.23 5.95
CA LYS A 82 -0.25 11.16 7.43
C LYS A 82 1.17 11.03 7.98
N THR A 83 1.94 10.08 7.45
CA THR A 83 3.33 9.81 7.90
C THR A 83 4.21 11.07 7.80
N HIS A 84 3.85 11.96 6.88
CA HIS A 84 4.58 13.22 6.69
C HIS A 84 4.01 14.33 7.59
N THR A 85 2.68 14.48 7.60
CA THR A 85 2.01 15.57 8.36
C THR A 85 2.42 15.54 9.84
N ARG A 86 2.52 14.33 10.40
CA ARG A 86 2.82 14.16 11.84
C ARG A 86 4.22 14.73 12.21
N THR A 87 5.09 14.90 11.21
CA THR A 87 6.43 15.48 11.42
C THR A 87 6.35 17.00 11.72
N HIS A 88 5.24 17.63 11.32
CA HIS A 88 5.02 19.08 11.60
C HIS A 88 4.23 19.29 12.91
N THR A 89 3.44 18.28 13.30
CA THR A 89 2.60 18.36 14.52
C THR A 89 3.42 18.07 15.79
N GLY A 90 4.57 17.39 15.61
CA GLY A 90 5.47 17.10 16.74
C GLY A 90 5.31 15.65 17.26
N GLU A 91 4.37 14.90 16.67
CA GLU A 91 4.15 13.50 17.05
C GLU A 91 5.24 12.58 16.44
N LYS A 92 5.66 11.57 17.22
CA LYS A 92 6.72 10.64 16.78
C LYS A 92 6.39 9.19 17.22
N PRO A 93 5.64 8.44 16.38
CA PRO A 93 5.08 7.13 16.76
C PRO A 93 6.11 5.97 16.80
N PHE A 94 7.27 6.16 16.16
CA PHE A 94 8.33 5.11 16.16
C PHE A 94 9.11 5.13 17.49
N SER A 95 10.03 4.18 17.65
CA SER A 95 10.90 4.13 18.84
C SER A 95 12.18 3.34 18.55
N CYS A 96 13.21 3.58 19.38
CA CYS A 96 14.48 2.85 19.27
C CYS A 96 14.25 1.33 19.44
N ARG A 97 14.62 0.55 18.41
CA ARG A 97 14.37 -0.91 18.40
C ARG A 97 15.20 -1.63 19.47
N TRP A 98 16.38 -1.09 19.79
CA TRP A 98 17.27 -1.68 20.79
C TRP A 98 16.64 -1.58 22.21
N PRO A 99 16.78 -2.66 23.03
CA PRO A 99 16.22 -2.71 24.38
C PRO A 99 17.05 -1.92 25.41
N SER A 100 18.29 -1.59 25.05
CA SER A 100 19.22 -0.90 25.98
C SER A 100 19.24 0.63 25.72
N CYS A 101 18.29 1.12 24.91
CA CYS A 101 18.21 2.54 24.55
C CYS A 101 16.74 3.01 24.47
N GLN A 102 16.54 4.33 24.51
CA GLN A 102 15.20 4.94 24.44
C GLN A 102 15.23 6.21 23.56
N LYS A 103 14.56 6.14 22.41
CA LYS A 103 14.38 7.32 21.51
C LYS A 103 13.05 7.21 20.78
N LYS A 104 12.61 8.34 20.18
CA LYS A 104 11.33 8.37 19.41
C LYS A 104 11.53 9.07 18.06
N PHE A 105 10.94 8.49 17.01
CA PHE A 105 11.06 9.02 15.64
C PHE A 105 9.68 8.98 14.94
N ALA A 106 9.61 9.52 13.71
CA ALA A 106 8.34 9.60 12.98
C ALA A 106 8.43 8.94 11.58
N ARG A 107 9.65 8.62 11.15
CA ARG A 107 9.87 7.82 9.93
C ARG A 107 10.95 6.75 10.18
N SER A 108 10.89 5.69 9.40
CA SER A 108 11.81 4.55 9.55
C SER A 108 13.27 4.96 9.28
N ASP A 109 13.46 5.90 8.35
CA ASP A 109 14.81 6.37 7.99
C ASP A 109 15.43 7.20 9.14
N GLU A 110 14.60 7.99 9.83
CA GLU A 110 15.03 8.72 11.04
C GLU A 110 15.49 7.73 12.12
N LEU A 111 14.74 6.63 12.28
CA LEU A 111 15.10 5.56 13.22
C LEU A 111 16.44 4.91 12.79
N VAL A 112 16.57 4.59 11.51
CA VAL A 112 17.79 3.95 10.96
C VAL A 112 19.02 4.87 11.14
N ARG A 113 18.81 6.19 11.04
CA ARG A 113 19.89 7.18 11.27
C ARG A 113 20.53 6.98 12.66
N HIS A 114 19.70 6.71 13.67
CA HIS A 114 20.17 6.45 15.03
C HIS A 114 20.68 5.00 15.17
N HIS A 115 20.02 4.06 14.48
CA HIS A 115 20.40 2.64 14.52
C HIS A 115 21.86 2.43 14.01
N ASN A 116 22.31 3.31 13.11
CA ASN A 116 23.70 3.28 12.60
C ASN A 116 24.71 3.53 13.76
N MET A 117 24.32 4.39 14.71
CA MET A 117 25.19 4.72 15.85
C MET A 117 25.37 3.51 16.80
N HIS A 118 24.33 2.69 16.91
CA HIS A 118 24.39 1.45 17.71
C HIS A 118 25.35 0.44 17.06
#